data_6R4J
#
_entry.id   6R4J
#
_cell.length_a   153.227
_cell.length_b   153.227
_cell.length_c   162.544
_cell.angle_alpha   90.00
_cell.angle_beta   90.00
_cell.angle_gamma   90.00
#
_symmetry.space_group_name_H-M   'P 41 21 2'
#
loop_
_entity.id
_entity.type
_entity.pdbx_description
1 polymer 'Glutamine--fructose-6-phosphate aminotransferase [isomerizing] 1'
2 non-polymer URIDINE-DIPHOSPHATE-N-ACETYLGLUCOSAMINE
3 non-polymer 'MAGNESIUM ION'
4 non-polymer GLUCOSE-6-PHOSPHATE
5 non-polymer 'GLUTAMIC ACID'
6 water water
#
_entity_poly.entity_id   1
_entity_poly.type   'polypeptide(L)'
_entity_poly.pdbx_seq_one_letter_code
;MCGIFAYLNYHVPRTRREILETLIKGLQRLEYRGYDSAGVGFDGGNDKDWEANACKIQLIKKKGKVKALDEEVHKQQDMD
LDIEFDVHLGIAHTRWATHGEPSPVNSHPQRSDKNNEFIVIHNGIITNYKDLKKFLESKGYDFESETDTETIAKLVKYMY
DNRESQDTSFTTLVERVIQQLEGAFALVFKSVHFPGQAVGTRRGSPLLIGVRSEHKLSTDHIPILYRTGKDKKGSCNLSR
VDSTTCLFPVEEKAVEYYFASDASAVIEHTNRVIFLEDDDVAAVVDGRLSIHRIKRTAGHHHHHHDHPGRAVQTLQMELQ
QIMKGNFSSFMQKEIFEQPESVVNTMRGRVNFDDYTVNLGGLKDHIKEIQRCRRLILIACGTSYHAGVATRQVLEELTEL
PVMVELASDFLDRNTPVFRDDVCFFLSQSGETADTLMGLRYCKERGALTVGITNTVESSISRETDCGVHINAGPEIGVAS
TKAYTSQFVSLVMFALMMCDDRISMQERRKEIMLGLKRLPDLIKEVLSMDDEIQKLATELYHQKSVLIMGRGYHYATCLE
GALKIKEITYMHSEGILAGELKHGPLALVDKLMPVIMIIMRDHTYAKCQNALQQVVARQGRPVVICDKEDTETIKNTKRT
IKVPHSVDCLQGILSVIPLQLLAFHLAVLRGYDVDFPRNLAKSVTVE
;
_entity_poly.pdbx_strand_id   A,B
#
loop_
_chem_comp.id
_chem_comp.type
_chem_comp.name
_chem_comp.formula
G6Q non-polymer GLUCOSE-6-PHOSPHATE 'C6 H13 O9 P'
MG non-polymer 'MAGNESIUM ION' 'Mg 2'
UD1 non-polymer URIDINE-DIPHOSPHATE-N-ACETYLGLUCOSAMINE 'C17 H27 N3 O17 P2'
#
# COMPACT_ATOMS: atom_id res chain seq x y z
N CYS A 2 18.26 -27.33 6.46
CA CYS A 2 18.01 -25.95 6.85
C CYS A 2 19.16 -25.41 7.70
N GLY A 3 19.63 -26.23 8.63
CA GLY A 3 20.74 -25.87 9.48
C GLY A 3 21.88 -26.87 9.42
N ILE A 4 23.09 -26.38 9.12
CA ILE A 4 24.28 -27.22 8.99
C ILE A 4 25.24 -26.85 10.11
N PHE A 5 25.85 -27.87 10.71
CA PHE A 5 26.92 -27.65 11.68
C PHE A 5 27.81 -28.89 11.72
N ALA A 6 29.12 -28.67 11.71
CA ALA A 6 30.09 -29.74 11.80
C ALA A 6 31.26 -29.28 12.64
N TYR A 7 31.77 -30.18 13.47
CA TYR A 7 32.86 -29.89 14.40
C TYR A 7 34.04 -30.81 14.07
N LEU A 8 35.18 -30.22 13.75
CA LEU A 8 36.39 -30.96 13.42
C LEU A 8 37.47 -30.58 14.41
N ASN A 9 37.80 -31.50 15.30
CA ASN A 9 38.89 -31.32 16.25
C ASN A 9 40.10 -32.09 15.73
N TYR A 10 41.20 -31.36 15.48
CA TYR A 10 42.42 -31.94 14.94
C TYR A 10 43.53 -31.81 15.98
N HIS A 11 43.93 -32.94 16.55
CA HIS A 11 44.91 -32.97 17.64
C HIS A 11 44.47 -32.11 18.81
N VAL A 12 43.16 -31.95 18.97
CA VAL A 12 42.55 -31.44 20.19
C VAL A 12 41.74 -32.58 20.77
N PRO A 13 42.29 -33.40 21.68
CA PRO A 13 41.55 -34.58 22.14
C PRO A 13 40.20 -34.23 22.72
N ARG A 14 39.18 -34.95 22.28
CA ARG A 14 37.83 -34.83 22.81
C ARG A 14 37.24 -36.24 22.94
N THR A 15 36.41 -36.41 23.97
CA THR A 15 35.69 -37.67 24.10
C THR A 15 34.48 -37.68 23.17
N ARG A 16 33.98 -38.88 22.89
CA ARG A 16 32.77 -39.00 22.09
C ARG A 16 31.62 -38.22 22.71
N ARG A 17 31.53 -38.25 24.05
CA ARG A 17 30.51 -37.45 24.72
C ARG A 17 30.67 -35.97 24.40
N GLU A 18 31.89 -35.45 24.52
CA GLU A 18 32.13 -34.04 24.26
C GLU A 18 31.86 -33.70 22.79
N ILE A 19 32.20 -34.60 21.87
CA ILE A 19 31.94 -34.34 20.46
C ILE A 19 30.43 -34.28 20.21
N LEU A 20 29.68 -35.23 20.75
CA LEU A 20 28.24 -35.25 20.53
C LEU A 20 27.57 -34.05 21.17
N GLU A 21 28.00 -33.66 22.38
CA GLU A 21 27.44 -32.48 23.01
C GLU A 21 27.68 -31.22 22.17
N THR A 22 28.82 -31.17 21.48
CA THR A 22 29.11 -30.02 20.62
C THR A 22 28.16 -29.99 19.43
N LEU A 23 27.95 -31.14 18.78
CA LEU A 23 27.04 -31.19 17.64
C LEU A 23 25.62 -30.78 18.04
N ILE A 24 25.12 -31.35 19.14
CA ILE A 24 23.77 -31.02 19.60
C ILE A 24 23.67 -29.53 19.91
N LYS A 25 24.66 -29.00 20.65
CA LYS A 25 24.63 -27.57 20.97
C LYS A 25 24.68 -26.73 19.70
N GLY A 26 25.38 -27.20 18.67
CA GLY A 26 25.38 -26.48 17.40
C GLY A 26 24.00 -26.43 16.78
N LEU A 27 23.27 -27.56 16.81
CA LEU A 27 21.92 -27.59 16.25
C LEU A 27 20.96 -26.77 17.08
N GLN A 28 21.17 -26.68 18.39
CA GLN A 28 20.32 -25.85 19.23
C GLN A 28 20.36 -24.39 18.80
N ARG A 29 21.48 -23.92 18.27
CA ARG A 29 21.58 -22.56 17.78
C ARG A 29 20.90 -22.37 16.43
N LEU A 30 20.45 -23.46 15.80
CA LEU A 30 19.82 -23.40 14.48
C LEU A 30 18.34 -23.72 14.52
N GLU A 31 17.78 -24.09 15.67
CA GLU A 31 16.38 -24.46 15.74
C GLU A 31 15.45 -23.30 15.40
N TYR A 32 15.90 -22.07 15.65
CA TYR A 32 15.01 -20.92 15.50
C TYR A 32 14.52 -20.77 14.06
N ARG A 33 15.29 -21.27 13.09
CA ARG A 33 14.88 -21.17 11.70
C ARG A 33 13.72 -22.08 11.36
N GLY A 34 13.42 -23.06 12.21
CA GLY A 34 12.35 -24.01 11.95
C GLY A 34 12.86 -25.28 11.30
N TYR A 35 12.30 -26.43 11.67
CA TYR A 35 12.75 -27.70 11.15
C TYR A 35 11.78 -28.79 11.59
N ASP A 36 11.85 -29.93 10.90
CA ASP A 36 11.01 -31.08 11.21
C ASP A 36 11.79 -32.30 11.63
N SER A 37 13.11 -32.28 11.54
CA SER A 37 13.92 -33.45 11.90
C SER A 37 15.37 -33.00 12.02
N ALA A 38 16.21 -33.91 12.51
CA ALA A 38 17.62 -33.62 12.71
C ALA A 38 18.39 -34.94 12.76
N GLY A 39 19.71 -34.82 12.67
CA GLY A 39 20.56 -35.99 12.73
C GLY A 39 22.02 -35.61 12.84
N VAL A 40 22.82 -36.58 13.28
CA VAL A 40 24.26 -36.40 13.43
C VAL A 40 24.98 -37.58 12.81
N GLY A 41 26.18 -37.31 12.29
CA GLY A 41 27.05 -38.35 11.79
C GLY A 41 28.41 -38.29 12.44
N PHE A 42 28.89 -39.43 12.96
CA PHE A 42 30.14 -39.48 13.70
C PHE A 42 30.75 -40.86 13.54
N ASP A 43 31.96 -41.03 14.07
CA ASP A 43 32.68 -42.29 13.97
C ASP A 43 32.15 -43.26 15.01
N GLY A 44 31.73 -44.44 14.55
CA GLY A 44 31.27 -45.49 15.43
C GLY A 44 32.43 -46.32 15.95
N GLY A 45 32.10 -47.47 16.51
CA GLY A 45 33.10 -48.36 17.06
C GLY A 45 33.55 -47.95 18.44
N ASN A 46 34.01 -48.93 19.23
CA ASN A 46 34.44 -48.67 20.60
C ASN A 46 35.88 -49.13 20.83
N ASP A 47 36.70 -49.05 19.80
CA ASP A 47 38.12 -49.38 19.93
C ASP A 47 38.82 -48.28 20.73
N LYS A 48 39.48 -48.66 21.82
CA LYS A 48 40.16 -47.69 22.66
C LYS A 48 41.12 -46.82 21.86
N ASP A 49 41.67 -47.37 20.77
CA ASP A 49 42.50 -46.60 19.85
C ASP A 49 41.57 -45.92 18.85
N TRP A 50 41.49 -44.60 18.90
CA TRP A 50 40.56 -43.86 18.05
C TRP A 50 40.85 -44.00 16.57
N GLU A 51 42.02 -44.50 16.20
CA GLU A 51 42.38 -44.59 14.78
C GLU A 51 41.71 -45.77 14.09
N ALA A 52 41.42 -46.84 14.83
CA ALA A 52 40.74 -48.01 14.26
C ALA A 52 39.23 -47.80 14.11
N ASN A 53 38.71 -46.62 14.45
CA ASN A 53 37.29 -46.35 14.40
C ASN A 53 36.89 -45.43 13.24
N ALA A 54 37.86 -44.87 12.50
CA ALA A 54 37.54 -43.94 11.43
C ALA A 54 36.93 -44.64 10.22
N CYS A 55 37.00 -45.96 10.13
CA CYS A 55 36.40 -46.70 9.04
C CYS A 55 34.96 -47.11 9.31
N LYS A 56 34.35 -46.56 10.36
CA LYS A 56 32.98 -46.89 10.73
C LYS A 56 32.26 -45.58 11.06
N ILE A 57 31.27 -45.22 10.26
CA ILE A 57 30.50 -44.01 10.46
C ILE A 57 29.12 -44.39 10.99
N GLN A 58 28.71 -43.76 12.07
CA GLN A 58 27.39 -43.98 12.66
C GLN A 58 26.48 -42.79 12.37
N LEU A 59 25.21 -43.08 12.13
CA LEU A 59 24.20 -42.06 11.94
C LEU A 59 23.12 -42.22 12.99
N ILE A 60 22.65 -41.10 13.53
CA ILE A 60 21.53 -41.07 14.47
C ILE A 60 20.61 -39.96 13.98
N LYS A 61 19.56 -40.33 13.27
CA LYS A 61 18.61 -39.39 12.69
C LYS A 61 17.21 -39.70 13.21
N LYS A 62 16.42 -38.65 13.43
CA LYS A 62 15.12 -38.82 14.05
C LYS A 62 14.21 -37.68 13.65
N LYS A 63 12.97 -38.01 13.29
CA LYS A 63 11.95 -36.98 13.11
C LYS A 63 11.57 -36.40 14.46
N GLY A 64 11.62 -35.08 14.57
CA GLY A 64 11.28 -34.42 15.81
C GLY A 64 12.19 -33.24 16.10
N LYS A 65 12.38 -32.96 17.39
CA LYS A 65 13.16 -31.80 17.82
C LYS A 65 14.51 -32.25 18.36
N VAL A 66 15.46 -31.33 18.35
CA VAL A 66 16.83 -31.65 18.77
C VAL A 66 16.81 -32.29 20.16
N LYS A 67 15.92 -31.82 21.03
CA LYS A 67 15.79 -32.43 22.35
C LYS A 67 15.58 -33.93 22.23
N ALA A 68 14.68 -34.35 21.33
CA ALA A 68 14.45 -35.77 21.12
C ALA A 68 15.69 -36.46 20.58
N LEU A 69 16.39 -35.81 19.64
CA LEU A 69 17.62 -36.37 19.11
C LEU A 69 18.66 -36.54 20.22
N ASP A 70 18.81 -35.53 21.07
CA ASP A 70 19.77 -35.62 22.16
C ASP A 70 19.42 -36.79 23.09
N GLU A 71 18.14 -37.03 23.30
CA GLU A 71 17.72 -38.19 24.10
C GLU A 71 18.09 -39.49 23.39
N GLU A 72 17.93 -39.53 22.07
CA GLU A 72 18.30 -40.72 21.31
C GLU A 72 19.79 -41.00 21.42
N VAL A 73 20.62 -39.96 21.37
CA VAL A 73 22.06 -40.14 21.43
C VAL A 73 22.47 -40.81 22.73
N HIS A 74 21.99 -40.28 23.85
CA HIS A 74 22.35 -40.80 25.17
C HIS A 74 21.51 -42.01 25.58
N LYS A 75 20.92 -42.72 24.63
CA LYS A 75 20.20 -43.95 24.90
C LYS A 75 20.73 -45.12 24.08
N GLN A 76 21.79 -44.92 23.31
CA GLN A 76 22.32 -45.98 22.44
C GLN A 76 23.19 -46.92 23.25
N GLN A 77 22.99 -48.22 23.04
CA GLN A 77 23.84 -49.25 23.62
C GLN A 77 24.91 -49.67 22.61
N ASP A 78 25.93 -50.34 23.12
CA ASP A 78 27.08 -50.74 22.30
C ASP A 78 27.82 -49.52 21.75
N MET A 79 27.76 -48.40 22.48
CA MET A 79 28.42 -47.17 22.09
C MET A 79 28.98 -46.51 23.35
N ASP A 80 30.29 -46.62 23.53
CA ASP A 80 30.97 -46.07 24.69
C ASP A 80 31.33 -44.61 24.41
N LEU A 81 30.86 -43.71 25.27
CA LEU A 81 31.05 -42.28 25.07
C LEU A 81 32.38 -41.77 25.58
N ASP A 82 33.15 -42.60 26.29
CA ASP A 82 34.39 -42.15 26.91
C ASP A 82 35.61 -42.27 25.99
N ILE A 83 35.47 -42.86 24.82
CA ILE A 83 36.61 -42.99 23.92
C ILE A 83 37.10 -41.60 23.54
N GLU A 84 38.41 -41.41 23.58
CA GLU A 84 39.04 -40.13 23.31
C GLU A 84 39.54 -40.12 21.87
N PHE A 85 39.09 -39.14 21.09
CA PHE A 85 39.50 -38.94 19.71
C PHE A 85 40.45 -37.76 19.64
N ASP A 86 41.71 -38.01 19.25
CA ASP A 86 42.61 -36.91 18.98
C ASP A 86 42.24 -36.18 17.69
N VAL A 87 41.68 -36.91 16.73
CA VAL A 87 41.19 -36.35 15.47
C VAL A 87 39.81 -36.93 15.21
N HIS A 88 38.88 -36.06 14.81
CA HIS A 88 37.53 -36.52 14.52
C HIS A 88 36.77 -35.44 13.78
N LEU A 89 35.84 -35.87 12.93
CA LEU A 89 34.91 -34.99 12.22
C LEU A 89 33.49 -35.45 12.52
N GLY A 90 32.71 -34.59 13.13
CA GLY A 90 31.29 -34.85 13.36
C GLY A 90 30.46 -33.81 12.63
N ILE A 91 29.39 -34.27 11.98
CA ILE A 91 28.50 -33.39 11.24
C ILE A 91 27.09 -33.55 11.78
N ALA A 92 26.31 -32.48 11.68
CA ALA A 92 24.96 -32.45 12.21
C ALA A 92 24.10 -31.60 11.29
N HIS A 93 22.78 -31.82 11.38
CA HIS A 93 21.86 -31.18 10.44
C HIS A 93 20.48 -31.04 11.07
N THR A 94 19.81 -29.94 10.75
CA THR A 94 18.38 -29.76 10.96
C THR A 94 17.73 -29.59 9.59
N ARG A 95 16.63 -30.31 9.37
CA ARG A 95 16.05 -30.42 8.05
C ARG A 95 14.70 -29.71 7.99
N TRP A 96 14.49 -28.95 6.92
CA TRP A 96 13.17 -28.43 6.55
C TRP A 96 12.77 -29.13 5.26
N ALA A 97 11.90 -30.12 5.37
CA ALA A 97 11.65 -31.05 4.28
C ALA A 97 11.10 -30.34 3.05
N THR A 98 11.65 -30.68 1.89
CA THR A 98 11.14 -30.24 0.59
C THR A 98 10.84 -31.40 -0.33
N HIS A 99 11.71 -32.41 -0.37
CA HIS A 99 11.51 -33.62 -1.15
C HIS A 99 11.46 -34.80 -0.19
N GLY A 100 10.28 -35.37 -0.02
CA GLY A 100 10.10 -36.50 0.88
C GLY A 100 9.54 -36.06 2.23
N GLU A 101 8.73 -36.94 2.83
CA GLU A 101 8.11 -36.62 4.11
C GLU A 101 9.13 -36.71 5.24
N PRO A 102 8.92 -35.96 6.33
CA PRO A 102 9.83 -36.09 7.48
C PRO A 102 9.84 -37.51 8.01
N SER A 103 11.01 -38.13 7.99
CA SER A 103 11.19 -39.48 8.49
C SER A 103 12.68 -39.71 8.73
N PRO A 104 13.04 -40.75 9.49
CA PRO A 104 14.47 -41.03 9.70
C PRO A 104 15.24 -41.23 8.40
N VAL A 105 14.68 -41.96 7.45
CA VAL A 105 15.41 -42.24 6.21
C VAL A 105 15.60 -40.95 5.40
N ASN A 106 14.60 -40.06 5.43
CA ASN A 106 14.69 -38.80 4.71
C ASN A 106 15.49 -37.75 5.47
N SER A 107 15.72 -37.96 6.77
CA SER A 107 16.52 -37.03 7.54
C SER A 107 17.99 -37.10 7.11
N HIS A 108 18.73 -36.05 7.42
CA HIS A 108 20.15 -36.00 7.13
C HIS A 108 20.95 -36.40 8.37
N PRO A 109 22.21 -36.84 8.20
CA PRO A 109 22.95 -36.98 6.95
C PRO A 109 22.45 -38.12 6.05
N GLN A 110 22.46 -37.90 4.74
CA GLN A 110 22.20 -38.96 3.77
C GLN A 110 23.49 -39.69 3.47
N ARG A 111 23.37 -41.00 3.23
CA ARG A 111 24.51 -41.88 3.05
C ARG A 111 24.58 -42.40 1.63
N SER A 112 25.77 -42.86 1.24
CA SER A 112 26.00 -43.35 -0.11
C SER A 112 25.73 -44.84 -0.26
N ASP A 113 25.65 -45.58 0.84
CA ASP A 113 25.44 -47.02 0.79
C ASP A 113 25.15 -47.50 2.21
N LYS A 114 24.86 -48.80 2.33
CA LYS A 114 24.51 -49.38 3.62
C LYS A 114 25.67 -49.40 4.61
N ASN A 115 26.88 -49.08 4.17
CA ASN A 115 28.05 -49.05 5.05
C ASN A 115 28.54 -47.64 5.33
N ASN A 116 27.84 -46.61 4.85
CA ASN A 116 28.17 -45.22 5.17
C ASN A 116 29.60 -44.88 4.74
N GLU A 117 29.93 -45.21 3.49
CA GLU A 117 31.23 -44.81 2.96
C GLU A 117 31.31 -43.30 2.77
N PHE A 118 30.20 -42.67 2.41
CA PHE A 118 30.11 -41.22 2.28
C PHE A 118 28.80 -40.75 2.88
N ILE A 119 28.84 -39.68 3.68
CA ILE A 119 27.65 -39.06 4.22
C ILE A 119 27.74 -37.56 3.97
N VAL A 120 26.57 -36.93 3.82
CA VAL A 120 26.50 -35.52 3.47
C VAL A 120 25.30 -34.90 4.16
N ILE A 121 25.42 -33.61 4.48
CA ILE A 121 24.32 -32.79 4.97
C ILE A 121 24.12 -31.64 4.01
N HIS A 122 22.86 -31.31 3.73
CA HIS A 122 22.53 -30.44 2.61
C HIS A 122 21.45 -29.45 3.00
N ASN A 123 21.66 -28.19 2.64
CA ASN A 123 20.64 -27.15 2.72
C ASN A 123 20.35 -26.67 1.29
N GLY A 124 19.09 -26.81 0.87
CA GLY A 124 18.69 -26.32 -0.43
C GLY A 124 17.95 -27.39 -1.21
N ILE A 125 17.93 -27.22 -2.53
CA ILE A 125 17.22 -28.12 -3.43
C ILE A 125 18.10 -28.37 -4.66
N ILE A 126 18.17 -29.63 -5.07
CA ILE A 126 18.84 -30.02 -6.30
C ILE A 126 17.74 -30.16 -7.35
N THR A 127 17.64 -29.17 -8.23
CA THR A 127 16.53 -29.11 -9.19
C THR A 127 16.57 -30.25 -10.20
N ASN A 128 17.74 -30.85 -10.44
CA ASN A 128 17.89 -31.91 -11.42
C ASN A 128 18.09 -33.28 -10.77
N TYR A 129 17.61 -33.44 -9.54
CA TYR A 129 17.80 -34.71 -8.85
C TYR A 129 17.09 -35.86 -9.55
N LYS A 130 16.05 -35.56 -10.34
CA LYS A 130 15.39 -36.59 -11.13
C LYS A 130 16.36 -37.26 -12.08
N ASP A 131 16.99 -36.46 -12.95
CA ASP A 131 17.96 -37.01 -13.90
C ASP A 131 19.09 -37.72 -13.19
N LEU A 132 19.61 -37.13 -12.12
CA LEU A 132 20.72 -37.74 -11.39
C LEU A 132 20.30 -39.07 -10.79
N LYS A 133 19.12 -39.12 -10.16
CA LYS A 133 18.66 -40.38 -9.57
C LYS A 133 18.51 -41.46 -10.63
N LYS A 134 17.98 -41.11 -11.80
CA LYS A 134 17.86 -42.08 -12.87
C LYS A 134 19.22 -42.59 -13.31
N PHE A 135 20.16 -41.69 -13.58
CA PHE A 135 21.49 -42.09 -14.03
C PHE A 135 22.14 -43.05 -13.04
N LEU A 136 22.16 -42.68 -11.76
CA LEU A 136 22.78 -43.54 -10.76
C LEU A 136 22.10 -44.89 -10.68
N GLU A 137 20.77 -44.92 -10.72
CA GLU A 137 20.05 -46.19 -10.67
C GLU A 137 20.44 -47.09 -11.83
N SER A 138 20.63 -46.50 -13.02
CA SER A 138 21.08 -47.29 -14.16
C SER A 138 22.49 -47.84 -13.98
N LYS A 139 23.29 -47.20 -13.14
CA LYS A 139 24.64 -47.67 -12.86
C LYS A 139 24.71 -48.59 -11.64
N GLY A 140 23.57 -49.01 -11.11
CA GLY A 140 23.52 -49.99 -10.05
C GLY A 140 23.44 -49.45 -8.64
N TYR A 141 23.08 -48.19 -8.47
CA TYR A 141 22.97 -47.58 -7.15
C TYR A 141 21.51 -47.56 -6.72
N ASP A 142 21.23 -48.12 -5.56
CA ASP A 142 19.87 -48.23 -5.04
C ASP A 142 19.62 -47.13 -4.01
N PHE A 143 18.49 -46.45 -4.15
CA PHE A 143 18.10 -45.37 -3.25
C PHE A 143 17.12 -45.90 -2.21
N GLU A 144 17.08 -45.22 -1.06
CA GLU A 144 16.19 -45.59 0.03
C GLU A 144 15.31 -44.45 0.51
N SER A 145 15.61 -43.20 0.17
CA SER A 145 14.86 -42.04 0.62
C SER A 145 14.18 -41.37 -0.57
N GLU A 146 13.27 -40.46 -0.25
CA GLU A 146 12.58 -39.65 -1.26
C GLU A 146 13.17 -38.24 -1.36
N THR A 147 14.39 -38.04 -0.87
CA THR A 147 15.00 -36.73 -0.83
C THR A 147 15.92 -36.52 -2.02
N ASP A 148 16.01 -35.28 -2.48
CA ASP A 148 16.99 -34.91 -3.49
C ASP A 148 18.41 -35.00 -2.95
N THR A 149 18.58 -34.96 -1.62
CA THR A 149 19.91 -34.99 -1.03
C THR A 149 20.61 -36.32 -1.30
N GLU A 150 19.86 -37.42 -1.28
CA GLU A 150 20.48 -38.74 -1.40
C GLU A 150 21.23 -38.89 -2.72
N THR A 151 20.80 -38.17 -3.76
CA THR A 151 21.51 -38.24 -5.03
C THR A 151 22.93 -37.69 -4.89
N ILE A 152 23.15 -36.78 -3.95
CA ILE A 152 24.49 -36.23 -3.73
C ILE A 152 25.38 -37.28 -3.10
N ALA A 153 24.88 -37.96 -2.07
CA ALA A 153 25.67 -38.99 -1.41
C ALA A 153 25.98 -40.14 -2.35
N LYS A 154 25.00 -40.54 -3.17
CA LYS A 154 25.24 -41.61 -4.12
C LYS A 154 26.20 -41.17 -5.22
N LEU A 155 26.13 -39.90 -5.62
CA LEU A 155 26.93 -39.43 -6.75
C LEU A 155 28.40 -39.32 -6.38
N VAL A 156 28.70 -38.88 -5.16
CA VAL A 156 30.10 -38.75 -4.75
C VAL A 156 30.76 -40.13 -4.69
N LYS A 157 30.00 -41.17 -4.34
CA LYS A 157 30.54 -42.52 -4.35
C LYS A 157 30.75 -43.01 -5.77
N TYR A 158 29.84 -42.65 -6.68
CA TYR A 158 30.04 -42.97 -8.10
C TYR A 158 31.35 -42.39 -8.60
N MET A 159 31.62 -41.12 -8.28
CA MET A 159 32.90 -40.52 -8.66
C MET A 159 34.06 -41.23 -7.99
N TYR A 160 33.87 -41.72 -6.77
CA TYR A 160 34.94 -42.45 -6.08
C TYR A 160 35.16 -43.82 -6.71
N ASP A 161 34.07 -44.55 -7.00
CA ASP A 161 34.21 -45.88 -7.58
C ASP A 161 34.87 -45.81 -8.95
N ASN A 162 34.75 -44.69 -9.65
CA ASN A 162 35.27 -44.53 -11.00
C ASN A 162 36.45 -43.55 -11.05
N ARG A 163 37.19 -43.43 -9.96
CA ARG A 163 38.33 -42.53 -9.94
C ARG A 163 39.48 -43.12 -10.75
N GLU A 164 40.26 -42.23 -11.37
CA GLU A 164 41.32 -42.65 -12.28
C GLU A 164 42.56 -43.12 -11.50
N SER A 165 42.93 -42.41 -10.45
CA SER A 165 44.11 -42.74 -9.67
C SER A 165 43.70 -43.15 -8.26
N GLN A 166 44.60 -43.88 -7.59
CA GLN A 166 44.31 -44.41 -6.27
C GLN A 166 44.30 -43.33 -5.20
N ASP A 167 44.81 -42.14 -5.48
CA ASP A 167 44.94 -41.09 -4.48
C ASP A 167 44.28 -39.79 -4.95
N THR A 168 43.14 -39.91 -5.63
CA THR A 168 42.38 -38.71 -5.99
C THR A 168 41.83 -38.07 -4.72
N SER A 169 42.01 -36.76 -4.59
CA SER A 169 41.66 -36.07 -3.37
C SER A 169 40.15 -36.02 -3.16
N PHE A 170 39.77 -35.86 -1.90
CA PHE A 170 38.36 -35.67 -1.58
C PHE A 170 37.78 -34.48 -2.33
N THR A 171 38.58 -33.40 -2.44
CA THR A 171 38.15 -32.23 -3.19
C THR A 171 37.80 -32.59 -4.63
N THR A 172 38.69 -33.34 -5.30
CA THR A 172 38.44 -33.74 -6.68
C THR A 172 37.06 -34.38 -6.81
N LEU A 173 36.73 -35.30 -5.90
CA LEU A 173 35.44 -35.98 -5.97
C LEU A 173 34.30 -34.98 -5.83
N VAL A 174 34.36 -34.12 -4.82
CA VAL A 174 33.31 -33.14 -4.61
C VAL A 174 33.24 -32.17 -5.79
N GLU A 175 34.39 -31.82 -6.36
CA GLU A 175 34.40 -30.95 -7.53
C GLU A 175 33.58 -31.58 -8.66
N ARG A 176 33.77 -32.87 -8.91
CA ARG A 176 33.04 -33.54 -9.98
C ARG A 176 31.56 -33.71 -9.65
N VAL A 177 31.20 -33.70 -8.36
CA VAL A 177 29.80 -33.80 -7.98
C VAL A 177 29.07 -32.51 -8.30
N ILE A 178 29.57 -31.38 -7.79
CA ILE A 178 28.89 -30.10 -7.97
C ILE A 178 28.83 -29.71 -9.44
N GLN A 179 29.77 -30.21 -10.26
CA GLN A 179 29.69 -29.96 -11.69
C GLN A 179 28.42 -30.56 -12.28
N GLN A 180 27.90 -31.64 -11.68
CA GLN A 180 26.70 -32.31 -12.14
C GLN A 180 25.45 -31.87 -11.38
N LEU A 181 25.59 -31.10 -10.31
CA LEU A 181 24.44 -30.64 -9.54
C LEU A 181 23.90 -29.34 -10.12
N GLU A 182 22.59 -29.16 -9.98
CA GLU A 182 21.92 -27.93 -10.40
C GLU A 182 21.00 -27.48 -9.29
N GLY A 183 20.92 -26.16 -9.08
CA GLY A 183 20.08 -25.58 -8.06
C GLY A 183 20.90 -24.85 -7.01
N ALA A 184 20.40 -24.88 -5.78
CA ALA A 184 21.06 -24.23 -4.65
C ALA A 184 21.41 -25.29 -3.61
N PHE A 185 22.57 -25.15 -3.00
CA PHE A 185 23.00 -26.14 -2.01
C PHE A 185 24.09 -25.56 -1.13
N ALA A 186 24.11 -26.01 0.12
CA ALA A 186 25.26 -25.89 1.01
C ALA A 186 25.55 -27.28 1.54
N LEU A 187 26.76 -27.77 1.30
CA LEU A 187 27.09 -29.17 1.51
C LEU A 187 28.31 -29.32 2.41
N VAL A 188 28.29 -30.38 3.22
CA VAL A 188 29.44 -30.80 4.01
C VAL A 188 29.55 -32.31 3.86
N PHE A 189 30.71 -32.80 3.41
CA PHE A 189 30.92 -34.21 3.14
C PHE A 189 31.82 -34.83 4.21
N LYS A 190 31.58 -36.12 4.46
CA LYS A 190 32.44 -36.93 5.32
C LYS A 190 32.52 -38.33 4.74
N SER A 191 33.70 -38.94 4.82
CA SER A 191 33.93 -40.24 4.19
C SER A 191 34.89 -41.06 5.03
N VAL A 192 34.69 -42.39 5.00
CA VAL A 192 35.61 -43.29 5.66
C VAL A 192 36.93 -43.37 4.91
N HIS A 193 36.91 -43.10 3.61
CA HIS A 193 38.13 -43.16 2.79
C HIS A 193 39.02 -41.94 2.99
N PHE A 194 38.52 -40.87 3.60
CA PHE A 194 39.30 -39.68 3.91
C PHE A 194 39.11 -39.36 5.39
N PRO A 195 39.62 -40.23 6.26
CA PRO A 195 39.33 -40.08 7.70
C PRO A 195 39.81 -38.74 8.24
N GLY A 196 38.94 -38.12 9.05
CA GLY A 196 39.23 -36.83 9.64
C GLY A 196 39.14 -35.66 8.69
N GLN A 197 38.95 -35.89 7.40
CA GLN A 197 38.90 -34.81 6.42
C GLN A 197 37.46 -34.35 6.23
N ALA A 198 37.32 -33.05 5.97
CA ALA A 198 36.03 -32.43 5.69
C ALA A 198 36.13 -31.66 4.39
N VAL A 199 35.02 -31.60 3.67
CA VAL A 199 34.90 -30.80 2.45
C VAL A 199 33.59 -30.03 2.52
N GLY A 200 33.65 -28.75 2.21
CA GLY A 200 32.46 -27.90 2.19
C GLY A 200 32.41 -27.09 0.92
N THR A 201 31.20 -26.96 0.37
CA THR A 201 31.00 -26.18 -0.84
C THR A 201 29.58 -25.63 -0.82
N ARG A 202 29.36 -24.55 -1.57
CA ARG A 202 28.06 -23.91 -1.62
C ARG A 202 27.79 -23.38 -3.02
N ARG A 203 26.50 -23.13 -3.29
CA ARG A 203 26.08 -22.42 -4.49
C ARG A 203 24.71 -21.84 -4.17
N GLY A 204 24.68 -20.54 -3.88
CA GLY A 204 23.44 -19.89 -3.52
C GLY A 204 22.89 -20.28 -2.17
N SER A 205 23.75 -20.65 -1.24
CA SER A 205 23.31 -21.02 0.11
C SER A 205 24.46 -20.72 1.06
N PRO A 206 24.22 -20.03 2.19
CA PRO A 206 25.33 -19.63 3.05
C PRO A 206 26.07 -20.82 3.64
N LEU A 207 27.39 -20.68 3.77
CA LEU A 207 28.23 -21.66 4.44
C LEU A 207 29.52 -20.98 4.85
N LEU A 208 29.91 -21.17 6.11
CA LEU A 208 31.10 -20.52 6.65
C LEU A 208 31.85 -21.50 7.53
N ILE A 209 33.07 -21.12 7.90
CA ILE A 209 33.96 -21.97 8.68
C ILE A 209 34.60 -21.14 9.77
N GLY A 210 34.35 -21.51 11.03
CA GLY A 210 35.07 -20.92 12.14
C GLY A 210 36.32 -21.73 12.46
N VAL A 211 37.34 -21.04 12.97
CA VAL A 211 38.61 -21.65 13.31
C VAL A 211 39.04 -21.18 14.69
N ARG A 212 39.62 -22.11 15.47
CA ARG A 212 40.15 -21.78 16.78
C ARG A 212 41.42 -22.58 17.02
N SER A 213 42.39 -21.95 17.66
CA SER A 213 43.64 -22.61 18.02
C SER A 213 44.43 -21.70 18.94
N GLU A 214 45.02 -22.28 19.98
CA GLU A 214 45.89 -21.52 20.85
C GLU A 214 47.20 -21.12 20.16
N HIS A 215 47.47 -21.68 18.98
CA HIS A 215 48.70 -21.41 18.26
C HIS A 215 48.46 -20.38 17.15
N LYS A 216 49.55 -19.76 16.71
CA LYS A 216 49.47 -18.76 15.66
C LYS A 216 49.03 -19.40 14.35
N LEU A 217 48.06 -18.79 13.69
CA LEU A 217 47.60 -19.28 12.40
C LEU A 217 48.50 -18.77 11.28
N SER A 218 48.59 -19.56 10.21
CA SER A 218 49.52 -19.26 9.14
C SER A 218 49.14 -18.01 8.36
N THR A 219 47.85 -17.67 8.34
CA THR A 219 47.41 -16.52 7.54
C THR A 219 46.02 -16.10 7.99
N ASP A 220 45.66 -14.88 7.61
CA ASP A 220 44.29 -14.37 7.77
C ASP A 220 43.62 -14.13 6.41
N HIS A 221 44.21 -14.64 5.33
CA HIS A 221 43.64 -14.49 3.99
C HIS A 221 44.04 -15.73 3.20
N ILE A 222 43.10 -16.66 3.06
CA ILE A 222 43.39 -17.95 2.43
C ILE A 222 43.37 -17.78 0.91
N PRO A 223 44.50 -17.96 0.23
CA PRO A 223 44.47 -17.85 -1.24
C PRO A 223 43.73 -19.03 -1.87
N ILE A 224 43.23 -18.79 -3.07
CA ILE A 224 42.45 -19.78 -3.80
C ILE A 224 43.38 -20.57 -4.71
N LEU A 225 43.05 -21.84 -4.90
CA LEU A 225 43.80 -22.75 -5.74
C LEU A 225 42.90 -23.27 -6.86
N TYR A 226 43.46 -23.38 -8.07
CA TYR A 226 42.71 -23.80 -9.24
C TYR A 226 43.29 -25.11 -9.79
N ARG A 227 42.42 -25.91 -10.38
CA ARG A 227 42.82 -27.20 -10.95
C ARG A 227 43.46 -27.01 -12.31
N THR A 244 51.25 -20.07 3.88
CA THR A 244 51.41 -19.36 2.62
C THR A 244 50.31 -19.74 1.63
N THR A 245 49.99 -21.03 1.57
CA THR A 245 49.01 -21.57 0.64
C THR A 245 47.70 -21.96 1.29
N CYS A 246 47.71 -22.30 2.57
CA CYS A 246 46.51 -22.73 3.27
C CYS A 246 46.56 -22.23 4.70
N LEU A 247 45.48 -22.47 5.43
CA LEU A 247 45.35 -22.04 6.81
C LEU A 247 45.68 -23.20 7.74
N PHE A 248 46.52 -22.95 8.74
CA PHE A 248 46.91 -23.98 9.69
C PHE A 248 47.72 -23.39 10.84
N PRO A 249 47.71 -24.04 12.01
CA PRO A 249 48.61 -23.60 13.08
C PRO A 249 50.06 -23.89 12.72
N VAL A 250 50.94 -22.94 13.03
CA VAL A 250 52.31 -22.98 12.54
C VAL A 250 53.11 -24.08 13.23
N GLU A 251 53.50 -23.84 14.48
CA GLU A 251 54.46 -24.72 15.15
C GLU A 251 53.84 -25.97 15.74
N GLU A 252 52.52 -26.07 15.80
CA GLU A 252 51.85 -27.24 16.34
C GLU A 252 50.63 -27.55 15.48
N LYS A 253 50.05 -28.73 15.72
CA LYS A 253 48.95 -29.23 14.91
C LYS A 253 47.57 -28.87 15.47
N ALA A 254 47.48 -28.55 16.76
CA ALA A 254 46.19 -28.37 17.40
C ALA A 254 45.39 -27.27 16.70
N VAL A 255 44.15 -27.59 16.34
CA VAL A 255 43.25 -26.64 15.69
C VAL A 255 41.85 -27.23 15.67
N GLU A 256 40.84 -26.36 15.69
CA GLU A 256 39.44 -26.76 15.63
C GLU A 256 38.74 -25.98 14.54
N TYR A 257 37.90 -26.67 13.76
CA TYR A 257 37.13 -26.06 12.69
C TYR A 257 35.64 -26.24 12.95
N TYR A 258 34.85 -25.24 12.56
CA TYR A 258 33.40 -25.24 12.76
C TYR A 258 32.74 -24.87 11.44
N PHE A 259 32.36 -25.86 10.65
CA PHE A 259 31.53 -25.60 9.49
C PHE A 259 30.11 -25.30 9.93
N ALA A 260 29.52 -24.27 9.34
CA ALA A 260 28.16 -23.91 9.71
C ALA A 260 27.52 -23.09 8.59
N SER A 261 26.20 -23.16 8.51
CA SER A 261 25.42 -22.32 7.62
C SER A 261 24.95 -21.04 8.28
N ASP A 262 25.23 -20.87 9.57
CA ASP A 262 24.82 -19.69 10.32
C ASP A 262 25.83 -19.46 11.42
N ALA A 263 26.34 -18.23 11.52
CA ALA A 263 27.35 -17.91 12.52
C ALA A 263 26.84 -18.14 13.94
N SER A 264 25.53 -18.22 14.13
CA SER A 264 24.97 -18.43 15.47
C SER A 264 25.51 -19.70 16.10
N ALA A 265 25.79 -20.74 15.30
CA ALA A 265 26.30 -22.00 15.82
C ALA A 265 27.80 -21.98 16.07
N VAL A 266 28.50 -20.93 15.62
CA VAL A 266 29.95 -20.85 15.74
C VAL A 266 30.39 -19.85 16.81
N ILE A 267 29.61 -18.79 17.06
CA ILE A 267 30.15 -17.63 17.75
C ILE A 267 30.55 -17.94 19.19
N GLU A 268 29.90 -18.91 19.82
CA GLU A 268 30.27 -19.26 21.19
C GLU A 268 31.62 -19.93 21.26
N HIS A 269 32.10 -20.50 20.15
CA HIS A 269 33.41 -21.15 20.12
C HIS A 269 34.49 -20.20 19.61
N THR A 270 34.18 -19.40 18.59
CA THR A 270 35.16 -18.51 18.00
C THR A 270 34.44 -17.41 17.24
N ASN A 271 35.16 -16.30 17.03
CA ASN A 271 34.70 -15.21 16.19
C ASN A 271 35.55 -15.05 14.94
N ARG A 272 36.49 -15.96 14.69
CA ARG A 272 37.30 -15.95 13.48
C ARG A 272 36.67 -16.93 12.49
N VAL A 273 36.08 -16.40 11.42
CA VAL A 273 35.31 -17.20 10.48
C VAL A 273 35.73 -16.87 9.06
N ILE A 274 35.61 -17.86 8.18
CA ILE A 274 35.81 -17.68 6.75
C ILE A 274 34.46 -17.90 6.07
N PHE A 275 34.01 -16.92 5.30
CA PHE A 275 32.76 -17.02 4.55
C PHE A 275 33.06 -17.52 3.14
N LEU A 276 32.44 -18.62 2.76
CA LEU A 276 32.65 -19.18 1.43
C LEU A 276 31.77 -18.48 0.40
N GLU A 277 32.15 -18.63 -0.86
CA GLU A 277 31.41 -18.07 -1.99
C GLU A 277 31.09 -19.20 -2.97
N ASP A 278 30.15 -18.91 -3.88
CA ASP A 278 29.67 -19.92 -4.81
C ASP A 278 30.82 -20.62 -5.52
N ASP A 279 30.76 -21.94 -5.55
CA ASP A 279 31.69 -22.83 -6.25
C ASP A 279 33.02 -22.99 -5.51
N ASP A 280 33.20 -22.33 -4.36
CA ASP A 280 34.36 -22.64 -3.52
C ASP A 280 34.23 -24.06 -2.98
N VAL A 281 35.34 -24.78 -2.99
CA VAL A 281 35.41 -26.11 -2.40
C VAL A 281 36.48 -26.04 -1.31
N ALA A 282 36.03 -25.91 -0.05
CA ALA A 282 36.93 -25.83 1.09
C ALA A 282 37.16 -27.23 1.65
N ALA A 283 38.41 -27.56 1.92
CA ALA A 283 38.78 -28.88 2.42
C ALA A 283 39.74 -28.76 3.58
N VAL A 284 39.60 -29.65 4.55
CA VAL A 284 40.52 -29.77 5.68
C VAL A 284 41.22 -31.11 5.52
N VAL A 285 42.52 -31.06 5.18
CA VAL A 285 43.34 -32.25 5.01
C VAL A 285 44.57 -32.11 5.90
N ASP A 286 44.80 -33.09 6.76
CA ASP A 286 45.88 -33.03 7.74
C ASP A 286 45.79 -31.76 8.58
N GLY A 287 44.56 -31.43 8.99
CA GLY A 287 44.33 -30.29 9.86
C GLY A 287 44.55 -28.93 9.22
N ARG A 288 44.69 -28.88 7.89
CA ARG A 288 44.97 -27.63 7.19
C ARG A 288 43.83 -27.33 6.23
N LEU A 289 43.34 -26.09 6.27
CA LEU A 289 42.19 -25.68 5.49
C LEU A 289 42.65 -24.99 4.22
N SER A 290 42.19 -25.50 3.07
CA SER A 290 42.46 -24.87 1.78
C SER A 290 41.13 -24.67 1.05
N ILE A 291 41.16 -23.82 0.03
CA ILE A 291 39.96 -23.47 -0.73
C ILE A 291 40.31 -23.56 -2.21
N HIS A 292 39.53 -24.35 -2.96
CA HIS A 292 39.80 -24.63 -4.35
C HIS A 292 38.66 -24.15 -5.23
N ARG A 293 39.00 -23.75 -6.45
CA ARG A 293 38.02 -23.35 -7.45
C ARG A 293 38.35 -24.06 -8.77
N ILE A 294 37.39 -24.01 -9.70
CA ILE A 294 37.50 -24.75 -10.95
C ILE A 294 37.67 -26.24 -10.64
N HIS A 307 46.51 -12.22 -5.54
CA HIS A 307 45.54 -13.16 -6.08
C HIS A 307 44.29 -13.20 -5.21
N PRO A 308 43.18 -13.67 -5.76
CA PRO A 308 41.93 -13.73 -4.98
C PRO A 308 42.01 -14.76 -3.88
N GLY A 309 41.44 -14.42 -2.72
CA GLY A 309 41.43 -15.30 -1.57
C GLY A 309 40.26 -14.99 -0.67
N ARG A 310 40.12 -15.80 0.37
CA ARG A 310 39.05 -15.65 1.34
C ARG A 310 39.63 -15.20 2.67
N ALA A 311 39.04 -14.15 3.24
CA ALA A 311 39.57 -13.53 4.44
C ALA A 311 39.10 -14.25 5.69
N VAL A 312 40.00 -14.35 6.67
CA VAL A 312 39.63 -14.76 8.02
C VAL A 312 39.28 -13.49 8.77
N GLN A 313 37.98 -13.24 8.94
CA GLN A 313 37.52 -12.00 9.53
C GLN A 313 36.96 -12.25 10.93
N THR A 314 36.88 -11.17 11.70
CA THR A 314 36.37 -11.21 13.07
C THR A 314 34.91 -10.79 13.05
N LEU A 315 34.03 -11.67 13.53
CA LEU A 315 32.62 -11.33 13.63
C LEU A 315 32.37 -10.54 14.91
N GLN A 316 31.70 -9.41 14.78
CA GLN A 316 31.24 -8.64 15.94
C GLN A 316 29.88 -9.19 16.34
N MET A 317 29.92 -10.33 17.01
CA MET A 317 28.71 -11.04 17.41
C MET A 317 29.00 -11.80 18.70
N GLU A 318 28.03 -11.81 19.61
CA GLU A 318 28.18 -12.46 20.89
C GLU A 318 27.02 -13.42 21.13
N LEU A 319 27.30 -14.47 21.91
CA LEU A 319 26.28 -15.48 22.18
C LEU A 319 25.04 -14.85 22.79
N GLN A 320 25.21 -13.84 23.66
CA GLN A 320 24.08 -13.26 24.36
C GLN A 320 23.09 -12.60 23.40
N GLN A 321 23.50 -12.32 22.17
CA GLN A 321 22.62 -11.71 21.19
C GLN A 321 21.64 -12.71 20.58
N ILE A 322 21.90 -14.02 20.72
CA ILE A 322 21.03 -15.05 20.19
C ILE A 322 20.41 -15.89 21.29
N MET A 323 20.47 -15.42 22.54
CA MET A 323 19.86 -16.09 23.67
C MET A 323 18.74 -15.23 24.24
N LYS A 324 17.73 -15.88 24.82
CA LYS A 324 16.58 -15.15 25.35
C LYS A 324 16.91 -14.43 26.64
N GLY A 325 17.78 -15.00 27.46
CA GLY A 325 18.08 -14.38 28.75
C GLY A 325 16.88 -14.47 29.67
N ASN A 326 16.55 -13.35 30.31
CA ASN A 326 15.42 -13.30 31.23
C ASN A 326 14.08 -13.09 30.52
N PHE A 327 14.08 -12.97 29.20
CA PHE A 327 12.85 -12.82 28.45
C PHE A 327 12.24 -14.18 28.15
N SER A 328 10.91 -14.21 28.01
CA SER A 328 10.20 -15.45 27.74
C SER A 328 10.15 -15.81 26.27
N SER A 329 10.55 -14.90 25.38
CA SER A 329 10.55 -15.18 23.95
C SER A 329 11.50 -14.21 23.26
N PHE A 330 11.91 -14.57 22.05
CA PHE A 330 12.78 -13.70 21.28
C PHE A 330 12.04 -12.46 20.78
N MET A 331 10.73 -12.56 20.56
CA MET A 331 9.96 -11.39 20.16
C MET A 331 9.97 -10.33 21.25
N GLN A 332 9.68 -10.74 22.48
CA GLN A 332 9.71 -9.80 23.60
C GLN A 332 11.09 -9.19 23.76
N LYS A 333 12.13 -10.01 23.68
CA LYS A 333 13.50 -9.52 23.85
C LYS A 333 13.83 -8.48 22.79
N GLU A 334 13.57 -8.79 21.53
CA GLU A 334 13.97 -7.90 20.44
C GLU A 334 13.12 -6.63 20.39
N ILE A 335 11.90 -6.66 20.95
CA ILE A 335 11.13 -5.43 21.10
C ILE A 335 11.69 -4.57 22.23
N PHE A 336 11.89 -5.16 23.41
CA PHE A 336 12.28 -4.41 24.59
C PHE A 336 13.74 -3.96 24.55
N GLU A 337 14.58 -4.63 23.76
CA GLU A 337 15.97 -4.22 23.62
C GLU A 337 16.19 -3.21 22.50
N GLN A 338 15.11 -2.60 22.00
CA GLN A 338 15.22 -1.64 20.90
C GLN A 338 15.94 -0.37 21.33
N PRO A 339 15.89 0.03 22.60
CA PRO A 339 16.78 1.13 23.03
C PRO A 339 18.24 0.82 22.81
N GLU A 340 18.64 -0.44 22.95
CA GLU A 340 20.05 -0.81 22.78
C GLU A 340 20.40 -1.02 21.30
N SER A 341 19.47 -1.56 20.51
CA SER A 341 19.76 -1.80 19.10
C SER A 341 19.82 -0.49 18.34
N VAL A 342 18.95 0.47 18.67
CA VAL A 342 19.03 1.79 18.07
C VAL A 342 20.38 2.43 18.36
N VAL A 343 20.89 2.26 19.58
CA VAL A 343 22.21 2.78 19.92
C VAL A 343 23.28 2.06 19.12
N ASN A 344 23.18 0.73 19.00
CA ASN A 344 24.17 -0.02 18.23
C ASN A 344 24.16 0.41 16.76
N THR A 345 22.98 0.74 16.23
CA THR A 345 22.89 1.19 14.84
C THR A 345 23.65 2.49 14.62
N MET A 346 23.67 3.38 15.63
CA MET A 346 24.29 4.68 15.51
C MET A 346 25.73 4.72 15.97
N ARG A 347 26.20 3.69 16.68
CA ARG A 347 27.53 3.75 17.28
C ARG A 347 28.61 3.95 16.22
N GLY A 348 29.52 4.87 16.49
CA GLY A 348 30.60 5.18 15.57
C GLY A 348 30.17 5.91 14.31
N ARG A 349 28.89 6.26 14.18
CA ARG A 349 28.37 6.88 12.97
C ARG A 349 27.74 8.24 13.20
N VAL A 350 27.31 8.54 14.42
CA VAL A 350 26.70 9.84 14.75
C VAL A 350 27.53 10.44 15.86
N ASN A 351 28.06 11.64 15.62
CA ASN A 351 28.86 12.36 16.59
C ASN A 351 27.97 13.43 17.22
N PHE A 352 27.48 13.16 18.43
CA PHE A 352 26.67 14.13 19.15
C PHE A 352 27.49 15.23 19.78
N ASP A 353 28.82 15.21 19.62
CA ASP A 353 29.67 16.26 20.16
C ASP A 353 29.74 17.45 19.21
N ASP A 354 29.98 17.20 17.93
CA ASP A 354 29.95 18.24 16.91
C ASP A 354 28.77 18.07 15.94
N TYR A 355 27.95 17.05 16.14
CA TYR A 355 26.72 16.85 15.35
C TYR A 355 27.04 16.67 13.87
N THR A 356 27.74 15.57 13.59
CA THR A 356 28.04 15.14 12.24
C THR A 356 27.64 13.67 12.11
N VAL A 357 27.47 13.24 10.86
CA VAL A 357 27.06 11.87 10.55
C VAL A 357 28.05 11.29 9.56
N ASN A 358 28.57 10.11 9.87
CA ASN A 358 29.57 9.45 9.01
C ASN A 358 29.26 7.95 8.98
N LEU A 359 28.82 7.47 7.83
CA LEU A 359 28.60 6.05 7.61
C LEU A 359 29.81 5.48 6.87
N GLY A 360 30.64 4.73 7.59
CA GLY A 360 31.88 4.25 7.02
C GLY A 360 31.69 3.52 5.71
N GLY A 361 30.66 2.68 5.63
CA GLY A 361 30.42 1.89 4.44
C GLY A 361 30.13 2.70 3.19
N LEU A 362 29.89 4.01 3.33
CA LEU A 362 29.55 4.86 2.20
C LEU A 362 30.62 5.91 1.91
N LYS A 363 31.78 5.83 2.55
CA LYS A 363 32.80 6.85 2.37
C LYS A 363 33.21 6.99 0.91
N ASP A 364 33.54 5.88 0.27
CA ASP A 364 34.04 5.88 -1.10
C ASP A 364 32.93 5.96 -2.14
N HIS A 365 31.72 6.35 -1.75
CA HIS A 365 30.60 6.45 -2.69
C HIS A 365 29.68 7.62 -2.44
N ILE A 366 29.74 8.28 -1.28
CA ILE A 366 28.76 9.30 -0.94
C ILE A 366 28.78 10.44 -1.96
N LYS A 367 29.95 10.78 -2.50
CA LYS A 367 30.02 11.89 -3.44
C LYS A 367 29.45 11.51 -4.79
N GLU A 368 29.66 10.27 -5.23
CA GLU A 368 29.02 9.82 -6.47
C GLU A 368 27.52 9.67 -6.29
N ILE A 369 27.07 9.25 -5.10
CA ILE A 369 25.65 9.16 -4.82
C ILE A 369 25.01 10.54 -4.91
N GLN A 370 25.71 11.57 -4.44
CA GLN A 370 25.17 12.92 -4.44
C GLN A 370 25.05 13.51 -5.83
N ARG A 371 25.69 12.90 -6.84
CA ARG A 371 25.55 13.36 -8.22
C ARG A 371 24.40 12.67 -8.96
N CYS A 372 23.85 11.60 -8.40
CA CYS A 372 22.73 10.91 -9.04
C CYS A 372 21.46 11.75 -8.91
N ARG A 373 20.44 11.37 -9.67
CA ARG A 373 19.23 12.17 -9.80
C ARG A 373 17.97 11.51 -9.28
N ARG A 374 18.05 10.28 -8.78
CA ARG A 374 16.85 9.63 -8.26
C ARG A 374 17.23 8.52 -7.28
N LEU A 375 16.42 8.38 -6.23
CA LEU A 375 16.56 7.31 -5.27
C LEU A 375 15.43 6.30 -5.45
N ILE A 376 15.76 5.02 -5.47
CA ILE A 376 14.77 3.95 -5.58
C ILE A 376 15.03 2.99 -4.44
N LEU A 377 14.03 2.82 -3.56
CA LEU A 377 14.11 1.90 -2.44
C LEU A 377 13.32 0.65 -2.78
N ILE A 378 13.98 -0.51 -2.73
CA ILE A 378 13.40 -1.78 -3.14
C ILE A 378 13.54 -2.76 -1.99
N ALA A 379 12.43 -3.42 -1.62
CA ALA A 379 12.43 -4.33 -0.50
C ALA A 379 11.10 -5.07 -0.47
N CYS A 380 10.98 -6.01 0.47
CA CYS A 380 9.75 -6.75 0.69
C CYS A 380 9.27 -6.56 2.13
N GLY A 381 7.96 -6.69 2.31
CA GLY A 381 7.40 -6.77 3.65
C GLY A 381 7.77 -5.58 4.51
N THR A 382 8.25 -5.87 5.73
CA THR A 382 8.53 -4.80 6.69
C THR A 382 9.66 -3.92 6.22
N SER A 383 10.66 -4.51 5.54
CA SER A 383 11.74 -3.70 4.99
C SER A 383 11.21 -2.66 4.01
N TYR A 384 10.18 -3.04 3.23
CA TYR A 384 9.51 -2.06 2.38
C TYR A 384 8.89 -0.95 3.22
N HIS A 385 8.23 -1.31 4.33
CA HIS A 385 7.66 -0.29 5.20
C HIS A 385 8.72 0.66 5.73
N ALA A 386 9.95 0.16 5.96
CA ALA A 386 11.03 1.04 6.40
C ALA A 386 11.34 2.11 5.36
N GLY A 387 11.18 1.78 4.07
CA GLY A 387 11.33 2.80 3.04
C GLY A 387 10.17 3.78 3.02
N VAL A 388 8.95 3.27 3.15
CA VAL A 388 7.78 4.15 3.24
C VAL A 388 7.92 5.08 4.43
N ALA A 389 8.52 4.60 5.53
CA ALA A 389 8.62 5.40 6.75
C ALA A 389 9.63 6.52 6.64
N THR A 390 10.60 6.40 5.74
CA THR A 390 11.66 7.39 5.60
C THR A 390 11.61 8.12 4.26
N ARG A 391 10.63 7.81 3.42
CA ARG A 391 10.57 8.44 2.10
C ARG A 391 10.49 9.96 2.20
N GLN A 392 9.68 10.46 3.12
CA GLN A 392 9.46 11.90 3.19
C GLN A 392 10.73 12.65 3.60
N VAL A 393 11.45 12.16 4.61
CA VAL A 393 12.65 12.86 5.05
C VAL A 393 13.74 12.74 4.00
N LEU A 394 13.81 11.60 3.31
CA LEU A 394 14.77 11.46 2.21
C LEU A 394 14.46 12.48 1.12
N GLU A 395 13.19 12.61 0.74
CA GLU A 395 12.81 13.64 -0.22
C GLU A 395 13.17 15.03 0.28
N GLU A 396 12.92 15.28 1.56
CA GLU A 396 13.16 16.62 2.11
C GLU A 396 14.64 16.98 2.05
N LEU A 397 15.51 16.06 2.47
CA LEU A 397 16.91 16.39 2.67
C LEU A 397 17.77 16.16 1.44
N THR A 398 17.42 15.18 0.60
CA THR A 398 18.14 15.01 -0.67
C THR A 398 17.58 15.91 -1.75
N GLU A 399 16.30 16.29 -1.65
CA GLU A 399 15.58 17.04 -2.68
C GLU A 399 15.48 16.28 -3.99
N LEU A 400 15.78 14.99 -3.99
CA LEU A 400 15.68 14.15 -5.17
C LEU A 400 14.37 13.37 -5.15
N PRO A 401 13.89 12.94 -6.32
CA PRO A 401 12.76 12.01 -6.33
C PRO A 401 13.12 10.74 -5.58
N VAL A 402 12.18 10.26 -4.76
CA VAL A 402 12.35 9.01 -4.02
C VAL A 402 11.18 8.12 -4.37
N MET A 403 11.48 6.93 -4.89
CA MET A 403 10.48 5.97 -5.33
C MET A 403 10.64 4.71 -4.48
N VAL A 404 9.55 4.29 -3.83
CA VAL A 404 9.56 3.13 -2.95
C VAL A 404 8.82 2.01 -3.66
N GLU A 405 9.48 0.87 -3.83
CA GLU A 405 8.99 -0.21 -4.67
C GLU A 405 8.95 -1.52 -3.90
N LEU A 406 7.85 -2.25 -4.06
CA LEU A 406 7.79 -3.64 -3.63
C LEU A 406 8.54 -4.49 -4.64
N ALA A 407 9.49 -5.30 -4.13
CA ALA A 407 10.42 -5.98 -5.02
C ALA A 407 9.69 -6.87 -6.03
N SER A 408 8.68 -7.61 -5.58
CA SER A 408 7.99 -8.53 -6.48
C SER A 408 7.29 -7.78 -7.60
N ASP A 409 6.59 -6.69 -7.26
CA ASP A 409 5.94 -5.88 -8.29
C ASP A 409 6.98 -5.17 -9.14
N PHE A 410 8.07 -4.71 -8.53
CA PHE A 410 9.14 -4.05 -9.27
C PHE A 410 9.64 -4.92 -10.41
N LEU A 411 9.77 -6.24 -10.18
CA LEU A 411 10.24 -7.14 -11.21
C LEU A 411 9.16 -7.42 -12.25
N ASP A 412 7.90 -7.54 -11.82
CA ASP A 412 6.83 -7.88 -12.76
C ASP A 412 6.70 -6.82 -13.85
N ARG A 413 6.92 -5.55 -13.51
CA ARG A 413 6.69 -4.45 -14.44
C ARG A 413 7.89 -4.12 -15.31
N ASN A 414 9.05 -4.71 -15.05
CA ASN A 414 10.29 -4.32 -15.73
C ASN A 414 10.50 -2.82 -15.62
N THR A 415 10.57 -2.37 -14.37
CA THR A 415 10.59 -0.94 -14.08
C THR A 415 11.78 -0.27 -14.77
N PRO A 416 11.59 0.89 -15.39
CA PRO A 416 12.72 1.60 -16.00
C PRO A 416 13.73 2.04 -14.94
N VAL A 417 14.98 1.63 -15.14
CA VAL A 417 16.10 2.02 -14.29
C VAL A 417 17.18 2.60 -15.19
N PHE A 418 17.95 3.55 -14.66
CA PHE A 418 18.91 4.29 -15.45
C PHE A 418 20.25 4.37 -14.72
N ARG A 419 21.28 4.79 -15.47
CA ARG A 419 22.64 4.79 -14.95
C ARG A 419 22.82 5.74 -13.79
N ASP A 420 22.02 6.81 -13.72
CA ASP A 420 22.12 7.79 -12.64
C ASP A 420 21.07 7.58 -11.57
N ASP A 421 20.50 6.39 -11.46
CA ASP A 421 19.64 6.03 -10.34
C ASP A 421 20.49 5.44 -9.23
N VAL A 422 20.15 5.80 -7.99
CA VAL A 422 20.69 5.16 -6.81
C VAL A 422 19.60 4.22 -6.27
N CYS A 423 19.88 2.93 -6.28
CA CYS A 423 18.91 1.92 -5.89
C CYS A 423 19.31 1.34 -4.54
N PHE A 424 18.41 1.44 -3.57
CA PHE A 424 18.63 0.91 -2.23
C PHE A 424 17.88 -0.41 -2.08
N PHE A 425 18.48 -1.33 -1.34
CA PHE A 425 17.91 -2.66 -1.15
C PHE A 425 17.92 -2.97 0.34
N LEU A 426 16.73 -2.92 0.95
CA LEU A 426 16.58 -3.06 2.39
C LEU A 426 16.24 -4.51 2.70
N SER A 427 17.12 -5.19 3.44
CA SER A 427 16.92 -6.61 3.74
C SER A 427 17.66 -6.95 5.03
N GLN A 428 16.91 -7.30 6.07
CA GLN A 428 17.51 -7.82 7.30
C GLN A 428 18.40 -9.03 7.01
N SER A 429 17.87 -10.00 6.28
CA SER A 429 18.61 -11.24 6.04
C SER A 429 19.62 -11.13 4.92
N GLY A 430 19.35 -10.27 3.93
CA GLY A 430 20.23 -10.15 2.79
C GLY A 430 20.14 -11.27 1.79
N GLU A 431 19.07 -12.09 1.86
CA GLU A 431 18.92 -13.23 0.97
C GLU A 431 17.54 -13.32 0.34
N THR A 432 16.65 -12.37 0.60
CA THR A 432 15.31 -12.40 0.03
C THR A 432 15.38 -12.43 -1.49
N ALA A 433 14.77 -13.47 -2.09
CA ALA A 433 14.94 -13.73 -3.51
C ALA A 433 14.53 -12.53 -4.37
N ASP A 434 13.33 -11.99 -4.15
CA ASP A 434 12.86 -10.90 -4.99
C ASP A 434 13.70 -9.64 -4.81
N THR A 435 14.07 -9.31 -3.56
CA THR A 435 14.95 -8.17 -3.34
C THR A 435 16.31 -8.41 -4.00
N LEU A 436 16.83 -9.64 -3.91
CA LEU A 436 18.11 -9.98 -4.52
C LEU A 436 18.03 -9.89 -6.04
N MET A 437 16.93 -10.37 -6.63
CA MET A 437 16.78 -10.30 -8.08
C MET A 437 16.59 -8.88 -8.56
N GLY A 438 15.92 -8.05 -7.76
CA GLY A 438 15.86 -6.63 -8.08
C GLY A 438 17.24 -6.00 -8.07
N LEU A 439 18.09 -6.41 -7.14
CA LEU A 439 19.46 -5.92 -7.10
C LEU A 439 20.20 -6.24 -8.40
N ARG A 440 20.08 -7.48 -8.87
CA ARG A 440 20.76 -7.87 -10.10
C ARG A 440 20.13 -7.19 -11.31
N TYR A 441 18.82 -6.96 -11.29
CA TYR A 441 18.17 -6.20 -12.35
C TYR A 441 18.74 -4.80 -12.44
N CYS A 442 18.88 -4.12 -11.29
CA CYS A 442 19.38 -2.74 -11.29
C CYS A 442 20.85 -2.68 -11.68
N LYS A 443 21.65 -3.66 -11.23
CA LYS A 443 23.07 -3.67 -11.61
C LYS A 443 23.24 -3.80 -13.11
N GLU A 444 22.37 -4.57 -13.77
CA GLU A 444 22.45 -4.70 -15.21
C GLU A 444 22.23 -3.37 -15.91
N ARG A 445 21.32 -2.55 -15.40
CA ARG A 445 21.02 -1.24 -15.99
C ARG A 445 22.09 -0.20 -15.68
N GLY A 446 23.13 -0.54 -14.93
CA GLY A 446 24.17 0.39 -14.61
C GLY A 446 23.90 1.26 -13.41
N ALA A 447 22.85 0.99 -12.65
CA ALA A 447 22.52 1.82 -11.50
C ALA A 447 23.54 1.62 -10.38
N LEU A 448 23.67 2.64 -9.55
CA LEU A 448 24.48 2.54 -8.34
C LEU A 448 23.63 1.89 -7.26
N THR A 449 24.11 0.77 -6.71
CA THR A 449 23.33 -0.04 -5.79
C THR A 449 23.88 0.11 -4.36
N VAL A 450 22.97 0.25 -3.41
CA VAL A 450 23.31 0.44 -2.00
C VAL A 450 22.49 -0.54 -1.17
N GLY A 451 23.15 -1.19 -0.21
CA GLY A 451 22.51 -2.18 0.64
C GLY A 451 22.32 -1.65 2.05
N ILE A 452 21.13 -1.87 2.60
CA ILE A 452 20.83 -1.59 4.00
C ILE A 452 20.47 -2.94 4.61
N THR A 453 21.48 -3.64 5.13
CA THR A 453 21.33 -5.03 5.52
C THR A 453 21.77 -5.24 6.95
N ASN A 454 21.42 -6.40 7.49
CA ASN A 454 21.75 -6.78 8.86
C ASN A 454 22.48 -8.11 8.94
N THR A 455 22.96 -8.63 7.80
CA THR A 455 23.65 -9.91 7.76
C THR A 455 24.96 -9.73 6.99
N VAL A 456 26.08 -9.91 7.69
CA VAL A 456 27.39 -9.76 7.05
C VAL A 456 27.59 -10.88 6.05
N GLU A 457 28.21 -10.54 4.91
CA GLU A 457 28.52 -11.49 3.84
C GLU A 457 27.28 -12.15 3.28
N SER A 458 26.11 -11.54 3.44
CA SER A 458 24.92 -12.01 2.75
C SER A 458 25.01 -11.64 1.28
N SER A 459 24.14 -12.25 0.47
CA SER A 459 24.17 -12.01 -0.97
C SER A 459 23.96 -10.54 -1.29
N ILE A 460 22.98 -9.90 -0.65
CA ILE A 460 22.65 -8.53 -1.00
C ILE A 460 23.76 -7.57 -0.57
N SER A 461 24.42 -7.84 0.56
CA SER A 461 25.51 -6.97 0.98
C SER A 461 26.73 -7.15 0.09
N ARG A 462 27.03 -8.40 -0.28
CA ARG A 462 28.16 -8.65 -1.18
C ARG A 462 27.96 -7.98 -2.53
N GLU A 463 26.78 -8.17 -3.13
CA GLU A 463 26.57 -7.82 -4.53
C GLU A 463 26.21 -6.35 -4.73
N THR A 464 25.87 -5.62 -3.68
CA THR A 464 25.71 -4.18 -3.81
C THR A 464 27.08 -3.51 -3.89
N ASP A 465 27.13 -2.36 -4.57
CA ASP A 465 28.38 -1.61 -4.69
C ASP A 465 28.86 -1.11 -3.34
N CYS A 466 27.92 -0.79 -2.45
CA CYS A 466 28.24 -0.32 -1.11
C CYS A 466 26.99 -0.50 -0.27
N GLY A 467 27.06 -0.08 0.99
CA GLY A 467 25.90 -0.18 1.84
C GLY A 467 26.25 0.10 3.29
N VAL A 468 25.29 -0.24 4.15
CA VAL A 468 25.39 0.00 5.59
C VAL A 468 24.85 -1.23 6.30
N HIS A 469 25.68 -1.82 7.16
CA HIS A 469 25.21 -2.87 8.07
C HIS A 469 24.56 -2.18 9.26
N ILE A 470 23.25 -2.37 9.41
CA ILE A 470 22.52 -1.61 10.42
C ILE A 470 22.93 -1.99 11.84
N ASN A 471 23.63 -3.11 12.00
CA ASN A 471 24.20 -3.50 13.30
C ASN A 471 23.14 -3.58 14.39
N ALA A 472 21.97 -4.10 14.04
CA ALA A 472 20.92 -4.33 15.03
C ALA A 472 21.15 -5.62 15.83
N GLY A 473 22.11 -6.44 15.44
CA GLY A 473 22.28 -7.75 16.03
C GLY A 473 21.39 -8.75 15.34
N PRO A 474 21.70 -10.04 15.48
CA PRO A 474 20.89 -11.06 14.82
C PRO A 474 19.43 -10.97 15.25
N GLU A 475 18.53 -11.23 14.30
CA GLU A 475 17.09 -11.23 14.56
C GLU A 475 16.61 -12.67 14.60
N ILE A 476 16.34 -13.16 15.81
CA ILE A 476 15.92 -14.54 16.01
C ILE A 476 14.40 -14.69 16.00
N GLY A 477 13.68 -13.63 16.37
CA GLY A 477 12.23 -13.69 16.36
C GLY A 477 11.67 -13.87 14.95
N VAL A 478 10.44 -14.37 14.90
CA VAL A 478 9.82 -14.66 13.62
C VAL A 478 9.54 -13.38 12.83
N ALA A 479 9.20 -12.30 13.53
CA ALA A 479 8.81 -11.06 12.89
C ALA A 479 9.90 -10.00 13.06
N SER A 480 9.99 -9.11 12.08
CA SER A 480 10.92 -7.99 12.15
C SER A 480 10.45 -6.99 13.19
N THR A 481 11.30 -6.73 14.19
CA THR A 481 11.02 -5.69 15.17
C THR A 481 12.18 -4.71 15.20
N LYS A 482 13.28 -5.08 15.85
CA LYS A 482 14.43 -4.19 15.91
C LYS A 482 14.99 -3.91 14.52
N ALA A 483 14.88 -4.86 13.59
CA ALA A 483 15.39 -4.64 12.25
C ALA A 483 14.67 -3.47 11.57
N TYR A 484 13.36 -3.34 11.79
CA TYR A 484 12.61 -2.25 11.19
C TYR A 484 13.09 -0.91 11.73
N THR A 485 13.18 -0.78 13.06
CA THR A 485 13.59 0.50 13.64
C THR A 485 15.06 0.80 13.34
N SER A 486 15.89 -0.22 13.17
CA SER A 486 17.29 0.01 12.81
C SER A 486 17.44 0.40 11.34
N GLN A 487 16.60 -0.16 10.46
CA GLN A 487 16.56 0.32 9.08
C GLN A 487 16.07 1.77 9.02
N PHE A 488 15.02 2.08 9.78
CA PHE A 488 14.54 3.46 9.90
C PHE A 488 15.69 4.41 10.24
N VAL A 489 16.39 4.12 11.32
CA VAL A 489 17.47 5.01 11.78
C VAL A 489 18.58 5.08 10.75
N SER A 490 18.93 3.95 10.13
CA SER A 490 20.00 3.94 9.14
C SER A 490 19.65 4.84 7.95
N LEU A 491 18.41 4.76 7.46
CA LEU A 491 18.03 5.60 6.33
C LEU A 491 17.99 7.07 6.72
N VAL A 492 17.60 7.38 7.96
CA VAL A 492 17.65 8.77 8.41
C VAL A 492 19.08 9.27 8.44
N MET A 493 20.01 8.44 8.92
CA MET A 493 21.41 8.85 8.95
C MET A 493 21.94 9.13 7.55
N PHE A 494 21.60 8.27 6.58
CA PHE A 494 22.00 8.52 5.20
C PHE A 494 21.45 9.86 4.71
N ALA A 495 20.19 10.15 5.02
CA ALA A 495 19.61 11.43 4.63
C ALA A 495 20.39 12.59 5.22
N LEU A 496 20.86 12.44 6.46
CA LEU A 496 21.63 13.50 7.11
C LEU A 496 23.00 13.68 6.45
N MET A 497 23.56 12.62 5.88
CA MET A 497 24.80 12.76 5.13
C MET A 497 24.57 13.51 3.82
N MET A 498 23.43 13.25 3.18
CA MET A 498 23.16 13.81 1.87
C MET A 498 22.99 15.32 1.88
N CYS A 499 22.69 15.91 3.04
CA CYS A 499 22.47 17.35 3.15
C CYS A 499 23.47 18.02 4.06
N ASP A 500 24.63 17.40 4.29
CA ASP A 500 25.61 17.96 5.21
C ASP A 500 26.35 19.17 4.65
N ASP A 501 26.09 19.57 3.41
CA ASP A 501 26.74 20.72 2.80
C ASP A 501 25.77 21.87 2.54
N ARG A 502 24.54 21.77 3.05
CA ARG A 502 23.48 22.75 2.79
C ARG A 502 23.33 23.65 4.02
N ILE A 503 23.69 24.92 3.88
CA ILE A 503 23.56 25.87 4.98
C ILE A 503 22.12 25.94 5.45
N SER A 504 21.17 25.97 4.51
CA SER A 504 19.77 26.16 4.86
C SER A 504 19.21 25.02 5.70
N MET A 505 19.85 23.85 5.68
CA MET A 505 19.34 22.68 6.40
C MET A 505 20.13 22.40 7.68
N GLN A 506 21.09 23.24 8.04
CA GLN A 506 21.88 23.01 9.25
C GLN A 506 20.98 22.81 10.47
N GLU A 507 20.00 23.69 10.64
CA GLU A 507 19.13 23.61 11.82
C GLU A 507 18.30 22.33 11.80
N ARG A 508 17.75 21.98 10.63
CA ARG A 508 16.97 20.75 10.52
C ARG A 508 17.81 19.54 10.89
N ARG A 509 19.06 19.49 10.43
CA ARG A 509 19.94 18.39 10.80
C ARG A 509 20.19 18.36 12.30
N LYS A 510 20.37 19.52 12.91
CA LYS A 510 20.56 19.59 14.36
C LYS A 510 19.33 19.06 15.09
N GLU A 511 18.14 19.52 14.67
CA GLU A 511 16.91 19.03 15.29
C GLU A 511 16.82 17.51 15.22
N ILE A 512 17.11 16.95 14.05
CA ILE A 512 16.99 15.50 13.86
C ILE A 512 18.01 14.77 14.70
N MET A 513 19.27 15.22 14.67
CA MET A 513 20.31 14.52 15.41
C MET A 513 20.09 14.60 16.91
N LEU A 514 19.59 15.74 17.39
CA LEU A 514 19.19 15.82 18.79
C LEU A 514 18.07 14.85 19.11
N GLY A 515 17.20 14.58 18.15
CA GLY A 515 16.16 13.59 18.35
C GLY A 515 16.72 12.18 18.39
N LEU A 516 17.73 11.90 17.55
CA LEU A 516 18.41 10.62 17.61
C LEU A 516 19.16 10.46 18.94
N LYS A 517 19.64 11.56 19.52
CA LYS A 517 20.29 11.50 20.81
C LYS A 517 19.31 11.10 21.90
N ARG A 518 18.12 11.68 21.89
CA ARG A 518 17.10 11.38 22.89
C ARG A 518 16.30 10.13 22.58
N LEU A 519 16.46 9.56 21.38
CA LEU A 519 15.58 8.49 20.94
C LEU A 519 15.64 7.26 21.84
N PRO A 520 16.81 6.78 22.26
CA PRO A 520 16.82 5.58 23.12
C PRO A 520 16.02 5.75 24.40
N ASP A 521 16.10 6.92 25.03
CA ASP A 521 15.35 7.14 26.26
C ASP A 521 13.85 7.25 25.98
N LEU A 522 13.47 7.85 24.85
CA LEU A 522 12.06 7.92 24.50
C LEU A 522 11.48 6.55 24.20
N ILE A 523 12.30 5.63 23.67
CA ILE A 523 11.84 4.27 23.46
C ILE A 523 11.58 3.59 24.81
N LYS A 524 12.49 3.76 25.76
CA LYS A 524 12.25 3.23 27.10
C LYS A 524 10.97 3.78 27.70
N GLU A 525 10.64 5.04 27.38
CA GLU A 525 9.41 5.62 27.88
C GLU A 525 8.19 4.94 27.27
N VAL A 526 8.25 4.61 25.98
CA VAL A 526 7.16 3.91 25.33
C VAL A 526 7.02 2.51 25.91
N LEU A 527 8.13 1.83 26.16
CA LEU A 527 8.07 0.46 26.68
C LEU A 527 7.50 0.43 28.10
N SER A 528 7.68 1.50 28.87
CA SER A 528 7.11 1.58 30.21
C SER A 528 5.59 1.63 30.20
N MET A 529 4.98 1.85 29.04
CA MET A 529 3.53 1.81 28.88
C MET A 529 3.03 0.43 28.51
N ASP A 530 3.85 -0.60 28.71
CA ASP A 530 3.46 -1.95 28.36
C ASP A 530 2.15 -2.34 29.02
N ASP A 531 1.95 -1.93 30.28
CA ASP A 531 0.70 -2.26 30.98
C ASP A 531 -0.50 -1.69 30.24
N GLU A 532 -0.41 -0.45 29.77
CA GLU A 532 -1.51 0.13 29.01
C GLU A 532 -1.76 -0.62 27.72
N ILE A 533 -0.69 -1.12 27.07
CA ILE A 533 -0.85 -1.89 25.85
C ILE A 533 -1.53 -3.22 26.15
N GLN A 534 -1.24 -3.81 27.31
CA GLN A 534 -1.89 -5.06 27.69
C GLN A 534 -3.38 -4.87 27.87
N LYS A 535 -3.80 -3.74 28.46
CA LYS A 535 -5.22 -3.47 28.59
C LYS A 535 -5.88 -3.35 27.22
N LEU A 536 -5.19 -2.74 26.26
CA LEU A 536 -5.73 -2.63 24.92
C LEU A 536 -5.86 -4.01 24.26
N ALA A 537 -4.90 -4.91 24.52
CA ALA A 537 -4.99 -6.25 23.98
C ALA A 537 -6.20 -6.99 24.55
N THR A 538 -6.51 -6.76 25.82
CA THR A 538 -7.70 -7.36 26.40
C THR A 538 -8.95 -6.93 25.65
N GLU A 539 -9.03 -5.65 25.28
CA GLU A 539 -10.20 -5.14 24.59
C GLU A 539 -10.34 -5.75 23.19
N LEU A 540 -9.22 -6.05 22.53
CA LEU A 540 -9.22 -6.64 21.20
C LEU A 540 -9.08 -8.15 21.23
N TYR A 541 -8.98 -8.75 22.42
CA TYR A 541 -8.78 -10.19 22.54
C TYR A 541 -9.75 -10.99 21.67
N HIS A 542 -11.01 -10.58 21.66
CA HIS A 542 -12.07 -11.32 20.97
C HIS A 542 -12.38 -10.76 19.59
N GLN A 543 -11.64 -9.76 19.12
CA GLN A 543 -11.96 -9.08 17.88
C GLN A 543 -11.32 -9.79 16.69
N LYS A 544 -12.04 -9.75 15.57
CA LYS A 544 -11.58 -10.37 14.33
C LYS A 544 -10.93 -9.39 13.37
N SER A 545 -11.25 -8.10 13.48
CA SER A 545 -10.68 -7.09 12.60
C SER A 545 -10.30 -5.87 13.42
N VAL A 546 -9.37 -5.09 12.87
CA VAL A 546 -9.00 -3.80 13.44
C VAL A 546 -8.42 -2.95 12.32
N LEU A 547 -8.94 -1.73 12.17
CA LEU A 547 -8.44 -0.78 11.20
C LEU A 547 -7.47 0.17 11.88
N ILE A 548 -6.29 0.33 11.30
CA ILE A 548 -5.25 1.20 11.83
C ILE A 548 -5.06 2.34 10.84
N MET A 549 -5.39 3.57 11.26
CA MET A 549 -5.48 4.71 10.37
C MET A 549 -4.40 5.73 10.71
N GLY A 550 -3.68 6.19 9.68
CA GLY A 550 -2.69 7.24 9.84
C GLY A 550 -2.35 7.81 8.49
N ARG A 551 -1.52 8.86 8.50
CA ARG A 551 -1.08 9.50 7.27
C ARG A 551 0.26 10.18 7.50
N GLY A 552 0.89 10.57 6.40
CA GLY A 552 2.16 11.27 6.49
C GLY A 552 3.24 10.35 7.04
N TYR A 553 3.99 10.86 8.02
CA TYR A 553 5.08 10.09 8.62
C TYR A 553 4.60 8.78 9.22
N HIS A 554 3.31 8.63 9.47
CA HIS A 554 2.78 7.45 10.15
C HIS A 554 1.94 6.57 9.24
N TYR A 555 1.98 6.82 7.92
CA TYR A 555 1.42 5.85 6.98
C TYR A 555 2.10 4.50 7.15
N ALA A 556 3.44 4.49 7.16
CA ALA A 556 4.17 3.25 7.33
C ALA A 556 3.83 2.59 8.67
N THR A 557 3.63 3.39 9.72
CA THR A 557 3.27 2.84 11.02
C THR A 557 1.98 2.03 10.94
N CYS A 558 0.99 2.52 10.19
CA CYS A 558 -0.26 1.78 10.00
C CYS A 558 -0.02 0.48 9.24
N LEU A 559 0.76 0.54 8.16
CA LEU A 559 1.02 -0.66 7.37
C LEU A 559 1.83 -1.66 8.17
N GLU A 560 2.82 -1.19 8.93
CA GLU A 560 3.69 -2.10 9.66
C GLU A 560 2.97 -2.72 10.86
N GLY A 561 2.24 -1.90 11.61
CA GLY A 561 1.45 -2.44 12.70
C GLY A 561 0.43 -3.45 12.23
N ALA A 562 -0.25 -3.16 11.12
CA ALA A 562 -1.25 -4.10 10.60
C ALA A 562 -0.60 -5.38 10.13
N LEU A 563 0.63 -5.31 9.63
CA LEU A 563 1.31 -6.52 9.20
C LEU A 563 1.69 -7.41 10.39
N LYS A 564 2.20 -6.82 11.46
CA LYS A 564 2.56 -7.60 12.63
C LYS A 564 1.34 -8.28 13.23
N ILE A 565 0.24 -7.54 13.35
CA ILE A 565 -0.98 -8.10 13.93
C ILE A 565 -1.51 -9.22 13.05
N LYS A 566 -1.37 -9.09 11.72
CA LYS A 566 -1.68 -10.20 10.83
C LYS A 566 -0.77 -11.39 11.10
N GLU A 567 0.54 -11.15 11.12
CA GLU A 567 1.52 -12.22 11.14
C GLU A 567 1.59 -12.91 12.49
N ILE A 568 1.42 -12.17 13.58
CA ILE A 568 1.64 -12.68 14.92
C ILE A 568 0.35 -13.13 15.59
N THR A 569 -0.74 -12.36 15.43
CA THR A 569 -1.98 -12.63 16.13
C THR A 569 -3.04 -13.29 15.26
N TYR A 570 -2.86 -13.28 13.93
CA TYR A 570 -3.75 -13.96 13.01
C TYR A 570 -5.15 -13.34 13.00
N MET A 571 -5.25 -12.03 13.18
CA MET A 571 -6.51 -11.32 12.99
C MET A 571 -6.37 -10.34 11.83
N HIS A 572 -7.51 -9.93 11.29
CA HIS A 572 -7.53 -9.12 10.07
C HIS A 572 -7.32 -7.66 10.44
N SER A 573 -6.06 -7.29 10.65
CA SER A 573 -5.67 -5.92 10.85
C SER A 573 -5.28 -5.31 9.51
N GLU A 574 -5.79 -4.12 9.22
CA GLU A 574 -5.54 -3.45 7.95
C GLU A 574 -5.15 -2.00 8.20
N GLY A 575 -4.11 -1.57 7.49
CA GLY A 575 -3.69 -0.17 7.55
C GLY A 575 -4.40 0.62 6.46
N ILE A 576 -4.95 1.77 6.84
CA ILE A 576 -5.69 2.62 5.92
C ILE A 576 -5.11 4.02 5.99
N LEU A 577 -4.72 4.55 4.83
CA LEU A 577 -4.27 5.94 4.75
C LEU A 577 -5.43 6.86 5.13
N ALA A 578 -5.21 7.67 6.17
CA ALA A 578 -6.29 8.49 6.70
C ALA A 578 -6.93 9.36 5.62
N GLY A 579 -6.11 9.88 4.70
CA GLY A 579 -6.62 10.75 3.65
C GLY A 579 -7.55 10.07 2.68
N GLU A 580 -7.57 8.73 2.67
CA GLU A 580 -8.41 7.98 1.75
C GLU A 580 -9.75 7.58 2.34
N LEU A 581 -9.99 7.86 3.64
CA LEU A 581 -11.21 7.41 4.28
C LEU A 581 -12.45 7.83 3.51
N LYS A 582 -12.58 9.12 3.21
CA LYS A 582 -13.78 9.62 2.55
C LYS A 582 -13.91 9.16 1.11
N HIS A 583 -12.93 8.43 0.58
CA HIS A 583 -12.99 7.91 -0.77
C HIS A 583 -13.48 6.46 -0.83
N GLY A 584 -14.02 5.93 0.27
CA GLY A 584 -14.59 4.60 0.26
C GLY A 584 -14.46 3.88 1.58
N PRO A 585 -13.23 3.65 2.04
CA PRO A 585 -13.04 2.80 3.23
C PRO A 585 -13.75 3.28 4.48
N LEU A 586 -14.16 4.55 4.56
CA LEU A 586 -14.87 5.02 5.74
C LEU A 586 -16.19 4.29 5.95
N ALA A 587 -16.70 3.57 4.93
CA ALA A 587 -17.93 2.82 5.08
C ALA A 587 -17.82 1.70 6.10
N LEU A 588 -16.61 1.21 6.38
CA LEU A 588 -16.45 0.14 7.36
C LEU A 588 -16.66 0.59 8.78
N VAL A 589 -16.70 1.89 9.04
CA VAL A 589 -16.76 2.41 10.40
C VAL A 589 -18.20 2.29 10.92
N ASP A 590 -18.35 1.68 12.08
CA ASP A 590 -19.60 1.68 12.83
C ASP A 590 -19.25 1.44 14.30
N LYS A 591 -20.26 1.17 15.12
CA LYS A 591 -20.02 0.99 16.55
C LYS A 591 -19.42 -0.36 16.90
N LEU A 592 -19.11 -1.20 15.91
CA LEU A 592 -18.57 -2.53 16.17
C LEU A 592 -17.18 -2.76 15.61
N MET A 593 -16.73 -1.95 14.64
CA MET A 593 -15.42 -2.15 14.02
C MET A 593 -14.33 -1.49 14.86
N PRO A 594 -13.42 -2.27 15.46
CA PRO A 594 -12.31 -1.64 16.19
C PRO A 594 -11.47 -0.77 15.27
N VAL A 595 -11.00 0.35 15.81
CA VAL A 595 -10.21 1.32 15.04
C VAL A 595 -9.09 1.85 15.93
N ILE A 596 -7.87 1.88 15.39
CA ILE A 596 -6.74 2.53 16.03
C ILE A 596 -6.28 3.66 15.12
N MET A 597 -6.18 4.86 15.68
CA MET A 597 -5.79 6.04 14.91
C MET A 597 -4.51 6.63 15.49
N ILE A 598 -3.63 7.09 14.60
CA ILE A 598 -2.35 7.67 14.97
C ILE A 598 -2.43 9.17 14.69
N ILE A 599 -2.35 9.97 15.75
CA ILE A 599 -2.50 11.43 15.67
C ILE A 599 -1.34 12.03 16.43
N MET A 600 -0.31 12.46 15.72
CA MET A 600 0.86 13.10 16.33
C MET A 600 0.87 14.59 16.02
N ARG A 601 1.76 15.30 16.72
CA ARG A 601 1.88 16.75 16.57
C ARG A 601 2.91 17.04 15.49
N ASP A 602 2.47 16.94 14.24
CA ASP A 602 3.27 17.37 13.09
C ASP A 602 2.38 18.20 12.17
N HIS A 603 2.85 18.48 10.96
CA HIS A 603 2.10 19.37 10.08
C HIS A 603 0.78 18.78 9.61
N THR A 604 0.53 17.49 9.84
CA THR A 604 -0.74 16.86 9.49
C THR A 604 -1.68 16.75 10.69
N TYR A 605 -1.37 17.40 11.80
CA TYR A 605 -2.19 17.25 13.01
C TYR A 605 -3.65 17.60 12.72
N ALA A 606 -3.88 18.76 12.09
CA ALA A 606 -5.26 19.17 11.81
C ALA A 606 -5.95 18.19 10.88
N LYS A 607 -5.25 17.69 9.87
CA LYS A 607 -5.85 16.73 8.95
C LYS A 607 -6.19 15.43 9.68
N CYS A 608 -5.35 15.00 10.61
CA CYS A 608 -5.64 13.81 11.40
C CYS A 608 -6.85 14.03 12.30
N GLN A 609 -7.00 15.24 12.85
CA GLN A 609 -8.17 15.53 13.68
C GLN A 609 -9.45 15.43 12.88
N ASN A 610 -9.42 15.87 11.62
CA ASN A 610 -10.59 15.71 10.75
C ASN A 610 -10.95 14.24 10.58
N ALA A 611 -9.94 13.41 10.31
CA ALA A 611 -10.17 11.97 10.21
C ALA A 611 -10.84 11.44 11.47
N LEU A 612 -10.37 11.87 12.64
CA LEU A 612 -11.00 11.43 13.88
C LEU A 612 -12.46 11.85 13.95
N GLN A 613 -12.76 13.09 13.56
CA GLN A 613 -14.14 13.55 13.57
C GLN A 613 -14.98 12.76 12.57
N GLN A 614 -14.40 12.40 11.43
CA GLN A 614 -15.13 11.62 10.44
C GLN A 614 -15.48 10.25 10.99
N VAL A 615 -14.55 9.61 11.71
CA VAL A 615 -14.82 8.30 12.29
C VAL A 615 -15.84 8.40 13.41
N VAL A 616 -15.62 9.32 14.35
CA VAL A 616 -16.52 9.46 15.49
C VAL A 616 -17.94 9.77 15.01
N ALA A 617 -18.06 10.59 13.96
CA ALA A 617 -19.38 10.96 13.47
C ALA A 617 -20.18 9.75 12.99
N ARG A 618 -19.48 8.70 12.55
CA ARG A 618 -20.12 7.47 12.11
C ARG A 618 -20.14 6.40 13.20
N GLN A 619 -20.23 6.83 14.46
CA GLN A 619 -20.35 5.95 15.63
C GLN A 619 -19.09 5.15 15.90
N GLY A 620 -17.99 5.44 15.23
CA GLY A 620 -16.73 4.79 15.55
C GLY A 620 -16.15 5.35 16.84
N ARG A 621 -15.63 4.45 17.67
CA ARG A 621 -15.02 4.80 18.95
C ARG A 621 -13.57 4.31 18.93
N PRO A 622 -12.68 5.07 18.30
CA PRO A 622 -11.33 4.57 18.07
C PRO A 622 -10.41 4.73 19.28
N VAL A 623 -9.38 3.91 19.30
CA VAL A 623 -8.25 4.09 20.18
C VAL A 623 -7.25 4.97 19.45
N VAL A 624 -6.63 5.90 20.18
CA VAL A 624 -5.76 6.90 19.57
C VAL A 624 -4.36 6.77 20.17
N ILE A 625 -3.36 6.66 19.30
CA ILE A 625 -1.96 6.81 19.68
C ILE A 625 -1.59 8.26 19.40
N CYS A 626 -1.31 9.03 20.45
CA CYS A 626 -1.11 10.46 20.32
C CYS A 626 0.06 10.90 21.18
N ASP A 627 0.38 12.19 21.08
CA ASP A 627 1.47 12.77 21.86
C ASP A 627 1.13 12.77 23.34
N LYS A 628 2.17 12.62 24.17
CA LYS A 628 1.98 12.61 25.61
C LYS A 628 1.37 13.90 26.13
N GLU A 629 1.57 15.01 25.42
CA GLU A 629 1.13 16.32 25.85
C GLU A 629 -0.12 16.79 25.13
N ASP A 630 -0.66 16.02 24.20
CA ASP A 630 -1.86 16.39 23.48
C ASP A 630 -3.07 16.32 24.41
N THR A 631 -3.42 17.45 25.04
CA THR A 631 -4.49 17.43 26.04
C THR A 631 -5.86 17.31 25.38
N GLU A 632 -6.05 17.96 24.23
CA GLU A 632 -7.35 17.93 23.58
C GLU A 632 -7.74 16.51 23.20
N THR A 633 -6.84 15.78 22.55
CA THR A 633 -7.16 14.43 22.09
C THR A 633 -7.44 13.50 23.26
N ILE A 634 -6.68 13.64 24.36
CA ILE A 634 -6.78 12.70 25.46
C ILE A 634 -8.13 12.82 26.16
N LYS A 635 -8.62 14.06 26.33
CA LYS A 635 -9.87 14.25 27.07
C LYS A 635 -11.09 13.85 26.25
N ASN A 636 -11.04 14.00 24.93
CA ASN A 636 -12.17 13.67 24.07
C ASN A 636 -12.18 12.23 23.61
N THR A 637 -11.12 11.47 23.87
CA THR A 637 -11.05 10.06 23.51
C THR A 637 -10.94 9.22 24.79
N LYS A 638 -11.59 8.06 24.78
CA LYS A 638 -11.59 7.20 25.96
C LYS A 638 -10.23 6.56 26.17
N ARG A 639 -9.84 5.65 25.29
CA ARG A 639 -8.58 4.93 25.40
C ARG A 639 -7.55 5.56 24.46
N THR A 640 -6.47 6.09 25.03
CA THR A 640 -5.40 6.70 24.26
C THR A 640 -4.06 6.15 24.74
N ILE A 641 -3.20 5.80 23.79
CA ILE A 641 -1.83 5.43 24.08
C ILE A 641 -0.97 6.67 23.86
N LYS A 642 -0.43 7.21 24.95
CA LYS A 642 0.25 8.50 24.93
C LYS A 642 1.75 8.26 24.87
N VAL A 643 2.36 8.58 23.71
CA VAL A 643 3.79 8.41 23.52
C VAL A 643 4.48 9.76 23.66
N PRO A 644 5.77 9.80 24.01
CA PRO A 644 6.46 11.09 24.12
C PRO A 644 6.67 11.72 22.75
N HIS A 645 6.73 13.05 22.75
CA HIS A 645 6.90 13.80 21.51
C HIS A 645 8.36 13.77 21.06
N SER A 646 8.55 13.70 19.75
CA SER A 646 9.87 13.68 19.15
C SER A 646 9.81 14.46 17.85
N VAL A 647 10.97 14.62 17.20
CA VAL A 647 11.01 15.24 15.89
C VAL A 647 10.09 14.45 14.96
N ASP A 648 9.48 15.16 14.01
CA ASP A 648 8.41 14.56 13.21
C ASP A 648 8.90 13.35 12.42
N CYS A 649 10.10 13.44 11.85
CA CYS A 649 10.63 12.35 11.03
C CYS A 649 11.21 11.20 11.84
N LEU A 650 11.12 11.24 13.17
CA LEU A 650 11.49 10.11 14.00
C LEU A 650 10.32 9.55 14.79
N GLN A 651 9.18 10.24 14.83
CA GLN A 651 8.05 9.79 15.62
C GLN A 651 7.53 8.43 15.19
N GLY A 652 7.78 8.02 13.94
CA GLY A 652 7.33 6.72 13.47
C GLY A 652 7.95 5.55 14.21
N ILE A 653 9.13 5.74 14.79
CA ILE A 653 9.75 4.69 15.59
C ILE A 653 9.01 4.51 16.91
N LEU A 654 8.55 5.62 17.49
CA LEU A 654 7.85 5.55 18.77
C LEU A 654 6.39 5.12 18.61
N SER A 655 5.76 5.48 17.50
CA SER A 655 4.36 5.14 17.30
C SER A 655 4.15 3.70 16.84
N VAL A 656 5.20 3.04 16.36
CA VAL A 656 5.06 1.67 15.89
C VAL A 656 5.28 0.63 17.00
N ILE A 657 6.03 0.98 18.03
CA ILE A 657 6.38 0.04 19.10
C ILE A 657 5.14 -0.37 19.86
N PRO A 658 4.22 0.55 20.21
CA PRO A 658 2.98 0.11 20.85
C PRO A 658 2.23 -0.93 20.04
N LEU A 659 2.30 -0.86 18.71
CA LEU A 659 1.65 -1.86 17.88
C LEU A 659 2.41 -3.17 17.86
N GLN A 660 3.75 -3.09 17.89
CA GLN A 660 4.56 -4.29 18.08
C GLN A 660 4.14 -5.01 19.36
N LEU A 661 4.06 -4.27 20.47
CA LEU A 661 3.67 -4.86 21.74
C LEU A 661 2.24 -5.37 21.70
N LEU A 662 1.35 -4.63 21.04
CA LEU A 662 -0.04 -5.08 20.92
C LEU A 662 -0.11 -6.43 20.23
N ALA A 663 0.62 -6.59 19.12
CA ALA A 663 0.66 -7.88 18.45
C ALA A 663 1.19 -8.96 19.38
N PHE A 664 2.28 -8.66 20.09
CA PHE A 664 2.85 -9.62 21.03
C PHE A 664 1.82 -10.05 22.06
N HIS A 665 1.20 -9.09 22.74
CA HIS A 665 0.32 -9.43 23.86
C HIS A 665 -0.93 -10.17 23.39
N LEU A 666 -1.52 -9.74 22.27
CA LEU A 666 -2.68 -10.44 21.75
C LEU A 666 -2.38 -11.91 21.49
N ALA A 667 -1.24 -12.19 20.87
CA ALA A 667 -0.87 -13.57 20.59
C ALA A 667 -0.72 -14.37 21.88
N VAL A 668 -0.03 -13.80 22.87
CA VAL A 668 0.11 -14.48 24.16
C VAL A 668 -1.26 -14.76 24.77
N LEU A 669 -2.13 -13.74 24.78
CA LEU A 669 -3.46 -13.92 25.35
C LEU A 669 -4.19 -15.08 24.69
N ARG A 670 -4.02 -15.24 23.38
CA ARG A 670 -4.74 -16.26 22.62
C ARG A 670 -4.03 -17.60 22.62
N GLY A 671 -2.97 -17.76 23.41
CA GLY A 671 -2.31 -19.04 23.53
C GLY A 671 -1.35 -19.39 22.43
N TYR A 672 -0.96 -18.41 21.61
CA TYR A 672 -0.05 -18.66 20.50
C TYR A 672 1.40 -18.57 20.96
N ASP A 673 2.28 -19.27 20.24
CA ASP A 673 3.71 -19.20 20.47
C ASP A 673 4.30 -18.16 19.52
N VAL A 674 4.69 -17.01 20.08
CA VAL A 674 5.16 -15.90 19.25
C VAL A 674 6.46 -16.24 18.52
N ASP A 675 7.25 -17.18 19.04
CA ASP A 675 8.50 -17.59 18.41
C ASP A 675 8.32 -18.76 17.45
N PHE A 676 7.07 -19.15 17.16
CA PHE A 676 6.82 -20.28 16.27
C PHE A 676 6.45 -19.77 14.89
N PRO A 677 7.20 -20.08 13.83
CA PRO A 677 6.82 -19.62 12.49
C PRO A 677 5.61 -20.37 11.96
N ARG A 678 4.85 -19.68 11.11
CA ARG A 678 3.66 -20.28 10.50
C ARG A 678 3.85 -20.46 9.00
N CYS B 2 -22.13 17.59 -1.33
CA CYS B 2 -23.31 18.42 -1.13
C CYS B 2 -23.93 18.82 -2.46
N GLY B 3 -25.15 19.34 -2.42
CA GLY B 3 -25.86 19.75 -3.61
C GLY B 3 -26.69 21.00 -3.41
N ILE B 4 -26.75 21.85 -4.44
CA ILE B 4 -27.49 23.10 -4.40
C ILE B 4 -28.49 23.10 -5.54
N PHE B 5 -29.69 23.63 -5.27
CA PHE B 5 -30.70 23.78 -6.30
C PHE B 5 -31.68 24.86 -5.88
N ALA B 6 -32.08 25.70 -6.83
CA ALA B 6 -33.07 26.74 -6.58
C ALA B 6 -33.88 26.96 -7.84
N TYR B 7 -35.18 27.17 -7.68
CA TYR B 7 -36.11 27.37 -8.79
C TYR B 7 -36.73 28.75 -8.67
N LEU B 8 -36.54 29.59 -9.68
CA LEU B 8 -37.07 30.95 -9.71
C LEU B 8 -37.96 31.08 -10.93
N ASN B 9 -39.27 31.19 -10.71
CA ASN B 9 -40.23 31.44 -11.76
C ASN B 9 -40.64 32.90 -11.73
N TYR B 10 -40.55 33.56 -12.88
CA TYR B 10 -40.87 34.99 -13.00
C TYR B 10 -42.03 35.13 -13.97
N HIS B 11 -43.21 35.46 -13.44
CA HIS B 11 -44.44 35.56 -14.22
C HIS B 11 -44.79 34.26 -14.93
N VAL B 12 -44.29 33.14 -14.41
CA VAL B 12 -44.70 31.81 -14.85
C VAL B 12 -45.49 31.19 -13.71
N PRO B 13 -46.81 31.40 -13.63
CA PRO B 13 -47.55 30.99 -12.43
C PRO B 13 -47.36 29.52 -12.08
N ARG B 14 -46.92 29.27 -10.85
CA ARG B 14 -46.78 27.93 -10.30
C ARG B 14 -47.43 27.88 -8.93
N THR B 15 -48.17 26.82 -8.67
CA THR B 15 -48.76 26.63 -7.35
C THR B 15 -47.68 26.19 -6.36
N ARG B 16 -47.98 26.40 -5.07
CA ARG B 16 -47.01 26.05 -4.03
C ARG B 16 -46.64 24.57 -4.08
N ARG B 17 -47.54 23.72 -4.58
CA ARG B 17 -47.20 22.31 -4.74
C ARG B 17 -46.25 22.10 -5.91
N GLU B 18 -46.46 22.81 -7.01
CA GLU B 18 -45.60 22.66 -8.17
C GLU B 18 -44.18 23.16 -7.89
N ILE B 19 -44.04 24.15 -7.01
CA ILE B 19 -42.71 24.67 -6.68
C ILE B 19 -41.96 23.69 -5.79
N LEU B 20 -42.62 23.20 -4.74
CA LEU B 20 -41.96 22.27 -3.82
C LEU B 20 -41.54 21.00 -4.53
N GLU B 21 -42.35 20.51 -5.47
CA GLU B 21 -41.97 19.32 -6.21
C GLU B 21 -40.75 19.56 -7.08
N THR B 22 -40.61 20.77 -7.63
CA THR B 22 -39.42 21.09 -8.41
C THR B 22 -38.18 21.19 -7.52
N LEU B 23 -38.35 21.59 -6.27
CA LEU B 23 -37.22 21.65 -5.34
C LEU B 23 -36.78 20.25 -4.93
N ILE B 24 -37.74 19.40 -4.54
CA ILE B 24 -37.41 18.02 -4.19
C ILE B 24 -36.87 17.29 -5.41
N LYS B 25 -37.55 17.44 -6.55
CA LYS B 25 -37.07 16.81 -7.78
C LYS B 25 -35.67 17.30 -8.14
N GLY B 26 -35.33 18.53 -7.76
CA GLY B 26 -33.97 19.01 -7.97
C GLY B 26 -32.97 18.36 -7.05
N LEU B 27 -33.37 18.14 -5.78
CA LEU B 27 -32.48 17.47 -4.84
C LEU B 27 -32.30 16.00 -5.20
N GLN B 28 -33.37 15.34 -5.63
CA GLN B 28 -33.26 13.95 -6.04
C GLN B 28 -32.20 13.77 -7.14
N ARG B 29 -32.08 14.77 -8.03
CA ARG B 29 -31.01 14.74 -9.02
C ARG B 29 -29.65 14.99 -8.39
N LEU B 30 -29.62 15.63 -7.22
CA LEU B 30 -28.37 15.93 -6.52
C LEU B 30 -28.15 15.08 -5.29
N GLU B 31 -29.02 14.11 -5.02
CA GLU B 31 -28.93 13.34 -3.78
C GLU B 31 -27.63 12.54 -3.71
N TYR B 32 -27.12 12.09 -4.85
CA TYR B 32 -25.89 11.29 -4.84
C TYR B 32 -24.68 12.09 -4.36
N ARG B 33 -24.76 13.42 -4.38
CA ARG B 33 -23.70 14.26 -3.84
C ARG B 33 -23.76 14.40 -2.33
N GLY B 34 -24.84 13.94 -1.70
CA GLY B 34 -25.00 14.06 -0.26
C GLY B 34 -26.40 13.66 0.17
N TYR B 35 -26.51 12.76 1.14
CA TYR B 35 -27.81 12.24 1.56
C TYR B 35 -27.86 11.98 3.06
N ASP B 36 -27.16 12.81 3.85
CA ASP B 36 -27.27 12.73 5.29
C ASP B 36 -28.37 13.63 5.84
N SER B 37 -28.74 14.68 5.10
CA SER B 37 -29.83 15.56 5.49
C SER B 37 -30.22 16.38 4.26
N ALA B 38 -31.24 17.22 4.42
CA ALA B 38 -31.71 18.04 3.31
C ALA B 38 -32.67 19.10 3.87
N GLY B 39 -32.99 20.07 3.01
CA GLY B 39 -33.91 21.13 3.40
C GLY B 39 -34.31 21.95 2.20
N VAL B 40 -35.36 22.74 2.38
CA VAL B 40 -35.88 23.62 1.35
C VAL B 40 -36.24 24.97 1.97
N GLY B 41 -36.23 26.00 1.12
CA GLY B 41 -36.61 27.33 1.54
C GLY B 41 -37.61 27.95 0.58
N PHE B 42 -38.68 28.52 1.11
CA PHE B 42 -39.74 29.08 0.27
C PHE B 42 -40.52 30.10 1.08
N ASP B 43 -41.41 30.82 0.40
CA ASP B 43 -42.22 31.85 1.03
C ASP B 43 -43.42 31.21 1.71
N GLY B 44 -43.67 31.59 2.96
CA GLY B 44 -44.81 31.11 3.72
C GLY B 44 -46.03 32.00 3.53
N GLY B 45 -47.05 31.72 4.33
CA GLY B 45 -48.29 32.44 4.28
C GLY B 45 -49.33 31.76 3.40
N ASN B 46 -50.60 32.09 3.66
CA ASN B 46 -51.72 31.52 2.94
C ASN B 46 -52.61 32.61 2.35
N ASP B 47 -52.04 33.76 2.04
CA ASP B 47 -52.79 34.85 1.42
C ASP B 47 -53.03 34.54 -0.05
N LYS B 48 -54.27 34.66 -0.49
CA LYS B 48 -54.60 34.39 -1.89
C LYS B 48 -53.79 35.27 -2.83
N ASP B 49 -53.45 36.49 -2.40
CA ASP B 49 -52.59 37.38 -3.17
C ASP B 49 -51.14 37.02 -2.88
N TRP B 50 -50.42 36.51 -3.89
CA TRP B 50 -49.05 36.05 -3.69
C TRP B 50 -48.13 37.19 -3.26
N GLU B 51 -48.44 38.42 -3.65
CA GLU B 51 -47.56 39.54 -3.33
C GLU B 51 -47.47 39.76 -1.82
N ALA B 52 -48.50 39.39 -1.07
CA ALA B 52 -48.51 39.55 0.37
C ALA B 52 -47.92 38.35 1.11
N ASN B 53 -47.12 37.53 0.43
CA ASN B 53 -46.52 36.35 1.02
C ASN B 53 -45.00 36.31 0.90
N ALA B 54 -44.39 37.23 0.16
CA ALA B 54 -42.94 37.22 0.00
C ALA B 54 -42.21 37.68 1.26
N CYS B 55 -42.91 38.35 2.18
CA CYS B 55 -42.31 38.83 3.42
C CYS B 55 -42.24 37.75 4.50
N LYS B 56 -42.53 36.50 4.16
CA LYS B 56 -42.55 35.41 5.13
C LYS B 56 -41.85 34.21 4.52
N ILE B 57 -40.70 33.85 5.07
CA ILE B 57 -39.90 32.74 4.58
C ILE B 57 -40.15 31.53 5.46
N GLN B 58 -40.36 30.37 4.83
CA GLN B 58 -40.60 29.11 5.52
C GLN B 58 -39.46 28.15 5.23
N LEU B 59 -38.97 27.48 6.27
CA LEU B 59 -37.90 26.50 6.15
C LEU B 59 -38.40 25.14 6.59
N ILE B 60 -38.12 24.12 5.78
CA ILE B 60 -38.47 22.73 6.10
C ILE B 60 -37.19 21.92 5.91
N LYS B 61 -36.56 21.55 7.02
CA LYS B 61 -35.33 20.76 6.99
C LYS B 61 -35.54 19.50 7.84
N LYS B 62 -34.96 18.40 7.39
CA LYS B 62 -35.12 17.13 8.11
C LYS B 62 -33.89 16.27 7.90
N LYS B 63 -33.59 15.46 8.91
CA LYS B 63 -32.49 14.51 8.83
C LYS B 63 -32.88 13.30 8.02
N GLY B 64 -31.94 12.82 7.20
CA GLY B 64 -32.15 11.67 6.34
C GLY B 64 -31.96 12.02 4.88
N LYS B 65 -32.37 11.10 4.02
CA LYS B 65 -32.25 11.30 2.59
C LYS B 65 -33.37 12.22 2.08
N VAL B 66 -33.36 12.48 0.78
CA VAL B 66 -34.36 13.37 0.19
C VAL B 66 -35.76 12.81 0.41
N LYS B 67 -35.92 11.49 0.38
CA LYS B 67 -37.23 10.89 0.61
C LYS B 67 -37.75 11.18 2.01
N ALA B 68 -36.87 11.46 2.97
CA ALA B 68 -37.31 11.87 4.29
C ALA B 68 -37.78 13.31 4.30
N LEU B 69 -37.13 14.17 3.51
CA LEU B 69 -37.56 15.56 3.42
C LEU B 69 -38.84 15.69 2.60
N ASP B 70 -38.96 14.90 1.52
CA ASP B 70 -40.16 14.95 0.71
C ASP B 70 -41.40 14.60 1.54
N GLU B 71 -41.26 13.66 2.48
CA GLU B 71 -42.37 13.35 3.38
C GLU B 71 -42.61 14.47 4.39
N GLU B 72 -41.56 15.22 4.75
CA GLU B 72 -41.73 16.34 5.66
C GLU B 72 -42.42 17.51 4.98
N VAL B 73 -42.07 17.78 3.71
CA VAL B 73 -42.72 18.84 2.96
C VAL B 73 -44.23 18.59 2.89
N HIS B 74 -44.62 17.34 2.68
CA HIS B 74 -46.02 16.98 2.57
C HIS B 74 -46.61 16.70 3.95
N LYS B 75 -47.90 16.37 3.97
CA LYS B 75 -48.65 16.14 5.21
C LYS B 75 -48.28 17.17 6.28
N GLN B 76 -48.28 18.43 5.88
CA GLN B 76 -48.14 19.56 6.80
C GLN B 76 -49.48 20.28 6.89
N GLN B 77 -49.86 20.65 8.12
CA GLN B 77 -51.20 21.15 8.38
C GLN B 77 -51.35 22.66 8.17
N ASP B 78 -50.24 23.39 8.15
CA ASP B 78 -50.29 24.86 8.08
C ASP B 78 -50.08 25.39 6.67
N MET B 79 -49.38 24.67 5.81
CA MET B 79 -49.03 25.16 4.48
C MET B 79 -50.14 24.78 3.49
N ASP B 80 -50.79 25.79 2.93
CA ASP B 80 -51.81 25.59 1.89
C ASP B 80 -51.09 25.52 0.54
N LEU B 81 -51.13 24.35 -0.09
CA LEU B 81 -50.36 24.08 -1.30
C LEU B 81 -51.10 24.50 -2.58
N ASP B 82 -52.19 25.26 -2.46
CA ASP B 82 -52.96 25.69 -3.62
C ASP B 82 -52.70 27.13 -4.03
N ILE B 83 -51.94 27.89 -3.24
CA ILE B 83 -51.69 29.28 -3.58
C ILE B 83 -50.89 29.36 -4.86
N GLU B 84 -51.27 30.28 -5.74
CA GLU B 84 -50.60 30.51 -7.01
C GLU B 84 -49.61 31.65 -6.86
N PHE B 85 -48.36 31.41 -7.26
CA PHE B 85 -47.30 32.42 -7.21
C PHE B 85 -46.91 32.79 -8.62
N ASP B 86 -47.13 34.06 -8.99
CA ASP B 86 -46.65 34.55 -10.28
C ASP B 86 -45.15 34.77 -10.26
N VAL B 87 -44.59 35.13 -9.11
CA VAL B 87 -43.15 35.28 -8.92
C VAL B 87 -42.79 34.64 -7.59
N HIS B 88 -41.71 33.84 -7.59
CA HIS B 88 -41.33 33.13 -6.38
C HIS B 88 -39.90 32.63 -6.54
N LEU B 89 -39.22 32.46 -5.40
CA LEU B 89 -37.85 31.96 -5.36
C LEU B 89 -37.76 30.89 -4.29
N GLY B 90 -37.42 29.68 -4.68
CA GLY B 90 -37.22 28.58 -3.74
C GLY B 90 -35.81 28.04 -3.83
N ILE B 91 -35.24 27.73 -2.67
CA ILE B 91 -33.88 27.20 -2.59
C ILE B 91 -33.91 25.90 -1.80
N ALA B 92 -33.04 24.97 -2.19
CA ALA B 92 -32.96 23.66 -1.56
C ALA B 92 -31.50 23.27 -1.42
N HIS B 93 -31.24 22.23 -0.62
CA HIS B 93 -29.86 21.82 -0.37
C HIS B 93 -29.79 20.47 0.35
N THR B 94 -29.25 19.47 -0.33
CA THR B 94 -28.86 18.22 0.32
C THR B 94 -27.44 18.36 0.87
N ARG B 95 -27.19 17.70 1.99
CA ARG B 95 -25.97 17.93 2.75
C ARG B 95 -25.25 16.60 3.01
N TRP B 96 -23.93 16.60 2.81
CA TRP B 96 -23.07 15.50 3.21
C TRP B 96 -22.40 15.93 4.51
N ALA B 97 -22.90 15.41 5.63
CA ALA B 97 -22.41 15.80 6.95
C ALA B 97 -21.23 14.91 7.33
N THR B 98 -20.02 15.39 7.00
CA THR B 98 -18.80 14.67 7.38
C THR B 98 -18.42 14.90 8.83
N HIS B 99 -18.93 15.97 9.45
CA HIS B 99 -18.67 16.27 10.85
C HIS B 99 -19.99 16.43 11.58
N GLY B 100 -19.92 16.39 12.91
CA GLY B 100 -21.08 16.59 13.75
C GLY B 100 -22.25 15.71 13.40
N GLU B 101 -23.48 16.16 13.78
CA GLU B 101 -24.70 15.41 13.53
C GLU B 101 -25.40 15.93 12.30
N PRO B 102 -26.08 15.06 11.52
CA PRO B 102 -26.88 15.50 10.37
C PRO B 102 -28.30 15.91 10.76
N SER B 103 -28.41 16.81 11.73
CA SER B 103 -29.71 17.22 12.26
C SER B 103 -30.27 18.38 11.44
N PRO B 104 -31.58 18.64 11.55
CA PRO B 104 -32.15 19.77 10.83
C PRO B 104 -31.51 21.10 11.20
N VAL B 105 -31.03 21.25 12.44
CA VAL B 105 -30.39 22.49 12.85
C VAL B 105 -29.10 22.70 12.08
N ASN B 106 -28.42 21.61 11.70
CA ASN B 106 -27.17 21.69 10.95
C ASN B 106 -27.37 21.68 9.44
N SER B 107 -28.56 21.32 8.98
CA SER B 107 -28.84 21.33 7.55
C SER B 107 -29.06 22.76 7.07
N HIS B 108 -29.08 22.92 5.75
CA HIS B 108 -29.32 24.19 5.10
C HIS B 108 -30.74 24.23 4.54
N PRO B 109 -31.29 25.43 4.26
CA PRO B 109 -30.71 26.77 4.38
C PRO B 109 -30.49 27.25 5.82
N GLN B 110 -29.36 27.92 6.06
CA GLN B 110 -29.12 28.60 7.32
C GLN B 110 -29.79 29.97 7.29
N ARG B 111 -30.23 30.42 8.46
CA ARG B 111 -30.94 31.69 8.58
C ARG B 111 -30.13 32.69 9.40
N SER B 112 -30.51 33.96 9.27
CA SER B 112 -29.82 35.04 9.97
C SER B 112 -30.51 35.46 11.25
N ASP B 113 -31.79 35.14 11.42
CA ASP B 113 -32.52 35.50 12.63
C ASP B 113 -33.77 34.62 12.69
N LYS B 114 -34.53 34.79 13.78
CA LYS B 114 -35.71 33.95 14.02
C LYS B 114 -36.85 34.27 13.07
N ASN B 115 -36.76 35.33 12.27
CA ASN B 115 -37.80 35.69 11.31
C ASN B 115 -37.39 35.40 9.88
N ASN B 116 -36.20 34.82 9.65
CA ASN B 116 -35.75 34.44 8.32
C ASN B 116 -35.73 35.65 7.37
N GLU B 117 -34.93 36.65 7.74
CA GLU B 117 -34.72 37.79 6.86
C GLU B 117 -33.72 37.45 5.76
N PHE B 118 -32.80 36.52 6.02
CA PHE B 118 -31.83 36.08 5.03
C PHE B 118 -31.58 34.58 5.23
N ILE B 119 -31.64 33.82 4.15
CA ILE B 119 -31.33 32.40 4.17
C ILE B 119 -30.34 32.09 3.06
N VAL B 120 -29.41 31.17 3.31
CA VAL B 120 -28.35 30.85 2.38
C VAL B 120 -28.11 29.34 2.38
N ILE B 121 -27.79 28.81 1.21
CA ILE B 121 -27.37 27.42 1.05
C ILE B 121 -25.93 27.42 0.56
N HIS B 122 -25.08 26.62 1.19
CA HIS B 122 -23.64 26.70 1.01
C HIS B 122 -23.06 25.33 0.72
N ASN B 123 -22.20 25.26 -0.29
CA ASN B 123 -21.40 24.07 -0.59
C ASN B 123 -19.93 24.44 -0.46
N GLY B 124 -19.27 23.94 0.57
CA GLY B 124 -17.87 24.21 0.79
C GLY B 124 -17.61 24.44 2.27
N ILE B 125 -16.49 25.10 2.55
CA ILE B 125 -16.07 25.38 3.92
C ILE B 125 -15.56 26.82 3.99
N ILE B 126 -15.94 27.53 5.04
CA ILE B 126 -15.42 28.86 5.33
C ILE B 126 -14.28 28.69 6.33
N THR B 127 -13.04 28.85 5.85
CA THR B 127 -11.87 28.59 6.67
C THR B 127 -11.67 29.61 7.78
N ASN B 128 -12.54 30.62 7.90
CA ASN B 128 -12.40 31.63 8.95
C ASN B 128 -13.75 31.94 9.60
N TYR B 129 -14.62 30.94 9.70
CA TYR B 129 -15.94 31.17 10.29
C TYR B 129 -15.86 31.40 11.79
N LYS B 130 -14.77 30.95 12.44
CA LYS B 130 -14.62 31.19 13.87
C LYS B 130 -14.42 32.68 14.15
N ASP B 131 -13.54 33.34 13.40
CA ASP B 131 -13.36 34.78 13.55
C ASP B 131 -14.65 35.52 13.20
N LEU B 132 -15.33 35.07 12.15
CA LEU B 132 -16.61 35.68 11.79
C LEU B 132 -17.67 35.45 12.86
N LYS B 133 -17.62 34.31 13.53
CA LYS B 133 -18.59 34.02 14.59
C LYS B 133 -18.34 34.88 15.81
N LYS B 134 -17.07 35.00 16.24
CA LYS B 134 -16.75 35.85 17.38
C LYS B 134 -17.11 37.30 17.10
N PHE B 135 -16.79 37.79 15.89
CA PHE B 135 -17.10 39.18 15.54
C PHE B 135 -18.61 39.42 15.56
N LEU B 136 -19.37 38.55 14.89
CA LEU B 136 -20.82 38.73 14.83
C LEU B 136 -21.48 38.58 16.19
N GLU B 137 -20.93 37.71 17.04
CA GLU B 137 -21.49 37.55 18.39
C GLU B 137 -21.30 38.81 19.23
N SER B 138 -20.20 39.54 19.02
CA SER B 138 -19.97 40.76 19.78
C SER B 138 -20.93 41.87 19.36
N LYS B 139 -21.41 41.84 18.12
CA LYS B 139 -22.32 42.85 17.61
C LYS B 139 -23.78 42.56 17.94
N GLY B 140 -24.05 41.51 18.73
CA GLY B 140 -25.41 41.22 19.14
C GLY B 140 -26.14 40.21 18.28
N TYR B 141 -25.42 39.28 17.66
CA TYR B 141 -26.03 38.25 16.82
C TYR B 141 -25.81 36.89 17.49
N ASP B 142 -26.91 36.22 17.80
CA ASP B 142 -26.85 34.92 18.45
C ASP B 142 -26.90 33.79 17.43
N PHE B 143 -26.11 32.76 17.66
CA PHE B 143 -26.04 31.60 16.79
C PHE B 143 -26.79 30.42 17.40
N GLU B 144 -27.15 29.47 16.54
CA GLU B 144 -27.91 28.30 16.95
C GLU B 144 -27.35 26.98 16.47
N SER B 145 -26.45 26.97 15.50
CA SER B 145 -25.88 25.74 14.95
C SER B 145 -24.36 25.77 15.08
N GLU B 146 -23.73 24.66 14.70
CA GLU B 146 -22.28 24.53 14.71
C GLU B 146 -21.69 24.47 13.30
N THR B 147 -22.45 24.91 12.31
CA THR B 147 -21.99 24.88 10.93
C THR B 147 -21.35 26.21 10.55
N ASP B 148 -20.36 26.14 9.66
CA ASP B 148 -19.72 27.34 9.16
C ASP B 148 -20.65 28.16 8.26
N THR B 149 -21.71 27.55 7.74
CA THR B 149 -22.61 28.26 6.85
C THR B 149 -23.39 29.35 7.58
N GLU B 150 -23.69 29.13 8.87
CA GLU B 150 -24.49 30.11 9.60
C GLU B 150 -23.82 31.47 9.66
N THR B 151 -22.48 31.49 9.71
CA THR B 151 -21.76 32.76 9.72
C THR B 151 -21.97 33.55 8.43
N ILE B 152 -22.39 32.88 7.36
CA ILE B 152 -22.68 33.58 6.12
C ILE B 152 -24.04 34.27 6.19
N ALA B 153 -25.03 33.60 6.80
CA ALA B 153 -26.35 34.21 6.95
C ALA B 153 -26.31 35.35 7.96
N LYS B 154 -25.58 35.17 9.07
CA LYS B 154 -25.48 36.22 10.07
C LYS B 154 -24.64 37.40 9.58
N LEU B 155 -23.85 37.22 8.52
CA LEU B 155 -23.01 38.29 8.00
C LEU B 155 -23.70 39.09 6.90
N VAL B 156 -24.51 38.45 6.07
CA VAL B 156 -25.25 39.21 5.05
C VAL B 156 -26.27 40.13 5.71
N LYS B 157 -26.78 39.75 6.88
CA LYS B 157 -27.66 40.63 7.63
C LYS B 157 -26.89 41.75 8.31
N TYR B 158 -25.67 41.48 8.76
CA TYR B 158 -24.84 42.53 9.34
C TYR B 158 -24.53 43.62 8.32
N MET B 159 -24.23 43.22 7.08
CA MET B 159 -24.02 44.20 6.02
C MET B 159 -25.31 44.94 5.70
N TYR B 160 -26.46 44.27 5.80
CA TYR B 160 -27.74 44.94 5.58
C TYR B 160 -28.08 45.89 6.72
N ASP B 161 -27.80 45.47 7.96
CA ASP B 161 -28.06 46.32 9.12
C ASP B 161 -27.12 47.51 9.20
N ASN B 162 -26.07 47.55 8.38
CA ASN B 162 -25.11 48.66 8.35
C ASN B 162 -24.91 49.14 6.92
N ARG B 163 -26.01 49.31 6.18
CA ARG B 163 -25.95 49.82 4.81
C ARG B 163 -26.04 51.33 4.82
N GLU B 164 -25.25 51.96 3.96
CA GLU B 164 -25.18 53.43 3.96
C GLU B 164 -26.43 54.05 3.34
N SER B 165 -26.96 53.43 2.29
CA SER B 165 -28.13 53.95 1.59
C SER B 165 -29.31 53.01 1.78
N GLN B 166 -30.51 53.57 1.64
CA GLN B 166 -31.74 52.81 1.83
C GLN B 166 -31.98 51.81 0.71
N ASP B 167 -31.29 51.92 -0.42
CA ASP B 167 -31.52 51.07 -1.58
C ASP B 167 -30.19 50.46 -2.06
N THR B 168 -29.51 49.77 -1.14
CA THR B 168 -28.30 49.04 -1.50
C THR B 168 -28.70 47.72 -2.14
N SER B 169 -28.27 47.51 -3.38
CA SER B 169 -28.69 46.33 -4.13
C SER B 169 -28.30 45.05 -3.39
N PHE B 170 -29.07 43.99 -3.63
CA PHE B 170 -28.75 42.69 -3.04
C PHE B 170 -27.35 42.25 -3.41
N THR B 171 -26.90 42.60 -4.62
CA THR B 171 -25.54 42.26 -5.04
C THR B 171 -24.50 42.92 -4.13
N THR B 172 -24.71 44.20 -3.80
CA THR B 172 -23.75 44.91 -2.97
C THR B 172 -23.52 44.19 -1.65
N LEU B 173 -24.59 43.79 -0.96
CA LEU B 173 -24.45 43.11 0.32
C LEU B 173 -23.66 41.82 0.19
N VAL B 174 -23.97 41.02 -0.84
CA VAL B 174 -23.27 39.76 -1.04
C VAL B 174 -21.80 40.01 -1.34
N GLU B 175 -21.50 41.07 -2.09
CA GLU B 175 -20.11 41.39 -2.40
C GLU B 175 -19.32 41.67 -1.12
N ARG B 176 -19.88 42.49 -0.23
CA ARG B 176 -19.20 42.77 1.04
C ARG B 176 -19.03 41.51 1.87
N VAL B 177 -19.93 40.54 1.72
CA VAL B 177 -19.81 39.28 2.47
C VAL B 177 -18.63 38.48 1.96
N ILE B 178 -18.60 38.19 0.66
CA ILE B 178 -17.55 37.34 0.10
C ILE B 178 -16.18 37.95 0.32
N GLN B 179 -16.10 39.28 0.45
CA GLN B 179 -14.82 39.92 0.74
C GLN B 179 -14.32 39.59 2.14
N GLN B 180 -15.21 39.18 3.04
CA GLN B 180 -14.83 38.78 4.39
C GLN B 180 -14.73 37.27 4.57
N LEU B 181 -15.23 36.49 3.63
CA LEU B 181 -15.16 35.05 3.71
C LEU B 181 -13.82 34.55 3.18
N GLU B 182 -13.41 33.38 3.68
CA GLU B 182 -12.19 32.72 3.24
C GLU B 182 -12.49 31.26 2.93
N GLY B 183 -11.73 30.71 1.99
CA GLY B 183 -11.94 29.33 1.57
C GLY B 183 -12.75 29.23 0.31
N ALA B 184 -13.62 28.23 0.25
CA ALA B 184 -14.47 28.00 -0.91
C ALA B 184 -15.94 28.09 -0.50
N PHE B 185 -16.78 28.37 -1.50
CA PHE B 185 -18.22 28.49 -1.26
C PHE B 185 -19.01 28.66 -2.56
N ALA B 186 -20.19 28.04 -2.63
CA ALA B 186 -21.16 28.28 -3.69
C ALA B 186 -22.48 28.63 -3.00
N LEU B 187 -22.92 29.87 -3.15
CA LEU B 187 -24.02 30.39 -2.34
C LEU B 187 -25.18 30.81 -3.22
N VAL B 188 -26.38 30.66 -2.69
CA VAL B 188 -27.61 31.14 -3.31
C VAL B 188 -28.44 31.79 -2.22
N PHE B 189 -28.55 33.12 -2.25
CA PHE B 189 -29.18 33.88 -1.19
C PHE B 189 -30.64 34.17 -1.52
N LYS B 190 -31.44 34.32 -0.46
CA LYS B 190 -32.83 34.74 -0.58
C LYS B 190 -33.17 35.58 0.64
N SER B 191 -33.83 36.71 0.42
CA SER B 191 -34.14 37.65 1.50
C SER B 191 -35.55 38.20 1.32
N VAL B 192 -36.23 38.43 2.45
CA VAL B 192 -37.54 39.05 2.39
C VAL B 192 -37.43 40.49 1.91
N HIS B 193 -36.33 41.16 2.23
CA HIS B 193 -36.13 42.55 1.82
C HIS B 193 -35.96 42.68 0.31
N PHE B 194 -35.66 41.57 -0.38
CA PHE B 194 -35.50 41.55 -1.83
C PHE B 194 -36.40 40.45 -2.38
N PRO B 195 -37.70 40.71 -2.49
CA PRO B 195 -38.63 39.64 -2.89
C PRO B 195 -38.37 39.20 -4.33
N GLY B 196 -38.35 37.87 -4.51
CA GLY B 196 -38.16 37.29 -5.83
C GLY B 196 -36.76 37.40 -6.38
N GLN B 197 -35.82 37.99 -5.65
CA GLN B 197 -34.45 38.19 -6.13
C GLN B 197 -33.54 37.11 -5.60
N ALA B 198 -32.71 36.55 -6.48
CA ALA B 198 -31.72 35.55 -6.12
C ALA B 198 -30.33 36.05 -6.48
N VAL B 199 -29.35 35.68 -5.67
CA VAL B 199 -27.95 36.03 -5.90
C VAL B 199 -27.12 34.76 -5.84
N GLY B 200 -26.33 34.52 -6.89
CA GLY B 200 -25.50 33.34 -6.95
C GLY B 200 -24.04 33.68 -7.21
N THR B 201 -23.18 33.33 -6.25
CA THR B 201 -21.75 33.56 -6.37
C THR B 201 -21.00 32.27 -6.03
N ARG B 202 -19.74 32.21 -6.45
CA ARG B 202 -18.92 31.03 -6.21
C ARG B 202 -17.46 31.43 -6.07
N ARG B 203 -16.67 30.51 -5.50
CA ARG B 203 -15.23 30.70 -5.40
C ARG B 203 -14.65 29.33 -5.04
N GLY B 204 -14.35 28.55 -6.08
CA GLY B 204 -13.83 27.21 -5.88
C GLY B 204 -14.89 26.16 -5.66
N SER B 205 -16.15 26.45 -6.00
CA SER B 205 -17.23 25.49 -5.87
C SER B 205 -18.13 25.66 -7.09
N PRO B 206 -18.56 24.56 -7.73
CA PRO B 206 -19.37 24.70 -8.95
C PRO B 206 -20.69 25.38 -8.68
N LEU B 207 -21.13 26.16 -9.67
CA LEU B 207 -22.43 26.81 -9.63
C LEU B 207 -22.80 27.36 -11.00
N LEU B 208 -23.89 26.85 -11.58
CA LEU B 208 -24.35 27.27 -12.89
C LEU B 208 -25.81 27.68 -12.81
N ILE B 209 -26.24 28.45 -13.81
CA ILE B 209 -27.60 28.97 -13.87
C ILE B 209 -28.24 28.48 -15.17
N GLY B 210 -29.30 27.68 -15.03
CA GLY B 210 -30.05 27.21 -16.18
C GLY B 210 -31.29 28.08 -16.38
N VAL B 211 -31.48 28.53 -17.61
CA VAL B 211 -32.56 29.45 -17.95
C VAL B 211 -33.47 28.77 -18.97
N ARG B 212 -34.76 28.98 -18.82
CA ARG B 212 -35.75 28.52 -19.79
C ARG B 212 -36.78 29.61 -20.01
N SER B 213 -37.14 29.82 -21.26
CA SER B 213 -38.13 30.85 -21.61
C SER B 213 -38.62 30.65 -23.04
N GLU B 214 -39.95 30.60 -23.21
CA GLU B 214 -40.52 30.46 -24.54
C GLU B 214 -40.19 31.65 -25.44
N HIS B 215 -39.78 32.78 -24.86
CA HIS B 215 -39.48 33.98 -25.62
C HIS B 215 -37.99 34.06 -25.93
N LYS B 216 -37.66 34.84 -26.95
CA LYS B 216 -36.26 35.04 -27.33
C LYS B 216 -35.51 35.68 -26.16
N LEU B 217 -34.28 35.23 -25.96
CA LEU B 217 -33.43 35.79 -24.92
C LEU B 217 -32.61 36.95 -25.49
N SER B 218 -32.38 37.96 -24.65
CA SER B 218 -31.75 39.18 -25.12
C SER B 218 -30.37 38.91 -25.72
N THR B 219 -29.58 38.05 -25.08
CA THR B 219 -28.21 37.82 -25.52
C THR B 219 -27.80 36.39 -25.15
N ASP B 220 -26.62 36.00 -25.63
CA ASP B 220 -26.05 34.69 -25.33
C ASP B 220 -24.63 34.82 -24.78
N HIS B 221 -24.26 35.99 -24.27
CA HIS B 221 -22.94 36.22 -23.70
C HIS B 221 -23.00 37.36 -22.70
N ILE B 222 -23.42 37.06 -21.47
CA ILE B 222 -23.63 38.10 -20.46
C ILE B 222 -22.31 38.82 -20.19
N PRO B 223 -22.27 40.15 -20.23
CA PRO B 223 -21.03 40.86 -19.89
C PRO B 223 -20.87 41.00 -18.38
N ILE B 224 -19.61 41.02 -17.96
CA ILE B 224 -19.27 41.19 -16.55
C ILE B 224 -19.19 42.67 -16.24
N LEU B 225 -19.58 43.03 -15.01
CA LEU B 225 -19.62 44.41 -14.56
C LEU B 225 -18.62 44.61 -13.44
N TYR B 226 -18.27 45.87 -13.19
CA TYR B 226 -17.30 46.24 -12.17
C TYR B 226 -17.81 47.46 -11.40
N ARG B 227 -17.55 47.46 -10.10
CA ARG B 227 -17.98 48.57 -9.24
C ARG B 227 -16.90 49.64 -9.15
N THR B 244 -29.10 46.35 -22.54
CA THR B 244 -27.95 45.85 -23.28
C THR B 244 -26.89 45.33 -22.32
N THR B 245 -27.33 44.78 -21.20
CA THR B 245 -26.41 44.28 -20.17
C THR B 245 -26.87 42.99 -19.50
N CYS B 246 -28.17 42.75 -19.36
CA CYS B 246 -28.68 41.59 -18.64
C CYS B 246 -29.28 40.57 -19.60
N LEU B 247 -29.47 39.35 -19.09
CA LEU B 247 -30.11 38.27 -19.82
C LEU B 247 -31.57 38.19 -19.39
N PHE B 248 -32.49 38.36 -20.33
CA PHE B 248 -33.90 38.42 -20.02
C PHE B 248 -34.70 38.19 -21.30
N PRO B 249 -35.96 37.77 -21.19
CA PRO B 249 -36.80 37.68 -22.38
C PRO B 249 -37.08 39.05 -22.97
N VAL B 250 -37.05 39.13 -24.30
CA VAL B 250 -37.14 40.40 -25.01
C VAL B 250 -38.50 41.05 -24.75
N GLU B 251 -39.52 40.61 -25.48
CA GLU B 251 -40.79 41.31 -25.50
C GLU B 251 -41.66 41.03 -24.28
N GLU B 252 -41.46 39.90 -23.61
CA GLU B 252 -42.30 39.51 -22.48
C GLU B 252 -41.42 39.29 -21.24
N LYS B 253 -42.09 38.98 -20.12
CA LYS B 253 -41.41 38.78 -18.85
C LYS B 253 -41.24 37.31 -18.48
N ALA B 254 -42.07 36.42 -19.01
CA ALA B 254 -42.04 35.01 -18.63
C ALA B 254 -40.63 34.45 -18.80
N VAL B 255 -40.09 33.90 -17.71
CA VAL B 255 -38.76 33.32 -17.72
C VAL B 255 -38.62 32.44 -16.48
N GLU B 256 -37.80 31.41 -16.59
CA GLU B 256 -37.50 30.51 -15.48
C GLU B 256 -35.99 30.35 -15.36
N TYR B 257 -35.49 30.42 -14.13
CA TYR B 257 -34.07 30.25 -13.85
C TYR B 257 -33.88 29.02 -12.98
N TYR B 258 -32.69 28.41 -13.10
CA TYR B 258 -32.37 27.19 -12.38
C TYR B 258 -30.93 27.28 -11.88
N PHE B 259 -30.76 27.67 -10.62
CA PHE B 259 -29.46 27.57 -9.97
C PHE B 259 -29.22 26.13 -9.55
N ALA B 260 -27.99 25.66 -9.76
CA ALA B 260 -27.66 24.28 -9.44
C ALA B 260 -26.15 24.11 -9.43
N SER B 261 -25.66 23.34 -8.45
CA SER B 261 -24.26 22.99 -8.36
C SER B 261 -23.90 21.78 -9.22
N ASP B 262 -24.84 21.30 -10.05
CA ASP B 262 -24.59 20.16 -10.92
C ASP B 262 -25.58 20.21 -12.06
N ALA B 263 -25.11 19.88 -13.27
CA ALA B 263 -25.95 19.97 -14.46
C ALA B 263 -27.02 18.90 -14.52
N SER B 264 -26.94 17.85 -13.70
CA SER B 264 -27.94 16.80 -13.74
C SER B 264 -29.31 17.29 -13.32
N ALA B 265 -29.37 18.24 -12.38
CA ALA B 265 -30.64 18.77 -11.91
C ALA B 265 -31.24 19.80 -12.86
N VAL B 266 -30.49 20.24 -13.87
CA VAL B 266 -30.96 21.27 -14.78
C VAL B 266 -31.29 20.71 -16.16
N ILE B 267 -30.68 19.60 -16.57
CA ILE B 267 -30.88 19.11 -17.93
C ILE B 267 -32.33 18.75 -18.18
N GLU B 268 -33.04 18.28 -17.14
CA GLU B 268 -34.43 17.86 -17.32
C GLU B 268 -35.33 19.05 -17.67
N HIS B 269 -34.97 20.26 -17.22
CA HIS B 269 -35.75 21.45 -17.50
C HIS B 269 -35.24 22.24 -18.70
N THR B 270 -33.93 22.21 -18.96
CA THR B 270 -33.36 22.97 -20.06
C THR B 270 -31.89 22.59 -20.20
N ASN B 271 -31.34 22.86 -21.39
CA ASN B 271 -29.93 22.61 -21.67
C ASN B 271 -29.16 23.90 -21.95
N ARG B 272 -29.69 25.04 -21.49
CA ARG B 272 -29.04 26.34 -21.66
C ARG B 272 -28.60 26.82 -20.28
N VAL B 273 -27.30 26.72 -20.01
CA VAL B 273 -26.76 27.05 -18.70
C VAL B 273 -25.63 28.06 -18.85
N ILE B 274 -25.36 28.77 -17.77
CA ILE B 274 -24.27 29.75 -17.69
C ILE B 274 -23.33 29.27 -16.59
N PHE B 275 -22.14 28.83 -16.99
CA PHE B 275 -21.14 28.36 -16.03
C PHE B 275 -20.43 29.56 -15.43
N LEU B 276 -20.77 29.89 -14.19
CA LEU B 276 -20.12 30.99 -13.51
C LEU B 276 -18.65 30.68 -13.26
N GLU B 277 -17.93 31.68 -12.77
CA GLU B 277 -16.52 31.55 -12.45
C GLU B 277 -16.25 32.22 -11.11
N ASP B 278 -15.03 32.05 -10.61
CA ASP B 278 -14.68 32.60 -9.31
C ASP B 278 -14.93 34.11 -9.28
N ASP B 279 -15.58 34.57 -8.22
CA ASP B 279 -15.89 35.97 -7.95
C ASP B 279 -16.98 36.52 -8.86
N ASP B 280 -17.57 35.70 -9.73
CA ASP B 280 -18.69 36.14 -10.56
C ASP B 280 -19.96 36.15 -9.71
N VAL B 281 -20.45 37.34 -9.38
CA VAL B 281 -21.65 37.49 -8.56
C VAL B 281 -22.83 37.64 -9.51
N ALA B 282 -23.60 36.56 -9.66
CA ALA B 282 -24.79 36.57 -10.49
C ALA B 282 -26.01 36.94 -9.65
N ALA B 283 -26.92 37.72 -10.23
CA ALA B 283 -28.11 38.18 -9.54
C ALA B 283 -29.27 38.24 -10.50
N VAL B 284 -30.46 37.91 -10.01
CA VAL B 284 -31.70 37.97 -10.78
C VAL B 284 -32.59 39.01 -10.13
N VAL B 285 -32.72 40.17 -10.77
CA VAL B 285 -33.53 41.27 -10.27
C VAL B 285 -34.56 41.61 -11.35
N ASP B 286 -35.83 41.68 -10.94
CA ASP B 286 -36.93 41.93 -11.87
C ASP B 286 -36.92 40.93 -13.02
N GLY B 287 -36.52 39.70 -12.73
CA GLY B 287 -36.50 38.66 -13.74
C GLY B 287 -35.40 38.80 -14.77
N ARG B 288 -34.38 39.62 -14.49
CA ARG B 288 -33.26 39.83 -15.40
C ARG B 288 -31.98 39.38 -14.73
N LEU B 289 -31.20 38.56 -15.43
CA LEU B 289 -29.98 37.98 -14.89
C LEU B 289 -28.78 38.80 -15.35
N SER B 290 -27.95 39.20 -14.38
CA SER B 290 -26.69 39.87 -14.66
C SER B 290 -25.58 39.22 -13.84
N ILE B 291 -24.34 39.56 -14.17
CA ILE B 291 -23.17 39.02 -13.49
C ILE B 291 -22.23 40.18 -13.19
N HIS B 292 -21.97 40.42 -11.91
CA HIS B 292 -21.11 41.50 -11.47
C HIS B 292 -19.74 40.95 -11.09
N ARG B 293 -18.88 41.82 -10.58
CA ARG B 293 -17.53 41.42 -10.18
C ARG B 293 -16.86 42.52 -9.36
N ARG B 310 -19.20 33.90 -18.57
CA ARG B 310 -19.61 34.98 -19.46
C ARG B 310 -20.48 34.46 -20.60
N ALA B 311 -20.17 33.25 -21.05
CA ALA B 311 -20.90 32.66 -22.17
C ALA B 311 -22.16 31.94 -21.69
N VAL B 312 -23.01 31.59 -22.65
CA VAL B 312 -24.23 30.82 -22.40
C VAL B 312 -24.12 29.56 -23.24
N GLN B 313 -23.72 28.45 -22.61
CA GLN B 313 -23.38 27.25 -23.33
C GLN B 313 -24.59 26.31 -23.47
N THR B 314 -24.49 25.43 -24.44
CA THR B 314 -25.49 24.38 -24.67
C THR B 314 -24.89 23.05 -24.23
N LEU B 315 -25.53 22.39 -23.27
CA LEU B 315 -25.02 21.14 -22.73
C LEU B 315 -25.31 19.98 -23.67
N GLN B 316 -24.33 19.08 -23.79
CA GLN B 316 -24.47 17.90 -24.61
C GLN B 316 -25.03 16.71 -23.84
N MET B 317 -25.33 16.88 -22.56
CA MET B 317 -25.91 15.81 -21.76
C MET B 317 -27.36 15.57 -22.18
N GLU B 318 -27.77 14.31 -22.18
CA GLU B 318 -29.14 13.92 -22.47
C GLU B 318 -29.79 13.37 -21.20
N LEU B 319 -31.08 13.67 -21.04
CA LEU B 319 -31.78 13.26 -19.83
C LEU B 319 -31.67 11.76 -19.59
N GLN B 320 -31.71 10.97 -20.66
CA GLN B 320 -31.64 9.52 -20.52
C GLN B 320 -30.34 9.06 -19.86
N GLN B 321 -29.30 9.88 -19.91
CA GLN B 321 -28.01 9.50 -19.33
C GLN B 321 -28.04 9.50 -17.81
N ILE B 322 -28.97 10.21 -17.19
CA ILE B 322 -29.07 10.28 -15.74
C ILE B 322 -30.28 9.52 -15.22
N MET B 323 -30.85 8.63 -16.03
CA MET B 323 -31.99 7.82 -15.65
C MET B 323 -31.57 6.36 -15.52
N LYS B 324 -32.18 5.66 -14.55
CA LYS B 324 -31.85 4.24 -14.35
C LYS B 324 -32.29 3.39 -15.52
N GLY B 325 -33.27 3.84 -16.29
CA GLY B 325 -33.81 3.03 -17.36
C GLY B 325 -34.56 1.82 -16.83
N ASN B 326 -34.10 0.63 -17.21
CA ASN B 326 -34.73 -0.61 -16.78
C ASN B 326 -34.01 -1.26 -15.60
N PHE B 327 -32.96 -0.64 -15.08
CA PHE B 327 -32.22 -1.18 -13.96
C PHE B 327 -32.79 -0.66 -12.64
N SER B 328 -32.68 -1.48 -11.61
CA SER B 328 -33.19 -1.11 -10.29
C SER B 328 -32.26 -0.17 -9.55
N SER B 329 -31.01 -0.02 -9.99
CA SER B 329 -30.06 0.89 -9.35
C SER B 329 -29.16 1.49 -10.42
N PHE B 330 -28.55 2.63 -10.07
CA PHE B 330 -27.62 3.27 -10.99
C PHE B 330 -26.33 2.48 -11.12
N MET B 331 -25.85 1.88 -10.02
CA MET B 331 -24.61 1.13 -10.08
C MET B 331 -24.71 -0.03 -11.05
N GLN B 332 -25.82 -0.78 -10.99
CA GLN B 332 -25.98 -1.92 -11.90
C GLN B 332 -26.04 -1.46 -13.34
N LYS B 333 -26.78 -0.38 -13.61
CA LYS B 333 -26.81 0.18 -14.96
C LYS B 333 -25.41 0.54 -15.43
N GLU B 334 -24.68 1.30 -14.60
CA GLU B 334 -23.36 1.76 -15.00
C GLU B 334 -22.36 0.63 -15.13
N ILE B 335 -22.59 -0.50 -14.44
CA ILE B 335 -21.76 -1.67 -14.65
C ILE B 335 -22.09 -2.33 -15.98
N PHE B 336 -23.38 -2.53 -16.25
CA PHE B 336 -23.79 -3.25 -17.46
C PHE B 336 -23.69 -2.40 -18.72
N GLU B 337 -23.56 -1.08 -18.59
CA GLU B 337 -23.41 -0.22 -19.75
C GLU B 337 -21.95 0.02 -20.11
N GLN B 338 -21.01 -0.64 -19.43
CA GLN B 338 -19.61 -0.48 -19.76
C GLN B 338 -19.27 -0.91 -21.19
N PRO B 339 -19.97 -1.87 -21.82
CA PRO B 339 -19.73 -2.11 -23.24
C PRO B 339 -19.93 -0.85 -24.09
N GLU B 340 -20.91 -0.02 -23.74
CA GLU B 340 -21.18 1.18 -24.51
C GLU B 340 -20.26 2.32 -24.09
N SER B 341 -19.99 2.46 -22.79
CA SER B 341 -19.16 3.58 -22.33
C SER B 341 -17.72 3.41 -22.77
N VAL B 342 -17.22 2.17 -22.82
CA VAL B 342 -15.90 1.92 -23.37
C VAL B 342 -15.84 2.38 -24.82
N VAL B 343 -16.87 2.04 -25.60
CA VAL B 343 -16.92 2.47 -26.99
C VAL B 343 -16.95 3.99 -27.09
N ASN B 344 -17.72 4.64 -26.22
CA ASN B 344 -17.80 6.09 -26.25
C ASN B 344 -16.47 6.74 -25.89
N THR B 345 -15.70 6.11 -25.00
CA THR B 345 -14.38 6.65 -24.67
C THR B 345 -13.44 6.63 -25.87
N MET B 346 -13.58 5.63 -26.73
CA MET B 346 -12.74 5.51 -27.91
C MET B 346 -13.34 6.14 -29.16
N ARG B 347 -14.60 6.56 -29.10
CA ARG B 347 -15.29 7.08 -30.27
C ARG B 347 -14.56 8.30 -30.83
N GLY B 348 -14.27 8.26 -32.13
CA GLY B 348 -13.56 9.34 -32.77
C GLY B 348 -12.11 9.48 -32.39
N ARG B 349 -11.56 8.52 -31.66
CA ARG B 349 -10.18 8.56 -31.21
C ARG B 349 -9.35 7.37 -31.64
N VAL B 350 -9.96 6.20 -31.80
CA VAL B 350 -9.27 5.00 -32.26
C VAL B 350 -9.82 4.64 -33.64
N ASN B 351 -8.91 4.28 -34.54
CA ASN B 351 -9.27 3.85 -35.88
C ASN B 351 -8.66 2.47 -36.11
N PHE B 352 -9.51 1.45 -36.09
CA PHE B 352 -9.03 0.07 -36.19
C PHE B 352 -8.71 -0.34 -37.63
N ASP B 353 -9.10 0.46 -38.62
CA ASP B 353 -8.76 0.14 -40.01
C ASP B 353 -7.27 0.32 -40.26
N ASP B 354 -6.69 1.42 -39.79
CA ASP B 354 -5.28 1.71 -39.98
C ASP B 354 -4.50 1.72 -38.66
N TYR B 355 -5.13 1.35 -37.55
CA TYR B 355 -4.46 1.24 -36.26
C TYR B 355 -3.81 2.56 -35.86
N THR B 356 -4.61 3.62 -35.87
CA THR B 356 -4.17 4.94 -35.45
C THR B 356 -4.96 5.38 -34.23
N VAL B 357 -4.31 6.18 -33.39
CA VAL B 357 -4.92 6.72 -32.18
C VAL B 357 -4.65 8.22 -32.14
N ASN B 358 -5.71 9.01 -32.00
CA ASN B 358 -5.60 10.46 -31.93
C ASN B 358 -6.49 10.97 -30.82
N LEU B 359 -5.88 11.52 -29.78
CA LEU B 359 -6.61 12.18 -28.70
C LEU B 359 -6.58 13.68 -28.99
N GLY B 360 -7.71 14.21 -29.45
CA GLY B 360 -7.75 15.61 -29.87
C GLY B 360 -7.26 16.56 -28.80
N GLY B 361 -7.56 16.26 -27.54
CA GLY B 361 -7.17 17.14 -26.45
C GLY B 361 -5.69 17.21 -26.20
N LEU B 362 -4.89 16.35 -26.84
CA LEU B 362 -3.45 16.31 -26.63
C LEU B 362 -2.67 16.63 -27.89
N LYS B 363 -3.33 17.04 -28.97
CA LYS B 363 -2.63 17.26 -30.24
C LYS B 363 -1.61 18.37 -30.11
N ASP B 364 -1.96 19.45 -29.41
CA ASP B 364 -1.07 20.60 -29.27
C ASP B 364 -0.11 20.48 -28.09
N HIS B 365 0.10 19.28 -27.56
CA HIS B 365 0.98 19.09 -26.42
C HIS B 365 1.74 17.77 -26.47
N ILE B 366 1.28 16.83 -27.31
CA ILE B 366 1.86 15.49 -27.29
C ILE B 366 3.34 15.52 -27.61
N LYS B 367 3.75 16.40 -28.54
CA LYS B 367 5.14 16.45 -28.95
C LYS B 367 6.03 16.90 -27.78
N GLU B 368 5.56 17.85 -26.98
CA GLU B 368 6.31 18.30 -25.82
C GLU B 368 6.25 17.31 -24.67
N ILE B 369 5.16 16.54 -24.57
CA ILE B 369 5.08 15.51 -23.55
C ILE B 369 6.15 14.46 -23.77
N GLN B 370 6.51 14.21 -25.03
CA GLN B 370 7.53 13.20 -25.33
C GLN B 370 8.93 13.67 -25.02
N ARG B 371 9.17 14.99 -24.96
CA ARG B 371 10.46 15.51 -24.55
C ARG B 371 10.63 15.54 -23.04
N CYS B 372 9.57 15.31 -22.27
CA CYS B 372 9.69 15.22 -20.82
C CYS B 372 10.30 13.89 -20.42
N ARG B 373 10.66 13.78 -19.15
CA ARG B 373 11.46 12.66 -18.67
C ARG B 373 10.83 11.87 -17.54
N ARG B 374 9.62 12.20 -17.10
CA ARG B 374 8.95 11.42 -16.08
C ARG B 374 7.46 11.66 -16.13
N LEU B 375 6.70 10.61 -15.83
CA LEU B 375 5.25 10.67 -15.71
C LEU B 375 4.84 10.46 -14.26
N ILE B 376 4.01 11.36 -13.74
CA ILE B 376 3.48 11.25 -12.39
C ILE B 376 1.95 11.20 -12.48
N LEU B 377 1.36 10.14 -11.94
CA LEU B 377 -0.09 9.97 -11.91
C LEU B 377 -0.57 10.24 -10.49
N ILE B 378 -1.49 11.21 -10.34
CA ILE B 378 -1.97 11.67 -9.05
C ILE B 378 -3.49 11.58 -9.04
N ALA B 379 -4.04 10.95 -8.01
CA ALA B 379 -5.49 10.76 -7.91
C ALA B 379 -5.82 10.21 -6.53
N CYS B 380 -7.11 10.02 -6.28
CA CYS B 380 -7.62 9.44 -5.04
C CYS B 380 -8.51 8.25 -5.34
N GLY B 381 -8.49 7.28 -4.43
CA GLY B 381 -9.45 6.19 -4.49
C GLY B 381 -9.35 5.40 -5.79
N THR B 382 -10.51 5.15 -6.40
CA THR B 382 -10.57 4.34 -7.62
C THR B 382 -9.81 5.00 -8.76
N SER B 383 -9.79 6.33 -8.83
CA SER B 383 -9.02 7.00 -9.86
C SER B 383 -7.53 6.73 -9.68
N TYR B 384 -7.08 6.56 -8.43
CA TYR B 384 -5.69 6.14 -8.21
C TYR B 384 -5.47 4.71 -8.68
N HIS B 385 -6.45 3.83 -8.44
CA HIS B 385 -6.33 2.46 -8.91
C HIS B 385 -6.22 2.40 -10.42
N ALA B 386 -6.88 3.30 -11.14
CA ALA B 386 -6.73 3.35 -12.60
C ALA B 386 -5.28 3.61 -13.00
N GLY B 387 -4.54 4.35 -12.17
CA GLY B 387 -3.13 4.57 -12.45
C GLY B 387 -2.28 3.35 -12.15
N VAL B 388 -2.58 2.67 -11.05
CA VAL B 388 -1.90 1.41 -10.75
C VAL B 388 -2.15 0.40 -11.86
N ALA B 389 -3.35 0.41 -12.44
CA ALA B 389 -3.74 -0.58 -13.44
C ALA B 389 -3.10 -0.34 -14.80
N THR B 390 -2.67 0.89 -15.08
CA THR B 390 -2.04 1.22 -16.35
C THR B 390 -0.58 1.61 -16.21
N ARG B 391 -0.02 1.52 -15.01
CA ARG B 391 1.37 1.93 -14.78
C ARG B 391 2.32 1.09 -15.62
N GLN B 392 2.08 -0.21 -15.72
CA GLN B 392 3.03 -1.09 -16.40
C GLN B 392 3.07 -0.82 -17.90
N VAL B 393 1.90 -0.70 -18.53
CA VAL B 393 1.88 -0.46 -19.97
C VAL B 393 2.40 0.95 -20.28
N LEU B 394 2.25 1.88 -19.35
CA LEU B 394 2.83 3.21 -19.55
C LEU B 394 4.34 3.17 -19.52
N GLU B 395 4.91 2.45 -18.54
CA GLU B 395 6.37 2.27 -18.51
C GLU B 395 6.86 1.55 -19.76
N GLU B 396 6.12 0.55 -20.23
CA GLU B 396 6.55 -0.23 -21.38
C GLU B 396 6.60 0.63 -22.65
N LEU B 397 5.51 1.34 -22.94
CA LEU B 397 5.36 2.02 -24.22
C LEU B 397 6.00 3.40 -24.26
N THR B 398 6.13 4.07 -23.11
CA THR B 398 6.83 5.34 -23.05
C THR B 398 8.30 5.21 -22.70
N GLU B 399 8.68 4.13 -22.00
CA GLU B 399 10.03 3.93 -21.50
C GLU B 399 10.44 5.00 -20.50
N LEU B 400 9.46 5.75 -19.98
CA LEU B 400 9.69 6.78 -18.98
C LEU B 400 9.37 6.23 -17.59
N PRO B 401 10.04 6.73 -16.55
CA PRO B 401 9.60 6.41 -15.19
C PRO B 401 8.16 6.85 -15.00
N VAL B 402 7.38 6.02 -14.32
CA VAL B 402 5.97 6.29 -14.05
C VAL B 402 5.76 6.15 -12.55
N MET B 403 5.37 7.25 -11.90
CA MET B 403 5.17 7.29 -10.46
C MET B 403 3.69 7.56 -10.19
N VAL B 404 3.04 6.65 -9.49
CA VAL B 404 1.63 6.76 -9.16
C VAL B 404 1.51 7.14 -7.69
N GLU B 405 0.74 8.19 -7.40
CA GLU B 405 0.72 8.80 -6.07
C GLU B 405 -0.71 9.03 -5.61
N LEU B 406 -0.97 8.70 -4.35
CA LEU B 406 -2.20 9.11 -3.69
C LEU B 406 -2.12 10.61 -3.38
N ALA B 407 -3.12 11.36 -3.84
CA ALA B 407 -3.05 12.81 -3.77
C ALA B 407 -2.84 13.30 -2.33
N SER B 408 -3.55 12.70 -1.37
CA SER B 408 -3.42 13.14 0.01
C SER B 408 -1.99 12.97 0.50
N ASP B 409 -1.37 11.82 0.23
CA ASP B 409 0.00 11.59 0.66
C ASP B 409 0.97 12.41 -0.19
N PHE B 410 0.67 12.57 -1.49
CA PHE B 410 1.49 13.40 -2.35
C PHE B 410 1.68 14.80 -1.76
N LEU B 411 0.63 15.35 -1.15
CA LEU B 411 0.71 16.69 -0.59
C LEU B 411 1.39 16.69 0.77
N ASP B 412 1.12 15.70 1.61
CA ASP B 412 1.73 15.66 2.93
C ASP B 412 3.25 15.65 2.86
N ARG B 413 3.82 15.01 1.83
CA ARG B 413 5.27 14.85 1.73
C ARG B 413 5.96 15.99 1.01
N ASN B 414 5.22 16.86 0.34
CA ASN B 414 5.80 17.88 -0.54
C ASN B 414 6.73 17.23 -1.56
N THR B 415 6.16 16.27 -2.30
CA THR B 415 6.93 15.47 -3.24
C THR B 415 7.71 16.37 -4.19
N PRO B 416 8.96 16.04 -4.51
CA PRO B 416 9.70 16.84 -5.50
C PRO B 416 9.07 16.73 -6.88
N VAL B 417 8.84 17.88 -7.51
CA VAL B 417 8.31 17.97 -8.87
C VAL B 417 9.16 18.96 -9.65
N PHE B 418 9.37 18.69 -10.93
CA PHE B 418 10.31 19.45 -11.75
C PHE B 418 9.65 19.90 -13.03
N ARG B 419 10.32 20.83 -13.73
CA ARG B 419 9.77 21.43 -14.93
C ARG B 419 9.57 20.40 -16.04
N ASP B 420 10.42 19.37 -16.10
CA ASP B 420 10.32 18.35 -17.14
C ASP B 420 9.50 17.15 -16.69
N ASP B 421 8.65 17.31 -15.68
CA ASP B 421 7.69 16.28 -15.29
C ASP B 421 6.38 16.49 -16.02
N VAL B 422 5.77 15.39 -16.45
CA VAL B 422 4.40 15.39 -16.94
C VAL B 422 3.53 14.79 -15.83
N CYS B 423 2.61 15.59 -15.30
CA CYS B 423 1.77 15.17 -14.19
C CYS B 423 0.35 14.97 -14.68
N PHE B 424 -0.20 13.78 -14.45
CA PHE B 424 -1.55 13.43 -14.82
C PHE B 424 -2.44 13.48 -13.58
N PHE B 425 -3.69 13.91 -13.77
CA PHE B 425 -4.64 14.08 -12.67
C PHE B 425 -5.94 13.41 -13.07
N LEU B 426 -6.19 12.25 -12.49
CA LEU B 426 -7.33 11.40 -12.84
C LEU B 426 -8.46 11.69 -11.86
N SER B 427 -9.57 12.21 -12.38
CA SER B 427 -10.68 12.62 -11.52
C SER B 427 -11.97 12.54 -12.34
N GLN B 428 -12.84 11.59 -12.00
CA GLN B 428 -14.15 11.52 -12.64
C GLN B 428 -14.90 12.84 -12.50
N SER B 429 -14.91 13.41 -11.29
CA SER B 429 -15.66 14.63 -11.05
C SER B 429 -14.87 15.87 -11.42
N GLY B 430 -13.55 15.78 -11.40
CA GLY B 430 -12.73 16.95 -11.64
C GLY B 430 -12.76 17.99 -10.55
N GLU B 431 -13.27 17.65 -9.37
CA GLU B 431 -13.37 18.59 -8.26
C GLU B 431 -12.76 18.06 -6.98
N THR B 432 -12.24 16.83 -6.96
CA THR B 432 -11.68 16.27 -5.75
C THR B 432 -10.61 17.19 -5.18
N ALA B 433 -10.78 17.58 -3.91
CA ALA B 433 -9.94 18.61 -3.32
C ALA B 433 -8.45 18.23 -3.38
N ASP B 434 -8.12 17.05 -2.86
CA ASP B 434 -6.70 16.67 -2.80
C ASP B 434 -6.08 16.60 -4.20
N THR B 435 -6.80 16.02 -5.16
CA THR B 435 -6.28 15.97 -6.51
C THR B 435 -6.12 17.36 -7.10
N LEU B 436 -7.07 18.26 -6.83
CA LEU B 436 -6.99 19.63 -7.33
C LEU B 436 -5.82 20.37 -6.70
N MET B 437 -5.63 20.22 -5.40
CA MET B 437 -4.48 20.85 -4.75
C MET B 437 -3.17 20.32 -5.33
N GLY B 438 -3.11 19.01 -5.59
CA GLY B 438 -1.93 18.47 -6.26
C GLY B 438 -1.69 19.13 -7.60
N LEU B 439 -2.76 19.33 -8.38
CA LEU B 439 -2.63 20.03 -9.65
C LEU B 439 -1.97 21.38 -9.48
N ARG B 440 -2.50 22.20 -8.57
CA ARG B 440 -1.94 23.53 -8.35
C ARG B 440 -0.53 23.46 -7.79
N TYR B 441 -0.23 22.43 -7.00
CA TYR B 441 1.13 22.22 -6.52
C TYR B 441 2.08 22.00 -7.68
N CYS B 442 1.71 21.11 -8.62
CA CYS B 442 2.58 20.81 -9.74
C CYS B 442 2.69 21.97 -10.72
N LYS B 443 1.61 22.75 -10.89
CA LYS B 443 1.67 23.90 -11.79
C LYS B 443 2.64 24.96 -11.27
N GLU B 444 2.67 25.17 -9.96
CA GLU B 444 3.58 26.16 -9.39
C GLU B 444 5.03 25.79 -9.65
N ARG B 445 5.33 24.50 -9.80
CA ARG B 445 6.68 24.02 -10.03
C ARG B 445 7.00 23.85 -11.51
N GLY B 446 6.11 24.30 -12.40
CA GLY B 446 6.41 24.35 -13.81
C GLY B 446 6.23 23.04 -14.56
N ALA B 447 5.62 22.05 -13.95
CA ALA B 447 5.39 20.78 -14.63
C ALA B 447 4.25 20.90 -15.64
N LEU B 448 4.31 20.08 -16.67
CA LEU B 448 3.22 19.98 -17.64
C LEU B 448 2.12 19.13 -17.02
N THR B 449 0.91 19.68 -16.95
CA THR B 449 -0.20 19.04 -16.26
C THR B 449 -1.22 18.54 -17.28
N VAL B 450 -1.64 17.28 -17.11
CA VAL B 450 -2.59 16.64 -18.00
C VAL B 450 -3.75 16.12 -17.17
N GLY B 451 -4.97 16.28 -17.69
CA GLY B 451 -6.18 15.87 -17.01
C GLY B 451 -6.82 14.68 -17.71
N ILE B 452 -7.30 13.73 -16.90
CA ILE B 452 -8.11 12.62 -17.38
C ILE B 452 -9.41 12.70 -16.59
N THR B 453 -10.38 13.44 -17.11
CA THR B 453 -11.58 13.79 -16.36
C THR B 453 -12.84 13.33 -17.10
N ASN B 454 -13.96 13.37 -16.38
CA ASN B 454 -15.26 13.01 -16.92
C ASN B 454 -16.27 14.15 -16.77
N THR B 455 -15.82 15.35 -16.43
CA THR B 455 -16.70 16.51 -16.27
C THR B 455 -16.06 17.69 -16.99
N VAL B 456 -16.77 18.25 -17.96
CA VAL B 456 -16.16 19.21 -18.88
C VAL B 456 -15.75 20.48 -18.15
N GLU B 457 -16.68 21.09 -17.41
CA GLU B 457 -16.44 22.38 -16.77
C GLU B 457 -15.94 22.23 -15.34
N SER B 458 -15.19 21.18 -15.04
CA SER B 458 -14.65 21.00 -13.70
C SER B 458 -13.37 21.78 -13.51
N SER B 459 -12.97 21.93 -12.24
CA SER B 459 -11.76 22.70 -11.93
C SER B 459 -10.53 22.04 -12.53
N ILE B 460 -10.44 20.71 -12.45
CA ILE B 460 -9.23 20.03 -12.90
C ILE B 460 -9.12 20.09 -14.42
N SER B 461 -10.24 19.95 -15.14
CA SER B 461 -10.17 20.01 -16.59
C SER B 461 -9.84 21.41 -17.07
N ARG B 462 -10.29 22.44 -16.34
CA ARG B 462 -9.97 23.81 -16.73
C ARG B 462 -8.51 24.13 -16.47
N GLU B 463 -8.02 23.87 -15.25
CA GLU B 463 -6.72 24.36 -14.83
C GLU B 463 -5.56 23.54 -15.37
N THR B 464 -5.80 22.33 -15.86
CA THR B 464 -4.75 21.57 -16.51
C THR B 464 -4.44 22.16 -17.88
N ASP B 465 -3.18 22.06 -18.29
CA ASP B 465 -2.77 22.61 -19.58
C ASP B 465 -3.49 21.90 -20.72
N CYS B 466 -3.73 20.60 -20.57
CA CYS B 466 -4.42 19.80 -21.57
C CYS B 466 -5.01 18.58 -20.87
N GLY B 467 -5.70 17.75 -21.63
CA GLY B 467 -6.24 16.54 -21.06
C GLY B 467 -7.19 15.85 -22.02
N VAL B 468 -7.83 14.81 -21.50
CA VAL B 468 -8.76 13.98 -22.25
C VAL B 468 -10.03 13.84 -21.44
N HIS B 469 -11.16 14.17 -22.06
CA HIS B 469 -12.46 13.87 -21.46
C HIS B 469 -12.83 12.43 -21.83
N ILE B 470 -12.88 11.57 -20.82
CA ILE B 470 -13.06 10.13 -21.07
C ILE B 470 -14.42 9.80 -21.67
N ASN B 471 -15.36 10.76 -21.68
CA ASN B 471 -16.63 10.61 -22.37
C ASN B 471 -17.36 9.34 -21.95
N ALA B 472 -17.31 9.05 -20.65
CA ALA B 472 -18.04 7.90 -20.12
C ALA B 472 -19.51 8.21 -19.88
N GLY B 473 -19.87 9.48 -19.73
CA GLY B 473 -21.21 9.86 -19.40
C GLY B 473 -21.35 10.10 -17.90
N PRO B 474 -22.44 10.76 -17.50
CA PRO B 474 -22.66 11.01 -16.07
C PRO B 474 -22.64 9.73 -15.26
N GLU B 475 -21.96 9.78 -14.11
CA GLU B 475 -21.90 8.66 -13.19
C GLU B 475 -22.68 9.04 -11.94
N ILE B 476 -23.79 8.35 -11.70
CA ILE B 476 -24.69 8.69 -10.60
C ILE B 476 -24.41 7.84 -9.37
N GLY B 477 -24.04 6.57 -9.56
CA GLY B 477 -23.71 5.74 -8.41
C GLY B 477 -22.52 6.27 -7.66
N VAL B 478 -22.59 6.21 -6.33
CA VAL B 478 -21.50 6.72 -5.49
C VAL B 478 -20.19 6.02 -5.84
N ALA B 479 -20.23 4.70 -5.98
CA ALA B 479 -19.05 3.94 -6.32
C ALA B 479 -18.79 4.03 -7.82
N SER B 480 -17.57 4.37 -8.19
CA SER B 480 -17.21 4.52 -9.60
C SER B 480 -17.04 3.16 -10.25
N THR B 481 -17.75 2.93 -11.35
CA THR B 481 -17.61 1.71 -12.13
C THR B 481 -17.13 2.03 -13.54
N LYS B 482 -17.97 2.65 -14.38
CA LYS B 482 -17.56 2.95 -15.74
C LYS B 482 -16.44 3.97 -15.79
N ALA B 483 -16.38 4.87 -14.81
CA ALA B 483 -15.29 5.84 -14.77
C ALA B 483 -13.94 5.15 -14.69
N TYR B 484 -13.86 4.08 -13.90
CA TYR B 484 -12.61 3.34 -13.75
C TYR B 484 -12.18 2.73 -15.09
N THR B 485 -13.10 2.02 -15.75
CA THR B 485 -12.76 1.37 -17.01
C THR B 485 -12.49 2.40 -18.11
N SER B 486 -13.24 3.50 -18.13
CA SER B 486 -13.00 4.55 -19.12
C SER B 486 -11.66 5.25 -18.87
N GLN B 487 -11.31 5.48 -17.60
CA GLN B 487 -9.97 5.98 -17.30
C GLN B 487 -8.91 5.00 -17.75
N PHE B 488 -9.11 3.71 -17.47
CA PHE B 488 -8.21 2.67 -17.94
C PHE B 488 -7.96 2.79 -19.44
N VAL B 489 -9.03 2.80 -20.23
CA VAL B 489 -8.90 2.85 -21.68
C VAL B 489 -8.23 4.14 -22.11
N SER B 490 -8.59 5.26 -21.47
CA SER B 490 -8.02 6.55 -21.85
C SER B 490 -6.51 6.56 -21.67
N LEU B 491 -6.03 6.03 -20.55
CA LEU B 491 -4.59 5.98 -20.32
C LEU B 491 -3.89 5.01 -21.27
N VAL B 492 -4.59 3.97 -21.72
CA VAL B 492 -4.01 3.07 -22.71
C VAL B 492 -3.88 3.78 -24.05
N MET B 493 -4.90 4.53 -24.45
CA MET B 493 -4.83 5.27 -25.70
C MET B 493 -3.68 6.27 -25.69
N PHE B 494 -3.47 6.94 -24.55
CA PHE B 494 -2.33 7.84 -24.44
C PHE B 494 -1.02 7.08 -24.65
N ALA B 495 -0.88 5.93 -24.01
CA ALA B 495 0.33 5.12 -24.17
C ALA B 495 0.54 4.75 -25.63
N LEU B 496 -0.55 4.48 -26.36
CA LEU B 496 -0.42 4.08 -27.76
C LEU B 496 0.04 5.25 -28.63
N MET B 497 -0.30 6.48 -28.24
CA MET B 497 0.18 7.65 -28.96
C MET B 497 1.67 7.85 -28.74
N MET B 498 2.13 7.64 -27.50
CA MET B 498 3.52 7.94 -27.15
C MET B 498 4.50 7.11 -27.96
N CYS B 499 4.12 5.89 -28.34
CA CYS B 499 5.01 4.96 -29.03
C CYS B 499 4.66 4.81 -30.50
N ASP B 500 3.88 5.72 -31.08
CA ASP B 500 3.44 5.58 -32.46
C ASP B 500 4.55 5.84 -33.47
N ASP B 501 5.76 6.16 -33.03
CA ASP B 501 6.88 6.39 -33.94
C ASP B 501 7.99 5.35 -33.77
N ARG B 502 7.73 4.30 -33.00
CA ARG B 502 8.72 3.25 -32.75
C ARG B 502 8.43 2.05 -33.63
N ILE B 503 9.38 1.73 -34.52
CA ILE B 503 9.22 0.55 -35.38
C ILE B 503 9.10 -0.71 -34.54
N SER B 504 9.91 -0.82 -33.48
CA SER B 504 9.97 -2.05 -32.70
C SER B 504 8.68 -2.32 -31.95
N MET B 505 7.80 -1.33 -31.80
CA MET B 505 6.57 -1.47 -31.03
C MET B 505 5.32 -1.49 -31.89
N GLN B 506 5.46 -1.50 -33.21
CA GLN B 506 4.29 -1.48 -34.09
C GLN B 506 3.40 -2.69 -33.84
N GLU B 507 4.00 -3.89 -33.79
CA GLU B 507 3.20 -5.09 -33.58
C GLU B 507 2.53 -5.07 -32.21
N ARG B 508 3.23 -4.59 -31.18
CA ARG B 508 2.63 -4.48 -29.86
C ARG B 508 1.43 -3.56 -29.88
N ARG B 509 1.51 -2.45 -30.63
CA ARG B 509 0.37 -1.55 -30.74
C ARG B 509 -0.81 -2.24 -31.42
N LYS B 510 -0.55 -2.97 -32.51
CA LYS B 510 -1.61 -3.69 -33.20
C LYS B 510 -2.30 -4.68 -32.25
N GLU B 511 -1.50 -5.46 -31.51
CA GLU B 511 -2.07 -6.42 -30.56
C GLU B 511 -3.00 -5.71 -29.59
N ILE B 512 -2.58 -4.56 -29.07
CA ILE B 512 -3.38 -3.85 -28.08
C ILE B 512 -4.63 -3.27 -28.74
N MET B 513 -4.49 -2.68 -29.93
CA MET B 513 -5.64 -2.06 -30.59
C MET B 513 -6.65 -3.11 -31.04
N LEU B 514 -6.19 -4.30 -31.39
CA LEU B 514 -7.12 -5.40 -31.67
C LEU B 514 -7.89 -5.78 -30.42
N GLY B 515 -7.23 -5.71 -29.26
CA GLY B 515 -7.92 -5.98 -28.01
C GLY B 515 -9.00 -4.95 -27.72
N LEU B 516 -8.68 -3.67 -27.91
CA LEU B 516 -9.67 -2.61 -27.71
C LEU B 516 -10.85 -2.79 -28.65
N LYS B 517 -10.62 -3.29 -29.86
CA LYS B 517 -11.72 -3.55 -30.78
C LYS B 517 -12.62 -4.67 -30.23
N ARG B 518 -12.02 -5.71 -29.65
CA ARG B 518 -12.77 -6.83 -29.12
C ARG B 518 -13.28 -6.59 -27.72
N LEU B 519 -12.81 -5.55 -27.04
CA LEU B 519 -13.11 -5.40 -25.61
C LEU B 519 -14.59 -5.26 -25.32
N PRO B 520 -15.37 -4.46 -26.05
CA PRO B 520 -16.81 -4.36 -25.72
C PRO B 520 -17.52 -5.71 -25.72
N ASP B 521 -17.29 -6.53 -26.74
CA ASP B 521 -17.94 -7.84 -26.79
C ASP B 521 -17.46 -8.75 -25.65
N LEU B 522 -16.18 -8.66 -25.30
CA LEU B 522 -15.68 -9.48 -24.20
C LEU B 522 -16.26 -9.02 -22.87
N ILE B 523 -16.51 -7.72 -22.71
CA ILE B 523 -17.17 -7.23 -21.51
C ILE B 523 -18.59 -7.80 -21.44
N LYS B 524 -19.28 -7.87 -22.58
CA LYS B 524 -20.60 -8.49 -22.61
C LYS B 524 -20.54 -9.93 -22.14
N GLU B 525 -19.52 -10.68 -22.57
CA GLU B 525 -19.38 -12.06 -22.15
C GLU B 525 -19.20 -12.16 -20.63
N VAL B 526 -18.51 -11.19 -20.03
CA VAL B 526 -18.34 -11.19 -18.58
C VAL B 526 -19.67 -10.90 -17.90
N LEU B 527 -20.45 -9.95 -18.45
CA LEU B 527 -21.74 -9.61 -17.85
C LEU B 527 -22.74 -10.75 -17.94
N SER B 528 -22.58 -11.66 -18.90
CA SER B 528 -23.46 -12.82 -18.99
C SER B 528 -23.25 -13.81 -17.86
N MET B 529 -22.15 -13.69 -17.12
CA MET B 529 -21.89 -14.51 -15.95
C MET B 529 -22.46 -13.90 -14.67
N ASP B 530 -23.40 -12.95 -14.81
CA ASP B 530 -23.95 -12.28 -13.63
C ASP B 530 -24.55 -13.29 -12.66
N ASP B 531 -25.39 -14.20 -13.17
CA ASP B 531 -26.02 -15.18 -12.30
C ASP B 531 -24.99 -16.01 -11.55
N GLU B 532 -23.95 -16.46 -12.25
CA GLU B 532 -22.91 -17.27 -11.62
C GLU B 532 -22.20 -16.50 -10.52
N ILE B 533 -22.06 -15.19 -10.67
CA ILE B 533 -21.43 -14.38 -9.63
C ILE B 533 -22.40 -14.16 -8.48
N GLN B 534 -23.71 -14.18 -8.75
CA GLN B 534 -24.68 -14.02 -7.67
C GLN B 534 -24.69 -15.26 -6.77
N LYS B 535 -24.56 -16.45 -7.36
CA LYS B 535 -24.48 -17.67 -6.56
C LYS B 535 -23.29 -17.62 -5.60
N LEU B 536 -22.13 -17.20 -6.09
CA LEU B 536 -20.97 -17.08 -5.22
C LEU B 536 -21.21 -16.05 -4.13
N ALA B 537 -21.96 -14.99 -4.43
CA ALA B 537 -22.27 -13.99 -3.42
C ALA B 537 -23.05 -14.61 -2.26
N THR B 538 -23.94 -15.56 -2.56
CA THR B 538 -24.70 -16.22 -1.50
C THR B 538 -23.81 -17.06 -0.60
N GLU B 539 -22.59 -17.36 -1.03
CA GLU B 539 -21.64 -18.14 -0.24
C GLU B 539 -20.72 -17.27 0.61
N LEU B 540 -20.71 -15.95 0.39
CA LEU B 540 -19.80 -15.06 1.09
C LEU B 540 -20.49 -13.95 1.87
N TYR B 541 -21.78 -13.69 1.63
CA TYR B 541 -22.42 -12.51 2.21
C TYR B 541 -22.41 -12.56 3.73
N HIS B 542 -22.37 -13.75 4.31
CA HIS B 542 -22.35 -13.90 5.76
C HIS B 542 -20.96 -13.80 6.36
N GLN B 543 -19.92 -13.70 5.53
CA GLN B 543 -18.55 -13.63 6.02
C GLN B 543 -18.21 -12.22 6.47
N LYS B 544 -17.24 -12.13 7.40
CA LYS B 544 -16.78 -10.85 7.92
C LYS B 544 -15.68 -10.23 7.08
N SER B 545 -14.80 -11.06 6.49
CA SER B 545 -13.65 -10.57 5.75
C SER B 545 -13.50 -11.37 4.48
N VAL B 546 -12.63 -10.87 3.60
CA VAL B 546 -12.27 -11.57 2.37
C VAL B 546 -10.98 -10.96 1.85
N LEU B 547 -10.01 -11.81 1.50
CA LEU B 547 -8.73 -11.37 0.98
C LEU B 547 -8.71 -11.56 -0.53
N ILE B 548 -8.39 -10.49 -1.26
CA ILE B 548 -8.35 -10.50 -2.72
C ILE B 548 -6.91 -10.34 -3.15
N MET B 549 -6.39 -11.34 -3.86
CA MET B 549 -4.97 -11.43 -4.15
C MET B 549 -4.74 -11.41 -5.65
N GLY B 550 -3.78 -10.58 -6.08
CA GLY B 550 -3.36 -10.53 -7.46
C GLY B 550 -2.01 -9.84 -7.54
N ARG B 551 -1.39 -9.93 -8.72
CA ARG B 551 -0.12 -9.27 -8.94
C ARG B 551 -0.01 -8.82 -10.39
N GLY B 552 0.96 -7.97 -10.65
CA GLY B 552 1.18 -7.48 -12.01
C GLY B 552 0.02 -6.61 -12.45
N TYR B 553 -0.50 -6.92 -13.65
CA TYR B 553 -1.61 -6.15 -14.19
C TYR B 553 -2.85 -6.20 -13.30
N HIS B 554 -2.92 -7.17 -12.38
CA HIS B 554 -4.11 -7.37 -11.56
C HIS B 554 -3.88 -7.02 -10.10
N TYR B 555 -2.77 -6.35 -9.78
CA TYR B 555 -2.64 -5.71 -8.48
C TYR B 555 -3.73 -4.65 -8.30
N ALA B 556 -3.88 -3.77 -9.30
CA ALA B 556 -4.95 -2.77 -9.23
C ALA B 556 -6.32 -3.44 -9.12
N THR B 557 -6.49 -4.59 -9.75
CA THR B 557 -7.79 -5.26 -9.71
C THR B 557 -8.16 -5.67 -8.29
N CYS B 558 -7.21 -6.22 -7.54
CA CYS B 558 -7.52 -6.66 -6.18
C CYS B 558 -7.68 -5.47 -5.24
N LEU B 559 -6.94 -4.38 -5.48
CA LEU B 559 -7.15 -3.16 -4.71
C LEU B 559 -8.54 -2.58 -4.98
N GLU B 560 -8.92 -2.50 -6.26
CA GLU B 560 -10.20 -1.91 -6.63
C GLU B 560 -11.36 -2.79 -6.20
N GLY B 561 -11.23 -4.12 -6.37
CA GLY B 561 -12.26 -5.02 -5.90
C GLY B 561 -12.45 -4.94 -4.40
N ALA B 562 -11.34 -4.90 -3.65
CA ALA B 562 -11.43 -4.79 -2.20
C ALA B 562 -12.07 -3.47 -1.79
N LEU B 563 -11.79 -2.40 -2.53
CA LEU B 563 -12.38 -1.09 -2.21
C LEU B 563 -13.88 -1.09 -2.47
N LYS B 564 -14.30 -1.67 -3.60
CA LYS B 564 -15.73 -1.71 -3.92
C LYS B 564 -16.51 -2.52 -2.89
N ILE B 565 -15.94 -3.63 -2.42
CA ILE B 565 -16.62 -4.43 -1.42
C ILE B 565 -16.70 -3.68 -0.10
N LYS B 566 -15.63 -2.98 0.27
CA LYS B 566 -15.69 -2.11 1.45
C LYS B 566 -16.83 -1.11 1.34
N GLU B 567 -16.93 -0.45 0.18
CA GLU B 567 -17.75 0.76 0.08
C GLU B 567 -19.24 0.43 0.16
N ILE B 568 -19.69 -0.58 -0.57
CA ILE B 568 -21.13 -0.84 -0.70
C ILE B 568 -21.59 -2.07 0.08
N THR B 569 -20.71 -3.02 0.39
CA THR B 569 -21.11 -4.20 1.17
C THR B 569 -20.74 -4.08 2.64
N TYR B 570 -19.78 -3.25 2.99
CA TYR B 570 -19.30 -3.07 4.36
C TYR B 570 -18.62 -4.33 4.90
N MET B 571 -18.23 -5.26 4.02
CA MET B 571 -17.37 -6.36 4.42
C MET B 571 -15.94 -5.88 4.50
N HIS B 572 -15.15 -6.55 5.33
CA HIS B 572 -13.74 -6.19 5.51
C HIS B 572 -12.93 -6.91 4.44
N SER B 573 -12.93 -6.33 3.24
CA SER B 573 -12.18 -6.85 2.11
C SER B 573 -10.87 -6.07 1.97
N GLU B 574 -9.77 -6.79 1.79
CA GLU B 574 -8.45 -6.19 1.66
C GLU B 574 -7.73 -6.78 0.47
N GLY B 575 -7.13 -5.92 -0.36
CA GLY B 575 -6.34 -6.37 -1.49
C GLY B 575 -4.91 -6.61 -1.05
N ILE B 576 -4.37 -7.75 -1.44
CA ILE B 576 -3.01 -8.15 -1.07
C ILE B 576 -2.24 -8.50 -2.32
N LEU B 577 -1.09 -7.84 -2.51
CA LEU B 577 -0.18 -8.19 -3.59
C LEU B 577 0.28 -9.63 -3.43
N ALA B 578 0.02 -10.45 -4.45
CA ALA B 578 0.23 -11.90 -4.33
C ALA B 578 1.68 -12.20 -3.95
N GLY B 579 2.64 -11.45 -4.49
CA GLY B 579 4.03 -11.68 -4.18
C GLY B 579 4.41 -11.35 -2.75
N GLU B 580 3.56 -10.67 -2.00
CA GLU B 580 3.85 -10.30 -0.63
C GLU B 580 3.28 -11.29 0.39
N LEU B 581 2.51 -12.29 -0.05
CA LEU B 581 1.92 -13.26 0.88
C LEU B 581 2.98 -13.89 1.76
N LYS B 582 4.06 -14.39 1.14
CA LYS B 582 5.10 -15.10 1.88
C LYS B 582 5.76 -14.24 2.95
N HIS B 583 5.52 -12.93 2.95
CA HIS B 583 6.20 -12.02 3.86
C HIS B 583 5.34 -11.62 5.06
N GLY B 584 4.25 -12.35 5.33
CA GLY B 584 3.48 -12.14 6.54
C GLY B 584 2.00 -12.39 6.38
N PRO B 585 1.36 -11.69 5.45
CA PRO B 585 -0.10 -11.79 5.31
C PRO B 585 -0.62 -13.21 5.14
N LEU B 586 0.21 -14.12 4.62
CA LEU B 586 -0.23 -15.50 4.43
C LEU B 586 -0.65 -16.17 5.74
N ALA B 587 -0.24 -15.62 6.88
CA ALA B 587 -0.62 -16.19 8.16
C ALA B 587 -2.12 -16.08 8.42
N LEU B 588 -2.81 -15.16 7.74
CA LEU B 588 -4.26 -15.04 7.91
C LEU B 588 -5.03 -16.15 7.23
N VAL B 589 -4.42 -16.88 6.31
CA VAL B 589 -5.14 -17.83 5.48
C VAL B 589 -5.35 -19.12 6.27
N ASP B 590 -6.61 -19.56 6.34
CA ASP B 590 -6.96 -20.88 6.82
C ASP B 590 -8.22 -21.32 6.10
N LYS B 591 -8.75 -22.48 6.49
CA LYS B 591 -9.96 -22.98 5.84
C LYS B 591 -11.15 -22.05 6.05
N LEU B 592 -11.08 -21.15 7.04
CA LEU B 592 -12.20 -20.28 7.36
C LEU B 592 -12.14 -18.92 6.67
N MET B 593 -10.95 -18.46 6.29
CA MET B 593 -10.79 -17.12 5.72
C MET B 593 -11.12 -17.12 4.23
N PRO B 594 -12.20 -16.45 3.81
CA PRO B 594 -12.48 -16.37 2.36
C PRO B 594 -11.32 -15.71 1.63
N VAL B 595 -11.01 -16.23 0.45
CA VAL B 595 -9.93 -15.72 -0.39
C VAL B 595 -10.41 -15.69 -1.83
N ILE B 596 -10.16 -14.58 -2.52
CA ILE B 596 -10.37 -14.47 -3.96
C ILE B 596 -9.01 -14.25 -4.60
N MET B 597 -8.70 -15.03 -5.62
CA MET B 597 -7.44 -14.92 -6.33
C MET B 597 -7.68 -14.65 -7.81
N ILE B 598 -6.78 -13.87 -8.40
CA ILE B 598 -6.82 -13.54 -9.82
C ILE B 598 -5.60 -14.17 -10.46
N ILE B 599 -5.84 -15.10 -11.38
CA ILE B 599 -4.78 -15.85 -12.06
C ILE B 599 -5.10 -15.78 -13.55
N MET B 600 -4.42 -14.90 -14.27
CA MET B 600 -4.60 -14.74 -15.70
C MET B 600 -3.39 -15.26 -16.45
N ARG B 601 -3.57 -15.44 -17.77
CA ARG B 601 -2.52 -16.01 -18.61
C ARG B 601 -1.67 -14.87 -19.17
N ASP B 602 -0.76 -14.39 -18.34
CA ASP B 602 0.25 -13.41 -18.74
C ASP B 602 1.59 -13.95 -18.24
N HIS B 603 2.60 -13.07 -18.21
CA HIS B 603 3.94 -13.52 -17.82
C HIS B 603 4.05 -13.88 -16.34
N THR B 604 3.07 -13.51 -15.51
CA THR B 604 3.10 -13.82 -14.09
C THR B 604 2.34 -15.08 -13.75
N TYR B 605 1.88 -15.83 -14.76
CA TYR B 605 1.04 -17.01 -14.51
C TYR B 605 1.69 -17.96 -13.54
N ALA B 606 2.95 -18.33 -13.78
CA ALA B 606 3.63 -19.29 -12.93
C ALA B 606 3.74 -18.78 -11.49
N LYS B 607 4.07 -17.50 -11.33
CA LYS B 607 4.15 -16.93 -9.98
C LYS B 607 2.79 -16.93 -9.30
N CYS B 608 1.73 -16.66 -10.07
CA CYS B 608 0.37 -16.71 -9.50
C CYS B 608 0.02 -18.13 -9.09
N GLN B 609 0.49 -19.14 -9.83
CA GLN B 609 0.24 -20.51 -9.44
C GLN B 609 0.94 -20.86 -8.13
N ASN B 610 2.13 -20.30 -7.90
CA ASN B 610 2.80 -20.49 -6.63
C ASN B 610 2.00 -19.89 -5.49
N ALA B 611 1.51 -18.66 -5.66
CA ALA B 611 0.68 -18.04 -4.64
C ALA B 611 -0.54 -18.91 -4.34
N LEU B 612 -1.20 -19.41 -5.37
CA LEU B 612 -2.36 -20.28 -5.16
C LEU B 612 -1.96 -21.51 -4.37
N GLN B 613 -0.84 -22.14 -4.73
CA GLN B 613 -0.39 -23.33 -4.01
C GLN B 613 -0.12 -23.02 -2.54
N GLN B 614 0.46 -21.84 -2.26
CA GLN B 614 0.69 -21.45 -0.88
C GLN B 614 -0.63 -21.32 -0.13
N VAL B 615 -1.64 -20.70 -0.75
CA VAL B 615 -2.94 -20.53 -0.10
C VAL B 615 -3.56 -21.89 0.18
N VAL B 616 -3.52 -22.79 -0.80
CA VAL B 616 -4.10 -24.12 -0.60
C VAL B 616 -3.34 -24.88 0.48
N ALA B 617 -2.02 -24.68 0.54
CA ALA B 617 -1.24 -25.32 1.59
C ALA B 617 -1.70 -24.89 2.98
N ARG B 618 -2.17 -23.65 3.10
CA ARG B 618 -2.75 -23.15 4.35
C ARG B 618 -4.21 -23.52 4.52
N GLN B 619 -4.71 -24.48 3.74
CA GLN B 619 -6.09 -24.95 3.79
C GLN B 619 -7.10 -23.95 3.23
N GLY B 620 -6.64 -22.86 2.61
CA GLY B 620 -7.57 -21.93 1.99
C GLY B 620 -8.33 -22.58 0.85
N ARG B 621 -9.58 -22.16 0.67
CA ARG B 621 -10.47 -22.66 -0.38
C ARG B 621 -10.85 -21.47 -1.26
N PRO B 622 -9.93 -20.99 -2.10
CA PRO B 622 -10.13 -19.70 -2.76
C PRO B 622 -11.03 -19.77 -3.98
N VAL B 623 -11.75 -18.68 -4.20
CA VAL B 623 -12.41 -18.43 -5.48
C VAL B 623 -11.40 -17.80 -6.42
N VAL B 624 -11.25 -18.37 -7.61
CA VAL B 624 -10.21 -17.96 -8.54
C VAL B 624 -10.88 -17.35 -9.77
N ILE B 625 -10.54 -16.10 -10.06
CA ILE B 625 -10.90 -15.47 -11.33
C ILE B 625 -9.78 -15.80 -12.30
N CYS B 626 -10.09 -16.56 -13.35
CA CYS B 626 -9.08 -17.09 -14.24
C CYS B 626 -9.58 -17.04 -15.69
N ASP B 627 -8.71 -17.45 -16.60
CA ASP B 627 -9.03 -17.50 -18.02
C ASP B 627 -9.85 -18.75 -18.34
N LYS B 628 -10.73 -18.62 -19.33
CA LYS B 628 -11.57 -19.74 -19.73
C LYS B 628 -10.73 -20.95 -20.13
N GLU B 629 -9.64 -20.71 -20.86
CA GLU B 629 -8.82 -21.81 -21.36
C GLU B 629 -7.86 -22.35 -20.31
N ASP B 630 -7.72 -21.68 -19.17
CA ASP B 630 -6.85 -22.16 -18.10
C ASP B 630 -7.44 -23.44 -17.51
N THR B 631 -7.39 -24.53 -18.27
CA THR B 631 -8.01 -25.78 -17.82
C THR B 631 -7.35 -26.32 -16.55
N GLU B 632 -6.07 -26.05 -16.36
CA GLU B 632 -5.39 -26.53 -15.15
C GLU B 632 -6.01 -25.89 -13.91
N THR B 633 -6.10 -24.57 -13.89
CA THR B 633 -6.70 -23.89 -12.73
C THR B 633 -8.16 -24.30 -12.55
N ILE B 634 -8.89 -24.48 -13.65
CA ILE B 634 -10.30 -24.81 -13.55
C ILE B 634 -10.51 -26.23 -13.03
N LYS B 635 -9.57 -27.13 -13.33
CA LYS B 635 -9.70 -28.51 -12.87
C LYS B 635 -9.50 -28.61 -11.36
N ASN B 636 -8.45 -27.97 -10.84
CA ASN B 636 -8.04 -28.14 -9.45
C ASN B 636 -8.68 -27.13 -8.50
N THR B 637 -9.61 -26.32 -8.98
CA THR B 637 -10.29 -25.33 -8.15
C THR B 637 -11.79 -25.54 -8.26
N LYS B 638 -12.47 -25.55 -7.10
CA LYS B 638 -13.90 -25.82 -7.09
C LYS B 638 -14.68 -24.65 -7.68
N ARG B 639 -14.44 -23.43 -7.18
CA ARG B 639 -15.16 -22.25 -7.61
C ARG B 639 -14.24 -21.36 -8.43
N THR B 640 -14.58 -21.18 -9.70
CA THR B 640 -13.81 -20.35 -10.61
C THR B 640 -14.73 -19.44 -11.40
N ILE B 641 -14.27 -18.22 -11.65
CA ILE B 641 -14.95 -17.28 -12.53
C ILE B 641 -14.12 -17.19 -13.79
N LYS B 642 -14.67 -17.69 -14.91
CA LYS B 642 -13.93 -17.87 -16.14
C LYS B 642 -14.22 -16.71 -17.08
N VAL B 643 -13.27 -15.81 -17.23
CA VAL B 643 -13.43 -14.64 -18.10
C VAL B 643 -12.68 -14.89 -19.40
N PRO B 644 -13.09 -14.28 -20.51
CA PRO B 644 -12.38 -14.52 -21.77
C PRO B 644 -10.99 -13.91 -21.78
N HIS B 645 -10.13 -14.48 -22.62
CA HIS B 645 -8.76 -14.01 -22.75
C HIS B 645 -8.71 -12.71 -23.55
N SER B 646 -7.81 -11.82 -23.14
CA SER B 646 -7.58 -10.57 -23.85
C SER B 646 -6.10 -10.24 -23.74
N VAL B 647 -5.72 -9.07 -24.26
CA VAL B 647 -4.34 -8.63 -24.19
C VAL B 647 -3.97 -8.40 -22.72
N ASP B 648 -2.74 -8.74 -22.36
CA ASP B 648 -2.34 -8.71 -20.95
C ASP B 648 -2.60 -7.34 -20.33
N CYS B 649 -2.28 -6.27 -21.05
CA CYS B 649 -2.45 -4.92 -20.52
C CYS B 649 -3.88 -4.42 -20.58
N LEU B 650 -4.83 -5.26 -21.04
CA LEU B 650 -6.24 -4.94 -20.99
C LEU B 650 -7.04 -5.89 -20.11
N GLN B 651 -6.47 -7.03 -19.71
CA GLN B 651 -7.22 -8.02 -18.95
C GLN B 651 -7.75 -7.44 -17.65
N GLY B 652 -7.10 -6.42 -17.12
CA GLY B 652 -7.56 -5.81 -15.88
C GLY B 652 -8.98 -5.27 -15.98
N ILE B 653 -9.38 -4.84 -17.18
CA ILE B 653 -10.74 -4.35 -17.37
C ILE B 653 -11.74 -5.50 -17.20
N LEU B 654 -11.37 -6.69 -17.68
CA LEU B 654 -12.28 -7.83 -17.61
C LEU B 654 -12.29 -8.48 -16.23
N SER B 655 -11.17 -8.44 -15.52
CA SER B 655 -11.06 -9.12 -14.24
C SER B 655 -11.64 -8.30 -13.09
N VAL B 656 -11.85 -7.01 -13.28
CA VAL B 656 -12.43 -6.17 -12.23
C VAL B 656 -13.95 -6.19 -12.27
N ILE B 657 -14.54 -6.38 -13.45
CA ILE B 657 -16.00 -6.37 -13.55
C ILE B 657 -16.64 -7.44 -12.70
N PRO B 658 -16.16 -8.68 -12.67
CA PRO B 658 -16.72 -9.66 -11.74
C PRO B 658 -16.73 -9.18 -10.30
N LEU B 659 -15.72 -8.41 -9.89
CA LEU B 659 -15.69 -7.89 -8.53
C LEU B 659 -16.62 -6.71 -8.35
N GLN B 660 -16.86 -5.93 -9.41
CA GLN B 660 -17.93 -4.93 -9.36
C GLN B 660 -19.27 -5.62 -9.13
N LEU B 661 -19.57 -6.66 -9.91
CA LEU B 661 -20.82 -7.38 -9.75
C LEU B 661 -20.90 -8.09 -8.41
N LEU B 662 -19.80 -8.72 -7.99
CA LEU B 662 -19.79 -9.40 -6.69
C LEU B 662 -20.15 -8.43 -5.57
N ALA B 663 -19.53 -7.24 -5.58
CA ALA B 663 -19.86 -6.25 -4.57
C ALA B 663 -21.34 -5.87 -4.64
N PHE B 664 -21.89 -5.75 -5.85
CA PHE B 664 -23.31 -5.44 -6.00
C PHE B 664 -24.17 -6.51 -5.34
N HIS B 665 -23.98 -7.78 -5.71
CA HIS B 665 -24.83 -8.84 -5.19
C HIS B 665 -24.63 -9.05 -3.70
N LEU B 666 -23.41 -8.85 -3.19
CA LEU B 666 -23.19 -8.97 -1.75
C LEU B 666 -23.99 -7.92 -1.00
N ALA B 667 -24.09 -6.71 -1.53
CA ALA B 667 -24.85 -5.66 -0.87
C ALA B 667 -26.34 -5.98 -0.85
N VAL B 668 -26.87 -6.48 -1.97
CA VAL B 668 -28.29 -6.84 -2.02
C VAL B 668 -28.59 -7.92 -0.99
N LEU B 669 -27.76 -8.97 -0.95
CA LEU B 669 -27.96 -10.05 0.01
C LEU B 669 -27.95 -9.52 1.44
N ARG B 670 -27.07 -8.57 1.73
CA ARG B 670 -26.99 -7.98 3.06
C ARG B 670 -28.02 -6.88 3.28
N GLY B 671 -28.86 -6.58 2.28
CA GLY B 671 -29.96 -5.67 2.46
C GLY B 671 -29.62 -4.20 2.37
N TYR B 672 -28.47 -3.86 1.79
CA TYR B 672 -28.05 -2.47 1.69
C TYR B 672 -28.44 -1.88 0.33
N ASP B 673 -28.36 -0.55 0.25
CA ASP B 673 -28.65 0.18 -0.98
C ASP B 673 -27.34 0.51 -1.67
N VAL B 674 -27.13 -0.08 -2.85
CA VAL B 674 -25.85 0.10 -3.54
C VAL B 674 -25.66 1.54 -3.97
N ASP B 675 -26.74 2.26 -4.26
CA ASP B 675 -26.61 3.62 -4.79
C ASP B 675 -26.22 4.62 -3.71
N PHE B 676 -26.59 4.37 -2.46
CA PHE B 676 -26.35 5.31 -1.37
C PHE B 676 -25.70 4.58 -0.20
N PRO B 677 -24.41 4.23 -0.32
CA PRO B 677 -23.72 3.62 0.82
C PRO B 677 -23.66 4.57 2.00
N ARG B 678 -23.31 4.02 3.16
CA ARG B 678 -23.29 4.78 4.39
C ARG B 678 -21.95 5.49 4.57
N ASN B 679 -21.99 6.57 5.37
CA ASN B 679 -20.82 7.29 5.87
C ASN B 679 -20.13 8.16 4.83
N LEU B 680 -20.63 8.24 3.60
CA LEU B 680 -19.95 9.01 2.57
C LEU B 680 -20.92 9.29 1.43
N ALA B 681 -20.44 10.04 0.44
CA ALA B 681 -21.19 10.35 -0.77
C ALA B 681 -20.21 10.31 -1.94
N LYS B 682 -20.63 10.83 -3.09
CA LYS B 682 -19.80 10.84 -4.28
C LYS B 682 -19.03 12.15 -4.38
N SER B 683 -17.79 12.06 -4.85
CA SER B 683 -16.93 13.22 -5.05
C SER B 683 -16.57 13.88 -3.71
N VAL B 684 -15.28 13.86 -3.36
CA VAL B 684 -14.79 14.47 -2.13
C VAL B 684 -14.25 15.84 -2.51
N THR B 685 -15.14 16.82 -2.56
CA THR B 685 -14.79 18.18 -2.97
C THR B 685 -14.28 19.04 -1.82
N VAL B 686 -14.21 18.50 -0.60
CA VAL B 686 -13.72 19.24 0.56
C VAL B 686 -12.86 18.30 1.40
N GLU B 687 -12.20 18.89 2.39
CA GLU B 687 -11.33 18.14 3.29
C GLU B 687 -12.12 17.05 4.01
C1' UD1 C . 33.24 -1.57 9.49
C2' UD1 C . 33.26 -3.01 9.98
C3' UD1 C . 32.97 -3.09 11.42
C4' UD1 C . 33.88 -2.21 12.24
C5' UD1 C . 33.94 -0.78 11.72
C6' UD1 C . 35.02 -0.04 12.44
C7' UD1 C . 32.45 -5.12 8.78
C8' UD1 C . 31.37 -5.87 8.04
N2' UD1 C . 32.20 -3.77 9.24
O1' UD1 C . 31.98 -1.09 9.68
O3' UD1 C . 33.14 -4.47 11.86
O4' UD1 C . 33.40 -2.20 13.58
O5' UD1 C . 34.22 -0.72 10.27
O6' UD1 C . 35.04 1.30 12.04
O7' UD1 C . 33.50 -5.62 8.98
N1 UD1 C . 28.43 -3.15 2.42
C2 UD1 C . 27.70 -3.35 1.12
N3 UD1 C . 26.24 -3.64 1.13
C4 UD1 C . 25.52 -3.74 2.40
C5 UD1 C . 26.26 -3.54 3.68
C6 UD1 C . 27.71 -3.25 3.67
O2 UD1 C . 28.29 -3.28 0.10
O4 UD1 C . 24.36 -3.96 2.42
C1B UD1 C . 29.84 -2.90 2.43
C2B UD1 C . 30.19 -1.39 2.90
O2' UD1 C . 30.19 -0.48 1.76
C3B UD1 C . 31.37 -1.47 3.44
C4B UD1 C . 31.46 -2.88 4.03
O4B UD1 C . 30.38 -3.70 3.30
O3B UD1 C . 32.44 -1.30 2.41
C5B UD1 C . 31.21 -2.86 5.41
O5B UD1 C . 29.96 -2.28 5.67
PA UD1 C . 29.74 -1.58 7.15
O1A UD1 C . 28.36 -0.98 7.25
O2A UD1 C . 29.92 -2.63 8.23
O3A UD1 C . 30.89 -0.39 7.31
PB UD1 C . 31.49 0.18 8.73
O1B UD1 C . 30.44 0.99 9.45
O2B UD1 C . 32.69 1.06 8.44
H1' UD1 C . 33.47 -1.54 8.55
H2' UD1 C . 34.13 -3.40 9.79
H3' UD1 C . 32.06 -2.82 11.58
H4' UD1 C . 34.78 -2.59 12.22
H5' UD1 C . 33.09 -0.35 11.89
H6'1 UD1 C . 35.88 -0.45 12.25
H6'2 UD1 C . 34.86 -0.09 13.40
H8'1 UD1 C . 30.52 -5.78 8.52
H8'2 UD1 C . 31.26 -5.51 7.15
H8'3 UD1 C . 31.60 -6.81 7.98
HN2' UD1 C . 31.44 -3.40 9.09
HO3' UD1 C . 33.30 -4.48 12.70
HO4' UD1 C . 32.65 -1.79 13.61
HO6' UD1 C . 35.54 1.38 11.35
HN3 UD1 C . 25.81 -3.74 0.40
H5 UD1 C . 25.80 -3.60 4.49
H6 UD1 C . 28.15 -3.14 4.47
H1B UD1 C . 30.22 -3.06 1.54
H2B UD1 C . 29.54 -1.10 3.57
HO2' UD1 C . 30.63 -0.83 1.13
H3B UD1 C . 31.47 -0.80 4.14
H4B UD1 C . 32.34 -3.26 3.85
HO3A UD1 C . 32.50 -0.49 2.19
H5'1 UD1 C . 31.91 -2.34 5.85
H5'2 UD1 C . 31.23 -3.77 5.75
MG MG D . 29.33 -5.05 -1.36
C1 G6Q E . 7.50 -9.56 8.70
C2 G6Q E . 8.90 -9.90 8.20
C3 G6Q E . 8.93 -9.76 6.66
C4 G6Q E . 10.34 -9.52 6.12
C5 G6Q E . 10.49 -9.90 4.64
C6 G6Q E . 11.92 -10.10 4.21
O1 G6Q E . 7.32 -9.47 9.88
O2 G6Q E . 9.86 -9.10 8.89
O3 G6Q E . 8.09 -8.71 6.21
O4 G6Q E . 10.64 -8.13 6.28
O5 G6Q E . 9.77 -11.11 4.40
O6 G6Q E . 12.77 -9.18 4.94
P G6Q E . 14.34 -9.25 4.68
O1P G6Q E . 14.93 -10.51 5.19
O2P G6Q E . 14.86 -8.03 5.42
O3P G6Q E . 14.53 -9.05 3.19
H1 G6Q E . 6.71 -9.41 7.97
H2 G6Q E . 9.18 -10.90 8.50
H3 G6Q E . 8.49 -10.65 6.21
H4 G6Q E . 11.08 -10.01 6.75
H5 G6Q E . 9.97 -9.20 3.99
H61 G6Q E . 12.08 -9.88 3.16
H62 G6Q E . 12.27 -11.11 4.38
HO2 G6Q E . 9.92 -8.22 8.42
HO3 G6Q E . 8.01 -8.03 6.94
HO4 G6Q E . 11.10 -7.82 5.45
HO5 G6Q E . 8.80 -10.89 4.38
HOP2 G6Q E . 14.26 -7.37 5.85
HOP3 G6Q E . 14.00 -8.45 2.61
N GLU F . 16.08 -30.55 0.01
CA GLU F . 16.66 -31.27 1.14
C GLU F . 15.64 -32.21 1.79
O GLU F . 16.01 -33.19 2.44
CB GLU F . 17.20 -30.29 2.19
CG GLU F . 16.20 -29.21 2.59
CD GLU F . 16.75 -28.28 3.67
OE1 GLU F . 17.02 -28.76 4.79
OE2 GLU F . 16.93 -27.08 3.38
OXT GLU F . 14.44 -32.02 1.66
HA GLU F . 17.40 -31.81 0.83
HB2 GLU F . 17.44 -30.78 2.99
HB3 GLU F . 17.98 -29.85 1.83
HG2 GLU F . 15.98 -28.68 1.82
HG3 GLU F . 15.40 -29.63 2.95
C1' UD1 G . -13.46 17.45 -29.39
C2' UD1 G . -14.52 18.42 -28.88
C3' UD1 G . -15.84 18.19 -29.52
C4' UD1 G . -16.11 16.76 -29.80
C5' UD1 G . -15.06 16.15 -30.75
C6' UD1 G . -15.61 16.15 -32.14
C7' UD1 G . -15.23 19.29 -26.58
C8' UD1 G . -15.71 20.60 -27.21
N2' UD1 G . -14.65 18.25 -27.40
O1' UD1 G . -13.33 16.42 -28.52
O3' UD1 G . -15.88 18.93 -30.77
O4' UD1 G . -16.10 16.03 -28.57
O5' UD1 G . -13.80 16.91 -30.75
O6' UD1 G . -16.76 15.35 -32.21
O7' UD1 G . -15.33 19.15 -25.41
N1 UD1 G . -9.03 19.36 -21.46
C2 UD1 G . -8.11 19.72 -20.34
N3 UD1 G . -8.09 18.89 -19.10
C4 UD1 G . -8.97 17.74 -18.99
C5 UD1 G . -9.88 17.39 -20.11
C6 UD1 G . -9.90 18.21 -21.33
O2 UD1 G . -7.39 20.66 -20.45
O4 UD1 G . -8.96 17.07 -18.00
C1B UD1 G . -9.06 20.16 -22.66
C2B UD1 G . -8.40 19.36 -23.90
O2' UD1 G . -6.97 19.59 -23.92
C3B UD1 G . -8.97 19.84 -24.97
C4B UD1 G . -10.37 20.29 -24.51
O4B UD1 G . -10.31 20.38 -22.98
O3B UD1 G . -8.20 21.01 -25.49
C5B UD1 G . -11.34 19.36 -24.90
O5B UD1 G . -11.00 18.09 -24.39
PA UD1 G . -11.58 16.77 -25.20
O1A UD1 G . -13.06 16.60 -24.92
O2A UD1 G . -10.84 15.52 -24.78
O3A UD1 G . -11.34 17.05 -26.81
PB UD1 G . -11.81 16.02 -28.02
O1B UD1 G . -10.84 16.17 -29.17
O2B UD1 G . -11.78 14.59 -27.52
H1' UD1 G . -12.61 17.92 -29.45
H2' UD1 G . -14.23 19.33 -29.07
H3' UD1 G . -16.54 18.53 -28.93
H4' UD1 G . -16.98 16.68 -30.22
H5' UD1 G . -14.88 15.25 -30.47
H6'1 UD1 G . -14.94 15.79 -32.75
H6'2 UD1 G . -15.82 17.05 -32.41
H8'1 UD1 G . -15.04 20.94 -27.82
H8'2 UD1 G . -16.53 20.44 -27.69
H8'3 UD1 G . -15.88 21.25 -26.51
HN2' UD1 G . -14.38 17.52 -27.03
HO3' UD1 G . -16.65 18.86 -31.13
HO4' UD1 G . -16.37 15.24 -28.70
HO6' UD1 G . -17.43 15.83 -32.41
HN3 UD1 G . -7.56 19.09 -18.46
H5 UD1 G . -10.45 16.65 -20.04
H6 UD1 G . -10.48 17.99 -22.03
H1B UD1 G . -8.60 21.00 -22.52
H2B UD1 G . -8.59 18.41 -23.83
HO2' UD1 G . -6.76 20.05 -24.61
H3B UD1 G . -9.04 19.16 -25.65
H4B UD1 G . -10.58 21.17 -24.89
HO3A UD1 G . -8.66 21.42 -26.08
H5'1 UD1 G . -11.36 19.31 -25.87
H5'2 UD1 G . -12.20 19.62 -24.57
MG MG H . -7.61 23.05 -19.51
C1 G6Q I . -15.00 4.59 -5.02
C2 G6Q I . -15.12 6.03 -5.53
C3 G6Q I . -13.94 6.88 -5.00
C4 G6Q I . -13.63 8.08 -5.90
C5 G6Q I . -12.81 9.16 -5.19
C6 G6Q I . -12.69 10.45 -5.99
O1 G6Q I . -15.69 3.75 -5.51
O2 G6Q I . -15.23 6.01 -6.95
O3 G6Q I . -12.76 6.10 -4.85
O4 G6Q I . -12.92 7.63 -7.04
O5 G6Q I . -13.38 9.45 -3.92
O6 G6Q I . -12.69 10.15 -7.40
P G6Q I . -12.71 11.33 -8.51
O1P G6Q I . -13.96 12.15 -8.42
O2P G6Q I . -11.43 12.16 -8.32
O3P G6Q I . -12.59 10.57 -9.85
H1 G6Q I . -14.28 4.40 -4.22
H2 G6Q I . -16.08 6.47 -5.23
H3 G6Q I . -14.15 7.21 -3.98
H4 G6Q I . -14.55 8.48 -6.32
H5 G6Q I . -11.83 8.78 -4.91
H61 G6Q I . -13.54 11.12 -5.81
H62 G6Q I . -11.79 11.01 -5.72
HO2 G6Q I . -14.31 5.91 -7.33
HO3 G6Q I . -12.56 6.02 -3.88
HO4 G6Q I . -12.02 7.31 -6.74
HO5 G6Q I . -14.28 9.87 -4.07
HOP2 G6Q I . -10.69 11.84 -7.76
HOP3 G6Q I . -12.81 9.61 -9.98
#